data_4FPA
#
_entry.id   4FPA
#
_cell.length_a   82.607
_cell.length_b   121.140
_cell.length_c   119.888
_cell.angle_alpha   90.000
_cell.angle_beta   92.690
_cell.angle_gamma   90.000
#
_symmetry.space_group_name_H-M   'P 1 21 1'
#
loop_
_entity.id
_entity.type
_entity.pdbx_description
1 polymer Hexokinase-1
2 non-polymer beta-D-glucopyranose
3 non-polymer 6-O-phosphono-beta-D-glucopyranose
4 non-polymer 'SODIUM ION'
5 non-polymer 'CITRIC ACID'
6 water water
#
_entity_poly.entity_id   1
_entity_poly.type   'polypeptide(L)'
_entity_poly.pdbx_seq_one_letter_code
;MIAAQLLAYYFTELKDDQVKKIDKYLYAMRLSDETLIDIMTRFRKEMKNGLSRDFNPTATVKMLPTFVRSIPDGSEKGDF
IALDLGGSSFRILRVQVNHEKNQNVHMESEVYDTPENIVHGSGSQLFDHVAECLGDFMEKRKIKDKKLPVGFTFSFPCQQ
SKIDEAILITWTKRFKASGVEGADVVKLLNKAIKKRGDYDANIVAVVNDTVGTMMTCGYDDQHCEVGLIIGTGTNACYME
ELRHIDLVEGDEGRMCINTEWGAFGDDGSLEDIRTEFDREIDRGSLNPGKQLFEKMVSGMYLGELVRLILVKMAKEGLLF
EGRITPELLTRGKFNTSDVSAIEKNKEGLHNAKEILTRLGVEPSDDDCVSVQHVCTIVSFRSANLVAATLGAILNRLRDN
KGTPRLRTTVGVNGSLYKTHPQYSRRFHKTLRRLVPDSDVRFLLSESGSGKGAAMVTAVAYRLAEQHRQIEETLAHFHLT
KDMLLEVKKRMRAEMELGLRKQTHNNAVVKMLPSFVRRTPDGTENGDFLALDLGGTNFRVLLVKIRSGKKRTVEMHNKIY
AIPIEIMQGTGEELFDHIVSCISDFLDYMGIKGPRMPLGFTFSFPCQQTSLDAGILITWTKGFKATDCVGHDVVTLLRDA
IKRREEFDLDVVAVVNDTVGTMMTCAYEEPTCEVGLIVGTGSNACYMEEMKNVEMVEGDQGQMCINMEWGAFGDNGCLDD
IRTHYDRLVDEYSLNAGKQRYEKMISGMYLGEIVRNILIDFTKKGFLFRGQISETLKTRGIFETKFLSQIESDRLALLQV
RAILQQLGLNSTCDDSILVKTVCGVVSRRAAQLCGAGMAAVVDKIRENRGLDRLNVTVGVDGTLYKLHPHFSRIMHQTVK
ELSPKCNVSFLLSEDGSGKGAALITAVGVRLRTEASS
;
_entity_poly.pdbx_strand_id   A,B
#
# COMPACT_ATOMS: atom_id res chain seq x y z
N ASP A 16 -0.44 67.39 3.04
CA ASP A 16 -0.75 66.02 3.52
C ASP A 16 -1.36 65.17 2.41
N ASP A 17 -1.64 65.80 1.27
CA ASP A 17 -2.14 65.08 0.10
C ASP A 17 -1.08 64.10 -0.39
N GLN A 18 0.17 64.44 -0.07
CA GLN A 18 1.31 63.62 -0.45
C GLN A 18 1.16 62.20 0.09
N VAL A 19 0.41 62.07 1.19
CA VAL A 19 0.24 60.77 1.85
C VAL A 19 -1.15 60.18 1.70
N LYS A 20 -2.18 61.00 1.97
CA LYS A 20 -3.56 60.54 1.83
C LYS A 20 -3.81 60.04 0.42
N LYS A 21 -3.04 60.56 -0.53
CA LYS A 21 -3.17 60.18 -1.94
C LYS A 21 -2.57 58.80 -2.19
N ILE A 22 -1.32 58.61 -1.75
CA ILE A 22 -0.70 57.29 -1.85
C ILE A 22 -1.61 56.26 -1.18
N ASP A 23 -1.99 56.53 0.06
CA ASP A 23 -2.89 55.66 0.80
C ASP A 23 -4.02 55.13 -0.08
N LYS A 24 -4.67 56.03 -0.82
CA LYS A 24 -5.80 55.63 -1.67
C LYS A 24 -5.35 54.78 -2.84
N TYR A 25 -4.27 55.20 -3.49
CA TYR A 25 -3.70 54.46 -4.62
C TYR A 25 -3.37 53.03 -4.22
N LEU A 26 -2.38 52.87 -3.34
CA LEU A 26 -1.99 51.55 -2.84
C LEU A 26 -2.98 51.10 -1.78
N TYR A 27 -4.25 51.44 -2.00
CA TYR A 27 -5.35 51.10 -1.11
C TYR A 27 -5.46 49.60 -0.86
N ALA A 28 -5.26 48.81 -1.91
CA ALA A 28 -5.37 47.36 -1.83
C ALA A 28 -4.27 46.72 -0.97
N MET A 29 -3.19 47.44 -0.75
CA MET A 29 -2.07 46.90 0.01
C MET A 29 -2.08 47.33 1.47
N ARG A 30 -3.19 47.91 1.89
CA ARG A 30 -3.38 48.28 3.29
C ARG A 30 -4.51 47.44 3.87
N LEU A 31 -4.14 46.37 4.55
CA LEU A 31 -5.11 45.39 5.05
C LEU A 31 -5.64 45.75 6.43
N SER A 32 -6.96 45.64 6.59
CA SER A 32 -7.61 45.98 7.85
C SER A 32 -7.59 44.80 8.81
N ASP A 33 -7.61 45.07 10.10
CA ASP A 33 -7.71 44.01 11.11
C ASP A 33 -8.81 43.04 10.70
N GLU A 34 -9.87 43.59 10.12
CA GLU A 34 -10.98 42.79 9.61
C GLU A 34 -10.46 41.73 8.64
N THR A 35 -9.66 42.18 7.68
CA THR A 35 -9.10 41.31 6.64
C THR A 35 -8.10 40.30 7.21
N LEU A 36 -7.15 40.80 7.99
CA LEU A 36 -6.15 39.93 8.62
C LEU A 36 -6.81 38.76 9.36
N ILE A 37 -7.91 39.05 10.05
CA ILE A 37 -8.65 38.03 10.78
C ILE A 37 -9.05 36.89 9.84
N ASP A 38 -9.50 37.24 8.64
CA ASP A 38 -9.91 36.25 7.67
C ASP A 38 -8.72 35.45 7.14
N ILE A 39 -7.65 36.16 6.80
CA ILE A 39 -6.43 35.50 6.39
C ILE A 39 -6.11 34.42 7.40
N MET A 40 -6.00 34.82 8.65
CA MET A 40 -5.66 33.94 9.76
C MET A 40 -6.59 32.73 9.83
N THR A 41 -7.89 33.00 9.84
CA THR A 41 -8.88 31.93 9.87
C THR A 41 -8.61 30.94 8.75
N ARG A 42 -8.26 31.47 7.58
CA ARG A 42 -8.00 30.63 6.41
C ARG A 42 -6.71 29.81 6.54
N PHE A 43 -5.74 30.33 7.29
CA PHE A 43 -4.52 29.57 7.52
C PHE A 43 -4.76 28.47 8.54
N ARG A 44 -5.66 28.71 9.49
CA ARG A 44 -6.01 27.70 10.46
C ARG A 44 -6.63 26.50 9.77
N LYS A 45 -7.36 26.76 8.69
CA LYS A 45 -7.94 25.70 7.89
C LYS A 45 -6.86 24.98 7.09
N GLU A 46 -6.03 25.76 6.39
CA GLU A 46 -4.95 25.20 5.58
C GLU A 46 -4.02 24.31 6.39
N MET A 47 -3.95 24.56 7.70
CA MET A 47 -3.11 23.74 8.57
C MET A 47 -3.74 22.38 8.80
N LYS A 48 -5.02 22.37 9.15
CA LYS A 48 -5.75 21.12 9.35
C LYS A 48 -5.73 20.28 8.07
N ASN A 49 -5.97 20.93 6.94
CA ASN A 49 -5.91 20.24 5.65
C ASN A 49 -4.54 19.66 5.37
N GLY A 50 -3.50 20.38 5.77
CA GLY A 50 -2.13 19.93 5.56
C GLY A 50 -1.72 18.80 6.49
N LEU A 51 -2.46 18.63 7.58
CA LEU A 51 -2.16 17.59 8.55
C LEU A 51 -2.95 16.32 8.27
N SER A 52 -4.12 16.47 7.67
CA SER A 52 -4.99 15.33 7.36
C SER A 52 -4.39 14.42 6.31
N ARG A 53 -4.41 13.12 6.57
CA ARG A 53 -3.89 12.12 5.64
C ARG A 53 -4.64 12.17 4.32
N ASP A 54 -5.90 12.58 4.39
CA ASP A 54 -6.76 12.63 3.22
C ASP A 54 -6.55 13.93 2.43
N PHE A 55 -6.45 15.04 3.15
CA PHE A 55 -6.33 16.35 2.51
C PHE A 55 -4.89 16.75 2.18
N ASN A 56 -3.91 16.15 2.86
CA ASN A 56 -2.53 16.53 2.67
C ASN A 56 -2.09 16.57 1.20
N PRO A 57 -2.41 15.50 0.45
CA PRO A 57 -1.95 15.40 -0.93
C PRO A 57 -2.36 16.61 -1.76
N THR A 58 -3.43 17.29 -1.34
CA THR A 58 -3.96 18.44 -2.08
C THR A 58 -3.55 19.79 -1.48
N ALA A 59 -3.20 19.79 -0.20
CA ALA A 59 -2.90 21.03 0.52
C ALA A 59 -1.68 21.75 -0.03
N THR A 60 -1.72 23.07 0.00
CA THR A 60 -0.60 23.91 -0.44
C THR A 60 0.35 24.17 0.72
N VAL A 61 -0.19 24.12 1.94
CA VAL A 61 0.63 24.25 3.14
C VAL A 61 0.96 22.85 3.64
N LYS A 62 2.16 22.38 3.32
CA LYS A 62 2.55 20.99 3.50
C LYS A 62 2.59 20.46 4.94
N MET A 63 2.73 21.35 5.92
CA MET A 63 2.80 20.93 7.31
C MET A 63 3.74 19.74 7.47
N LEU A 64 4.88 19.80 6.80
CA LEU A 64 5.86 18.71 6.81
C LEU A 64 6.32 18.32 8.22
N PRO A 65 6.41 17.00 8.49
CA PRO A 65 6.93 16.50 9.75
C PRO A 65 8.46 16.57 9.73
N THR A 66 9.05 17.03 10.83
CA THR A 66 10.48 17.30 10.85
C THR A 66 11.26 16.29 11.70
N PHE A 67 10.52 15.51 12.50
CA PHE A 67 11.12 14.45 13.31
C PHE A 67 11.93 14.95 14.50
N VAL A 68 11.71 16.20 14.89
CA VAL A 68 12.29 16.74 16.11
C VAL A 68 11.21 16.66 17.19
N ARG A 69 11.49 15.93 18.26
CA ARG A 69 10.47 15.59 19.25
C ARG A 69 10.31 16.63 20.37
N SER A 70 11.27 17.54 20.49
CA SER A 70 11.18 18.58 21.52
C SER A 70 12.45 19.45 21.56
N ILE A 71 12.35 20.61 22.19
CA ILE A 71 13.47 21.53 22.30
C ILE A 71 14.56 20.94 23.21
N PRO A 72 15.80 21.44 23.08
CA PRO A 72 16.90 20.92 23.88
C PRO A 72 16.61 20.99 25.37
N ASP A 73 16.93 19.93 26.09
CA ASP A 73 16.68 19.86 27.54
C ASP A 73 17.94 20.26 28.31
N GLY A 74 19.09 20.08 27.68
CA GLY A 74 20.38 20.41 28.31
C GLY A 74 21.29 19.21 28.40
N SER A 75 20.73 18.03 28.17
CA SER A 75 21.51 16.79 28.22
C SER A 75 22.40 16.65 27.00
N GLU A 76 22.22 17.54 26.03
CA GLU A 76 22.99 17.49 24.80
C GLU A 76 24.47 17.68 25.09
N LYS A 77 25.31 16.94 24.39
CA LYS A 77 26.76 17.05 24.58
C LYS A 77 27.53 16.37 23.46
N GLY A 78 28.73 16.88 23.20
CA GLY A 78 29.58 16.36 22.13
C GLY A 78 30.14 17.47 21.27
N ASP A 79 30.67 17.10 20.12
CA ASP A 79 31.24 18.05 19.16
C ASP A 79 30.61 17.82 17.79
N PHE A 80 30.04 18.86 17.19
CA PHE A 80 29.35 18.72 15.91
C PHE A 80 29.66 19.82 14.90
N ILE A 81 29.55 19.47 13.62
CA ILE A 81 29.66 20.45 12.55
C ILE A 81 28.29 20.70 11.94
N ALA A 82 27.95 21.97 11.73
CA ALA A 82 26.66 22.34 11.16
C ALA A 82 26.82 23.09 9.85
N LEU A 83 25.95 22.76 8.89
CA LEU A 83 25.91 23.44 7.61
C LEU A 83 24.64 24.28 7.55
N ASP A 84 24.69 25.38 6.80
CA ASP A 84 23.54 26.26 6.68
C ASP A 84 23.46 26.82 5.27
N LEU A 85 22.68 26.16 4.42
CA LEU A 85 22.54 26.57 3.03
C LEU A 85 21.12 27.00 2.74
N GLY A 86 20.97 27.93 1.80
CA GLY A 86 19.65 28.40 1.39
C GLY A 86 19.30 29.76 1.92
N GLY A 87 20.11 30.27 2.84
CA GLY A 87 19.89 31.60 3.39
C GLY A 87 20.74 32.65 2.71
N SER A 88 20.79 33.85 3.28
CA SER A 88 21.61 34.92 2.73
C SER A 88 22.98 34.41 2.32
N SER A 89 23.56 33.55 3.15
CA SER A 89 24.91 33.06 2.90
C SER A 89 25.16 31.62 3.38
N PHE A 90 26.04 30.92 2.66
CA PHE A 90 26.38 29.52 2.97
C PHE A 90 27.34 29.44 4.16
N ARG A 91 26.79 29.11 5.33
CA ARG A 91 27.53 29.17 6.58
C ARG A 91 27.86 27.78 7.14
N ILE A 92 29.10 27.61 7.58
CA ILE A 92 29.53 26.36 8.21
C ILE A 92 30.04 26.63 9.62
N LEU A 93 29.41 26.02 10.62
CA LEU A 93 29.79 26.26 12.01
C LEU A 93 30.47 25.07 12.67
N ARG A 94 30.62 25.16 13.99
CA ARG A 94 31.12 24.08 14.81
C ARG A 94 30.67 24.31 16.24
N VAL A 95 29.83 23.43 16.76
CA VAL A 95 29.31 23.58 18.10
C VAL A 95 29.81 22.49 19.04
N GLN A 96 30.16 22.89 20.26
CA GLN A 96 30.65 21.96 21.27
C GLN A 96 29.97 22.21 22.60
N VAL A 97 29.64 21.13 23.30
CA VAL A 97 28.97 21.23 24.60
C VAL A 97 29.20 19.98 25.42
N ASN A 98 29.41 20.17 26.73
CA ASN A 98 29.58 19.07 27.65
C ASN A 98 29.40 19.56 29.07
N HIS A 99 28.16 19.54 29.56
CA HIS A 99 27.85 20.05 30.88
C HIS A 99 28.43 19.17 31.98
N GLU A 100 28.63 17.89 31.70
CA GLU A 100 29.29 17.00 32.64
C GLU A 100 30.67 17.57 32.98
N LYS A 101 31.46 17.81 31.94
CA LYS A 101 32.77 18.44 32.11
C LYS A 101 32.60 19.94 32.26
N ASN A 102 31.38 20.36 32.58
CA ASN A 102 31.07 21.77 32.78
C ASN A 102 31.60 22.65 31.66
N GLN A 103 31.31 22.25 30.42
CA GLN A 103 31.72 23.02 29.24
C GLN A 103 30.51 23.68 28.59
N ASN A 104 30.31 24.95 28.89
CA ASN A 104 29.19 25.70 28.30
C ASN A 104 29.26 25.70 26.78
N VAL A 105 28.10 25.91 26.15
CA VAL A 105 28.02 25.91 24.69
C VAL A 105 29.05 26.85 24.06
N HIS A 106 29.88 26.30 23.19
CA HIS A 106 30.90 27.08 22.49
C HIS A 106 30.78 26.83 20.99
N MET A 107 31.10 27.83 20.17
CA MET A 107 30.94 27.68 18.72
C MET A 107 31.74 28.69 17.89
N GLU A 108 32.34 28.19 16.81
CA GLU A 108 33.04 29.03 15.84
C GLU A 108 32.31 28.88 14.51
N SER A 109 32.37 29.90 13.66
CA SER A 109 31.68 29.84 12.37
C SER A 109 32.38 30.61 11.26
N GLU A 110 32.19 30.16 10.02
CA GLU A 110 32.76 30.81 8.86
C GLU A 110 31.73 30.90 7.73
N VAL A 111 32.00 31.79 6.77
CA VAL A 111 31.10 31.98 5.63
C VAL A 111 31.81 31.76 4.30
N TYR A 112 31.17 31.01 3.41
CA TYR A 112 31.76 30.71 2.11
C TYR A 112 31.03 31.44 0.99
N ASP A 113 31.80 31.87 -0.01
CA ASP A 113 31.24 32.56 -1.15
C ASP A 113 30.45 31.59 -2.02
N THR A 114 29.32 32.04 -2.54
CA THR A 114 28.49 31.19 -3.38
C THR A 114 27.91 32.00 -4.54
N PRO A 115 28.65 32.05 -5.66
CA PRO A 115 28.27 32.79 -6.87
C PRO A 115 26.97 32.30 -7.50
N GLU A 116 26.25 33.23 -8.12
CA GLU A 116 24.98 32.93 -8.76
C GLU A 116 25.06 31.71 -9.65
N ASN A 117 26.15 31.58 -10.40
CA ASN A 117 26.30 30.48 -11.37
C ASN A 117 26.13 29.10 -10.74
N ILE A 118 26.56 28.94 -9.50
CA ILE A 118 26.44 27.65 -8.80
C ILE A 118 25.03 27.45 -8.28
N VAL A 119 24.43 28.52 -7.77
CA VAL A 119 23.07 28.47 -7.24
C VAL A 119 22.06 28.18 -8.35
N HIS A 120 22.51 28.33 -9.60
CA HIS A 120 21.63 28.14 -10.74
C HIS A 120 22.09 27.04 -11.68
N GLY A 121 23.26 26.48 -11.43
CA GLY A 121 23.79 25.41 -12.27
C GLY A 121 23.23 24.05 -11.90
N SER A 122 23.98 23.00 -12.21
CA SER A 122 23.54 21.66 -11.86
C SER A 122 23.85 21.34 -10.40
N GLY A 123 23.08 20.42 -9.82
CA GLY A 123 23.27 20.01 -8.44
C GLY A 123 24.70 19.56 -8.22
N SER A 124 25.30 19.00 -9.27
CA SER A 124 26.67 18.54 -9.21
C SER A 124 27.62 19.68 -8.86
N GLN A 125 27.72 20.66 -9.76
CA GLN A 125 28.53 21.83 -9.50
C GLN A 125 28.29 22.28 -8.06
N LEU A 126 27.02 22.37 -7.68
CA LEU A 126 26.64 22.86 -6.36
C LEU A 126 27.14 21.99 -5.21
N PHE A 127 26.65 20.76 -5.14
CA PHE A 127 27.00 19.87 -4.04
C PHE A 127 28.48 19.48 -4.03
N ASP A 128 29.16 19.68 -5.16
CA ASP A 128 30.60 19.56 -5.20
C ASP A 128 31.19 20.74 -4.45
N HIS A 129 30.55 21.88 -4.62
CA HIS A 129 30.96 23.13 -4.00
C HIS A 129 30.82 23.07 -2.48
N VAL A 130 29.69 22.56 -2.01
CA VAL A 130 29.46 22.42 -0.58
C VAL A 130 30.44 21.43 0.04
N ALA A 131 30.62 20.29 -0.63
CA ALA A 131 31.56 19.28 -0.17
C ALA A 131 32.96 19.87 -0.12
N GLU A 132 33.32 20.71 -1.10
CA GLU A 132 34.63 21.33 -1.10
C GLU A 132 34.82 22.33 0.06
N CYS A 133 33.80 23.10 0.36
CA CYS A 133 33.86 24.08 1.45
C CYS A 133 33.87 23.40 2.81
N LEU A 134 33.36 22.17 2.85
CA LEU A 134 33.40 21.37 4.07
C LEU A 134 34.79 20.77 4.19
N GLY A 135 35.33 20.33 3.05
CA GLY A 135 36.68 19.80 3.03
C GLY A 135 37.67 20.83 3.50
N ASP A 136 37.42 22.08 3.12
CA ASP A 136 38.28 23.19 3.53
C ASP A 136 38.09 23.51 5.01
N PHE A 137 36.84 23.67 5.42
CA PHE A 137 36.51 24.01 6.81
C PHE A 137 37.16 23.06 7.80
N MET A 138 37.30 21.80 7.42
CA MET A 138 37.90 20.80 8.31
C MET A 138 39.41 20.74 8.14
N GLU A 139 39.89 21.08 6.94
CA GLU A 139 41.31 21.12 6.66
C GLU A 139 42.00 22.19 7.51
N LYS A 140 41.29 23.28 7.77
CA LYS A 140 41.86 24.40 8.51
C LYS A 140 41.95 24.11 10.00
N ARG A 141 40.83 23.70 10.61
CA ARG A 141 40.84 23.34 12.03
C ARG A 141 41.52 21.99 12.24
N LYS A 142 41.87 21.32 11.15
CA LYS A 142 42.53 20.01 11.23
C LYS A 142 41.67 19.02 12.01
N ILE A 143 40.47 18.76 11.51
CA ILE A 143 39.54 17.86 12.20
C ILE A 143 39.00 16.78 11.27
N LYS A 144 39.64 16.61 10.12
CA LYS A 144 39.23 15.59 9.15
C LYS A 144 39.31 14.21 9.77
N ASP A 145 40.31 14.02 10.62
CA ASP A 145 40.55 12.72 11.24
C ASP A 145 39.54 12.41 12.33
N LYS A 146 38.93 13.46 12.89
CA LYS A 146 37.94 13.28 13.94
C LYS A 146 36.57 12.93 13.37
N LYS A 147 35.88 11.99 14.01
CA LYS A 147 34.61 11.49 13.52
C LYS A 147 33.46 12.44 13.86
N LEU A 148 33.60 13.69 13.44
CA LEU A 148 32.58 14.70 13.74
C LEU A 148 31.28 14.43 13.00
N PRO A 149 30.16 14.42 13.74
CA PRO A 149 28.82 14.28 13.19
C PRO A 149 28.33 15.58 12.54
N VAL A 150 27.90 15.49 11.29
CA VAL A 150 27.45 16.66 10.55
C VAL A 150 25.95 16.85 10.65
N GLY A 151 25.54 18.08 10.90
CA GLY A 151 24.13 18.47 10.88
C GLY A 151 23.91 19.39 9.70
N PHE A 152 22.77 19.28 9.04
CA PHE A 152 22.55 20.05 7.82
C PHE A 152 21.34 20.95 7.91
N THR A 153 21.57 22.26 7.86
CA THR A 153 20.48 23.20 7.78
C THR A 153 20.22 23.54 6.32
N PHE A 154 19.13 23.00 5.80
CA PHE A 154 18.75 23.14 4.41
C PHE A 154 17.34 23.70 4.46
N SER A 155 17.12 24.85 3.84
CA SER A 155 15.89 25.59 4.09
C SER A 155 14.96 25.67 2.90
N PHE A 156 14.53 24.50 2.44
CA PHE A 156 13.52 24.38 1.41
C PHE A 156 12.62 23.25 1.85
N PRO A 157 11.37 23.26 1.39
CA PRO A 157 10.49 22.16 1.77
C PRO A 157 11.12 20.82 1.42
N CYS A 158 11.01 19.86 2.32
CA CYS A 158 11.61 18.55 2.11
C CYS A 158 10.74 17.40 2.57
N GLN A 159 10.78 16.30 1.80
CA GLN A 159 10.08 15.08 2.15
C GLN A 159 10.97 14.27 3.10
N GLN A 160 10.44 13.99 4.30
CA GLN A 160 11.22 13.30 5.31
C GLN A 160 10.49 12.14 5.98
N SER A 161 11.12 10.96 5.97
CA SER A 161 10.61 9.81 6.69
C SER A 161 11.54 9.50 7.86
N LYS A 162 12.75 10.03 7.77
CA LYS A 162 13.73 9.97 8.85
C LYS A 162 14.61 11.21 8.86
N ILE A 163 15.06 11.60 10.05
CA ILE A 163 15.80 12.85 10.22
C ILE A 163 17.04 13.00 9.35
N ASP A 164 17.56 11.89 8.81
CA ASP A 164 18.77 11.97 7.98
C ASP A 164 18.45 11.76 6.51
N GLU A 165 17.22 12.11 6.14
CA GLU A 165 16.74 11.99 4.78
C GLU A 165 16.03 13.29 4.40
N ALA A 166 16.38 13.86 3.26
CA ALA A 166 15.77 15.10 2.82
C ALA A 166 15.55 15.13 1.31
N ILE A 167 14.35 14.76 0.88
CA ILE A 167 14.01 14.81 -0.53
C ILE A 167 13.47 16.18 -0.88
N LEU A 168 14.23 16.93 -1.67
CA LEU A 168 13.85 18.27 -2.07
C LEU A 168 12.54 18.25 -2.83
N ILE A 169 11.51 18.88 -2.26
CA ILE A 169 10.22 18.95 -2.90
C ILE A 169 10.20 20.00 -4.00
N THR A 170 10.82 21.15 -3.75
CA THR A 170 10.88 22.21 -4.75
C THR A 170 11.74 23.39 -4.31
N TRP A 171 12.62 23.85 -5.19
CA TRP A 171 13.45 25.02 -4.89
C TRP A 171 12.57 26.22 -4.56
N THR A 172 13.15 27.15 -3.82
CA THR A 172 12.47 28.40 -3.50
C THR A 172 13.52 29.50 -3.35
N LYS A 173 13.06 30.72 -3.12
CA LYS A 173 13.97 31.85 -2.96
C LYS A 173 14.84 32.02 -4.21
N ARG A 174 16.16 31.95 -4.05
CA ARG A 174 17.04 32.22 -5.19
C ARG A 174 17.68 30.98 -5.79
N PHE A 175 17.27 29.81 -5.32
CA PHE A 175 17.88 28.59 -5.81
C PHE A 175 17.04 27.95 -6.89
N LYS A 176 17.70 27.59 -7.99
CA LYS A 176 17.15 26.66 -8.96
C LYS A 176 18.33 25.86 -9.47
N ALA A 177 18.53 24.66 -8.94
CA ALA A 177 19.63 23.84 -9.42
C ALA A 177 19.13 22.55 -10.06
N SER A 178 19.64 22.27 -11.24
CA SER A 178 19.18 21.13 -12.02
C SER A 178 19.40 19.82 -11.28
N GLY A 179 18.45 18.89 -11.43
CA GLY A 179 18.58 17.54 -10.91
C GLY A 179 18.72 17.45 -9.41
N VAL A 180 17.92 18.25 -8.70
CA VAL A 180 17.92 18.19 -7.25
C VAL A 180 16.53 17.89 -6.73
N GLU A 181 15.54 18.62 -7.24
CA GLU A 181 14.15 18.40 -6.84
C GLU A 181 13.80 16.91 -6.99
N GLY A 182 13.24 16.34 -5.93
CA GLY A 182 12.85 14.93 -5.96
C GLY A 182 13.96 13.99 -5.57
N ALA A 183 15.19 14.50 -5.49
CA ALA A 183 16.32 13.71 -5.04
C ALA A 183 16.57 13.90 -3.54
N ASP A 184 17.43 13.07 -2.97
CA ASP A 184 17.80 13.18 -1.56
C ASP A 184 19.11 13.94 -1.43
N VAL A 185 19.04 15.18 -0.94
CA VAL A 185 20.22 16.03 -0.82
C VAL A 185 21.29 15.40 0.08
N VAL A 186 20.87 14.47 0.93
CA VAL A 186 21.81 13.76 1.78
C VAL A 186 22.70 12.86 0.94
N LYS A 187 22.08 12.03 0.11
CA LYS A 187 22.82 11.17 -0.80
C LYS A 187 23.60 12.01 -1.80
N LEU A 188 23.01 13.13 -2.22
CA LEU A 188 23.67 14.02 -3.17
C LEU A 188 24.93 14.62 -2.58
N LEU A 189 24.83 15.17 -1.37
CA LEU A 189 25.99 15.69 -0.68
C LEU A 189 27.00 14.58 -0.47
N ASN A 190 26.55 13.45 0.08
CA ASN A 190 27.41 12.29 0.26
C ASN A 190 28.24 12.00 -0.98
N LYS A 191 27.56 11.75 -2.09
CA LYS A 191 28.24 11.42 -3.33
C LYS A 191 29.26 12.50 -3.68
N ALA A 192 28.87 13.75 -3.51
CA ALA A 192 29.77 14.87 -3.79
C ALA A 192 31.09 14.69 -3.06
N ILE A 193 31.01 14.43 -1.76
CA ILE A 193 32.17 14.15 -0.93
C ILE A 193 32.97 12.98 -1.48
N LYS A 194 32.36 11.80 -1.46
CA LYS A 194 32.97 10.60 -1.99
C LYS A 194 33.91 10.91 -3.15
N LYS A 195 33.39 11.55 -4.18
CA LYS A 195 34.18 11.87 -5.38
C LYS A 195 35.53 12.47 -5.01
N ARG A 196 35.53 13.27 -3.95
CA ARG A 196 36.72 13.94 -3.47
C ARG A 196 37.67 12.94 -2.82
N GLY A 197 37.11 12.14 -1.91
CA GLY A 197 37.92 11.21 -1.11
C GLY A 197 38.77 11.98 -0.13
N ASP A 198 38.56 13.29 -0.09
CA ASP A 198 39.31 14.19 0.77
C ASP A 198 39.05 13.91 2.24
N TYR A 199 37.78 13.66 2.56
CA TYR A 199 37.38 13.37 3.93
C TYR A 199 36.26 12.35 3.99
N ASP A 200 35.98 11.89 5.21
CA ASP A 200 34.79 11.11 5.47
C ASP A 200 33.84 12.04 6.24
N ALA A 201 32.57 12.00 5.87
CA ALA A 201 31.58 12.84 6.54
C ALA A 201 30.31 12.07 6.87
N ASN A 202 29.90 12.14 8.12
CA ASN A 202 28.73 11.42 8.60
C ASN A 202 27.51 12.33 8.77
N ILE A 203 26.81 12.59 7.67
CA ILE A 203 25.61 13.42 7.71
C ILE A 203 24.52 12.75 8.52
N VAL A 204 24.23 13.27 9.70
CA VAL A 204 23.30 12.61 10.60
C VAL A 204 21.92 13.26 10.67
N ALA A 205 21.81 14.51 10.26
CA ALA A 205 20.54 15.22 10.36
C ALA A 205 20.38 16.33 9.32
N VAL A 206 19.13 16.66 9.03
CA VAL A 206 18.80 17.76 8.13
C VAL A 206 17.56 18.46 8.65
N VAL A 207 17.69 19.76 8.91
CA VAL A 207 16.57 20.51 9.45
C VAL A 207 16.32 21.78 8.65
N ASN A 208 15.09 22.27 8.74
CA ASN A 208 14.75 23.55 8.17
C ASN A 208 15.28 24.65 9.10
N ASP A 209 15.58 25.82 8.55
CA ASP A 209 16.07 26.91 9.38
C ASP A 209 15.02 27.32 10.41
N THR A 210 13.75 27.16 10.08
CA THR A 210 12.70 27.42 11.04
C THR A 210 12.90 26.51 12.24
N VAL A 211 13.08 25.22 11.97
CA VAL A 211 13.32 24.24 13.02
C VAL A 211 14.62 24.54 13.78
N GLY A 212 15.68 24.87 13.03
CA GLY A 212 16.96 25.19 13.65
C GLY A 212 16.85 26.39 14.58
N THR A 213 16.01 27.34 14.16
CA THR A 213 15.78 28.57 14.91
C THR A 213 14.97 28.33 16.17
N MET A 214 13.96 27.46 16.08
CA MET A 214 13.17 27.11 17.25
C MET A 214 14.04 26.39 18.26
N MET A 215 14.96 25.58 17.77
CA MET A 215 15.84 24.83 18.65
C MET A 215 16.82 25.74 19.36
N THR A 216 17.35 26.73 18.63
CA THR A 216 18.31 27.66 19.20
C THR A 216 17.72 28.44 20.36
N CYS A 217 16.51 28.95 20.18
CA CYS A 217 15.86 29.73 21.21
C CYS A 217 15.31 28.84 22.32
N GLY A 218 14.77 27.68 21.94
CA GLY A 218 14.28 26.72 22.93
C GLY A 218 15.38 26.38 23.91
N TYR A 219 16.62 26.39 23.45
CA TYR A 219 17.76 26.06 24.30
C TYR A 219 17.86 27.00 25.50
N ASP A 220 17.50 28.27 25.29
CA ASP A 220 17.58 29.26 26.35
C ASP A 220 16.21 29.52 26.99
N ASP A 221 15.15 29.22 26.26
CA ASP A 221 13.79 29.47 26.75
C ASP A 221 12.91 28.23 26.63
N GLN A 222 12.70 27.57 27.77
CA GLN A 222 11.95 26.32 27.81
C GLN A 222 10.48 26.48 27.43
N HIS A 223 10.09 27.68 27.01
CA HIS A 223 8.70 27.93 26.64
C HIS A 223 8.54 28.05 25.12
N CYS A 224 9.68 28.13 24.42
CA CYS A 224 9.68 28.30 22.97
C CYS A 224 9.05 27.13 22.23
N GLU A 225 7.90 27.37 21.60
CA GLU A 225 7.19 26.32 20.88
C GLU A 225 7.06 26.63 19.39
N VAL A 226 7.69 27.72 18.95
CA VAL A 226 7.56 28.16 17.57
C VAL A 226 8.87 28.66 16.95
N GLY A 227 9.03 28.39 15.67
CA GLY A 227 10.22 28.83 14.94
C GLY A 227 9.80 29.69 13.77
N LEU A 228 10.19 30.95 13.79
CA LEU A 228 9.79 31.89 12.75
C LEU A 228 10.97 32.45 11.98
N ILE A 229 10.82 32.55 10.66
CA ILE A 229 11.86 33.16 9.83
C ILE A 229 11.29 34.18 8.85
N ILE A 230 11.84 35.38 8.89
CA ILE A 230 11.47 36.43 7.97
C ILE A 230 12.74 37.08 7.42
N GLY A 231 13.33 36.44 6.42
CA GLY A 231 14.52 36.96 5.76
C GLY A 231 14.35 36.87 4.24
N THR A 232 15.36 36.36 3.57
CA THR A 232 15.24 36.11 2.14
C THR A 232 13.84 35.53 1.86
N GLY A 233 13.49 34.48 2.60
CA GLY A 233 12.17 33.89 2.49
C GLY A 233 11.44 33.95 3.82
N THR A 234 10.22 33.44 3.85
CA THR A 234 9.45 33.38 5.09
C THR A 234 8.84 32.00 5.31
N ASN A 235 8.77 31.60 6.57
CA ASN A 235 8.26 30.29 6.93
C ASN A 235 8.32 30.10 8.43
N ALA A 236 7.40 29.32 8.97
CA ALA A 236 7.35 29.08 10.40
C ALA A 236 7.15 27.58 10.71
N CYS A 237 7.71 27.15 11.84
CA CYS A 237 7.52 25.79 12.33
C CYS A 237 7.00 25.87 13.76
N TYR A 238 6.36 24.80 14.22
CA TYR A 238 5.81 24.80 15.58
C TYR A 238 5.63 23.39 16.13
N MET A 239 5.42 23.29 17.44
CA MET A 239 5.27 21.99 18.10
C MET A 239 3.83 21.50 18.07
N GLU A 240 3.59 20.46 17.28
CA GLU A 240 2.26 19.88 17.14
C GLU A 240 2.17 18.53 17.83
N GLU A 241 0.95 18.15 18.22
CA GLU A 241 0.70 16.86 18.86
C GLU A 241 0.73 15.74 17.83
N LEU A 242 1.43 14.65 18.15
CA LEU A 242 1.47 13.51 17.24
C LEU A 242 0.07 13.00 16.89
N ARG A 243 -0.85 13.09 17.85
CA ARG A 243 -2.23 12.65 17.63
C ARG A 243 -2.95 13.57 16.64
N HIS A 244 -2.17 14.33 15.87
CA HIS A 244 -2.74 15.23 14.87
C HIS A 244 -1.98 15.11 13.56
N ILE A 245 -0.74 14.62 13.65
CA ILE A 245 0.05 14.35 12.46
C ILE A 245 -0.32 12.99 11.87
N ASP A 246 -1.48 12.94 11.22
CA ASP A 246 -1.97 11.71 10.62
C ASP A 246 -0.88 11.01 9.80
N LEU A 247 0.06 11.77 9.28
CA LEU A 247 1.08 11.21 8.39
C LEU A 247 2.27 10.59 9.12
N VAL A 248 2.14 10.43 10.43
CA VAL A 248 3.20 9.77 11.20
C VAL A 248 2.62 8.82 12.23
N GLU A 249 2.91 7.53 12.08
CA GLU A 249 2.40 6.53 13.01
C GLU A 249 2.84 6.85 14.43
N GLY A 250 1.86 7.21 15.27
CA GLY A 250 2.14 7.55 16.65
C GLY A 250 1.15 8.53 17.24
N ASP A 251 1.08 8.52 18.56
CA ASP A 251 0.24 9.43 19.32
C ASP A 251 1.05 9.82 20.54
N GLU A 252 2.29 9.35 20.56
CA GLU A 252 3.20 9.54 21.69
C GLU A 252 3.82 10.94 21.69
N GLY A 253 3.28 11.81 22.54
CA GLY A 253 3.84 13.14 22.72
C GLY A 253 3.71 14.05 21.50
N ARG A 254 4.75 14.83 21.24
CA ARG A 254 4.70 15.86 20.20
C ARG A 254 5.85 15.79 19.20
N MET A 255 5.70 16.54 18.12
CA MET A 255 6.74 16.64 17.09
C MET A 255 6.68 18.01 16.42
N CYS A 256 7.80 18.43 15.85
CA CYS A 256 7.89 19.74 15.22
C CYS A 256 7.45 19.69 13.75
N ILE A 257 6.49 20.53 13.40
CA ILE A 257 5.95 20.59 12.05
C ILE A 257 6.45 21.83 11.29
N ASN A 258 7.12 21.60 10.17
CA ASN A 258 7.55 22.68 9.28
C ASN A 258 6.43 23.08 8.35
N THR A 259 5.71 24.16 8.68
CA THR A 259 4.50 24.50 7.94
C THR A 259 4.74 24.83 6.46
N GLU A 260 5.90 25.38 6.14
CA GLU A 260 6.16 25.86 4.78
C GLU A 260 5.02 26.74 4.29
N TRP A 261 4.74 27.81 5.02
CA TRP A 261 3.63 28.68 4.68
C TRP A 261 3.92 29.65 3.53
N GLY A 262 5.13 29.64 3.02
CA GLY A 262 5.45 30.46 1.86
C GLY A 262 4.50 30.13 0.72
N ALA A 263 4.18 28.85 0.60
CA ALA A 263 3.33 28.36 -0.47
C ALA A 263 1.85 28.55 -0.16
N PHE A 264 1.56 29.34 0.87
CA PHE A 264 0.18 29.62 1.25
C PHE A 264 -0.53 30.40 0.13
N GLY A 265 -1.44 29.74 -0.55
CA GLY A 265 -2.22 30.37 -1.61
C GLY A 265 -1.75 30.08 -3.03
N ASP A 266 -0.78 29.18 -3.16
CA ASP A 266 -0.32 28.81 -4.49
C ASP A 266 -1.47 28.21 -5.30
N ASP A 267 -2.60 27.99 -4.62
CA ASP A 267 -3.76 27.37 -5.25
C ASP A 267 -4.87 28.38 -5.56
N GLY A 268 -4.57 29.67 -5.43
CA GLY A 268 -5.54 30.72 -5.73
C GLY A 268 -6.36 31.17 -4.54
N SER A 269 -6.11 30.56 -3.38
CA SER A 269 -6.87 30.87 -2.17
C SER A 269 -6.69 32.31 -1.68
N LEU A 270 -5.72 33.02 -2.26
CA LEU A 270 -5.43 34.38 -1.81
C LEU A 270 -5.47 35.40 -2.95
N GLU A 271 -6.23 35.09 -4.00
CA GLU A 271 -6.29 35.95 -5.17
C GLU A 271 -6.95 37.29 -4.87
N ASP A 272 -7.75 37.34 -3.82
CA ASP A 272 -8.43 38.58 -3.42
C ASP A 272 -7.51 39.48 -2.63
N ILE A 273 -6.38 38.94 -2.19
CA ILE A 273 -5.40 39.71 -1.43
C ILE A 273 -4.26 40.19 -2.33
N ARG A 274 -3.87 39.35 -3.28
CA ARG A 274 -2.77 39.68 -4.19
C ARG A 274 -3.14 40.83 -5.15
N THR A 275 -2.16 41.69 -5.44
CA THR A 275 -2.39 42.83 -6.31
C THR A 275 -1.62 42.69 -7.61
N GLU A 276 -1.92 43.56 -8.58
CA GLU A 276 -1.28 43.51 -9.88
C GLU A 276 0.24 43.53 -9.75
N PHE A 277 0.73 44.06 -8.63
CA PHE A 277 2.16 44.14 -8.38
C PHE A 277 2.73 42.78 -8.01
N ASP A 278 1.98 42.05 -7.19
CA ASP A 278 2.36 40.71 -6.79
C ASP A 278 2.41 39.81 -8.01
N ARG A 279 1.48 40.02 -8.94
CA ARG A 279 1.39 39.23 -10.14
C ARG A 279 2.52 39.51 -11.11
N GLU A 280 3.01 40.75 -11.11
CA GLU A 280 4.08 41.11 -12.01
C GLU A 280 5.44 40.64 -11.48
N ILE A 281 5.65 40.81 -10.17
CA ILE A 281 6.87 40.28 -9.55
C ILE A 281 6.90 38.77 -9.76
N ASP A 282 5.72 38.16 -9.69
CA ASP A 282 5.58 36.73 -9.92
C ASP A 282 6.03 36.34 -11.33
N ARG A 283 5.51 37.03 -12.33
CA ARG A 283 5.83 36.73 -13.72
C ARG A 283 7.32 36.89 -14.02
N GLY A 284 8.04 37.58 -13.14
CA GLY A 284 9.47 37.81 -13.33
C GLY A 284 10.30 36.98 -12.38
N SER A 285 9.64 36.19 -11.55
CA SER A 285 10.31 35.39 -10.53
C SER A 285 10.91 34.11 -11.10
N LEU A 286 11.76 33.48 -10.29
CA LEU A 286 12.36 32.20 -10.65
C LEU A 286 11.35 31.07 -10.59
N ASN A 287 10.40 31.17 -9.67
CA ASN A 287 9.39 30.14 -9.48
C ASN A 287 7.98 30.65 -9.70
N PRO A 288 7.65 30.98 -10.95
CA PRO A 288 6.34 31.57 -11.27
C PRO A 288 5.20 30.70 -10.78
N GLY A 289 4.27 31.32 -10.06
CA GLY A 289 3.08 30.64 -9.57
C GLY A 289 3.21 30.11 -8.16
N LYS A 290 4.44 30.03 -7.65
CA LYS A 290 4.67 29.39 -6.35
C LYS A 290 5.19 30.33 -5.26
N GLN A 291 4.91 29.98 -4.02
CA GLN A 291 5.30 30.79 -2.87
C GLN A 291 4.72 32.19 -2.99
N LEU A 292 3.41 32.25 -3.22
CA LEU A 292 2.72 33.53 -3.43
C LEU A 292 2.53 34.33 -2.15
N PHE A 293 2.39 33.64 -1.03
CA PHE A 293 2.28 34.33 0.26
C PHE A 293 3.63 34.94 0.60
N GLU A 294 4.67 34.13 0.43
CA GLU A 294 6.04 34.55 0.67
C GLU A 294 6.42 35.71 -0.23
N LYS A 295 5.93 35.69 -1.46
CA LYS A 295 6.29 36.74 -2.41
C LYS A 295 5.69 38.09 -2.04
N MET A 296 4.82 38.08 -1.04
CA MET A 296 4.24 39.30 -0.50
C MET A 296 4.90 39.68 0.82
N VAL A 297 5.96 38.96 1.19
CA VAL A 297 6.47 39.07 2.55
C VAL A 297 7.99 39.17 2.67
N SER A 298 8.70 38.13 2.24
CA SER A 298 10.12 38.05 2.50
C SER A 298 10.92 39.18 1.84
N GLY A 299 12.17 39.32 2.27
CA GLY A 299 13.01 40.44 1.85
C GLY A 299 13.63 40.26 0.48
N MET A 300 13.45 39.11 -0.14
CA MET A 300 13.95 38.92 -1.48
C MET A 300 13.05 39.63 -2.48
N TYR A 301 11.81 39.91 -2.07
CA TYR A 301 10.82 40.46 -2.97
C TYR A 301 10.44 41.90 -2.65
N LEU A 302 10.38 42.23 -1.36
CA LEU A 302 9.95 43.57 -0.93
C LEU A 302 10.56 44.71 -1.77
N GLY A 303 11.88 44.70 -1.91
CA GLY A 303 12.56 45.75 -2.67
C GLY A 303 12.01 45.89 -4.08
N GLU A 304 11.92 44.78 -4.79
CA GLU A 304 11.47 44.77 -6.17
C GLU A 304 10.00 45.16 -6.28
N LEU A 305 9.22 44.83 -5.25
CA LEU A 305 7.83 45.23 -5.22
C LEU A 305 7.73 46.74 -5.23
N VAL A 306 8.45 47.38 -4.32
CA VAL A 306 8.49 48.83 -4.26
C VAL A 306 8.86 49.41 -5.63
N ARG A 307 9.97 48.92 -6.19
CA ARG A 307 10.42 49.42 -7.49
C ARG A 307 9.33 49.32 -8.55
N LEU A 308 8.51 48.28 -8.45
CA LEU A 308 7.40 48.11 -9.39
C LEU A 308 6.34 49.19 -9.20
N ILE A 309 5.99 49.45 -7.95
CA ILE A 309 5.01 50.48 -7.64
C ILE A 309 5.53 51.85 -8.08
N LEU A 310 6.83 52.07 -7.89
CA LEU A 310 7.43 53.36 -8.25
C LEU A 310 7.49 53.55 -9.76
N VAL A 311 7.62 52.45 -10.49
CA VAL A 311 7.65 52.53 -11.95
C VAL A 311 6.26 52.85 -12.49
N LYS A 312 5.24 52.29 -11.84
CA LYS A 312 3.85 52.55 -12.19
C LYS A 312 3.50 54.03 -11.95
N MET A 313 3.80 54.52 -10.76
CA MET A 313 3.53 55.91 -10.42
C MET A 313 4.25 56.85 -11.38
N ALA A 314 5.53 56.59 -11.58
CA ALA A 314 6.35 57.41 -12.48
C ALA A 314 5.71 57.47 -13.87
N LYS A 315 5.30 56.33 -14.39
CA LYS A 315 4.63 56.26 -15.69
C LYS A 315 3.33 57.05 -15.69
N GLU A 316 2.84 57.37 -14.49
CA GLU A 316 1.62 58.15 -14.37
C GLU A 316 1.88 59.55 -13.82
N GLY A 317 3.16 59.94 -13.82
CA GLY A 317 3.56 61.30 -13.46
C GLY A 317 3.54 61.63 -11.97
N LEU A 318 3.13 60.66 -11.15
CA LEU A 318 2.98 60.89 -9.71
C LEU A 318 4.32 61.09 -9.00
N LEU A 319 5.42 60.80 -9.70
CA LEU A 319 6.74 60.96 -9.12
C LEU A 319 7.71 61.50 -10.16
N PHE A 320 8.68 62.29 -9.69
CA PHE A 320 9.67 62.90 -10.58
C PHE A 320 8.98 63.51 -11.80
N GLU A 321 7.84 64.15 -11.57
CA GLU A 321 7.01 64.59 -12.68
C GLU A 321 6.49 63.37 -13.41
N GLY A 322 7.43 62.50 -13.77
CA GLY A 322 7.15 61.39 -14.67
C GLY A 322 8.42 61.11 -15.44
N ARG A 323 9.52 61.72 -15.00
CA ARG A 323 10.82 61.33 -15.51
C ARG A 323 10.98 59.87 -15.15
N ILE A 324 11.52 59.09 -16.07
CA ILE A 324 11.71 57.66 -15.82
C ILE A 324 13.01 57.23 -16.47
N THR A 325 13.97 56.80 -15.65
CA THR A 325 15.26 56.40 -16.17
C THR A 325 15.30 54.90 -16.46
N PRO A 326 16.30 54.47 -17.24
CA PRO A 326 16.52 53.05 -17.53
C PRO A 326 16.91 52.27 -16.27
N GLU A 327 17.51 52.96 -15.30
CA GLU A 327 17.90 52.30 -14.05
C GLU A 327 16.68 52.03 -13.18
N LEU A 328 15.64 52.85 -13.35
CA LEU A 328 14.41 52.66 -12.60
C LEU A 328 13.61 51.49 -13.16
N LEU A 329 13.92 51.12 -14.39
CA LEU A 329 13.21 50.06 -15.08
C LEU A 329 13.99 48.75 -15.01
N THR A 330 15.22 48.83 -14.53
CA THR A 330 16.08 47.66 -14.43
C THR A 330 15.69 46.81 -13.21
N ARG A 331 15.57 45.51 -13.45
CA ARG A 331 15.23 44.55 -12.40
C ARG A 331 16.25 44.59 -11.26
N GLY A 332 15.76 44.79 -10.04
CA GLY A 332 16.61 44.68 -8.86
C GLY A 332 17.42 45.91 -8.48
N LYS A 333 17.33 46.97 -9.27
CA LYS A 333 18.04 48.20 -8.93
C LYS A 333 17.60 48.73 -7.57
N PHE A 334 16.45 48.26 -7.10
CA PHE A 334 15.90 48.74 -5.83
C PHE A 334 15.84 47.67 -4.73
N ASN A 335 16.84 47.67 -3.86
CA ASN A 335 16.98 46.67 -2.81
C ASN A 335 16.05 46.82 -1.61
N THR A 336 15.98 45.76 -0.81
CA THR A 336 15.28 45.79 0.46
C THR A 336 16.15 46.54 1.47
N SER A 337 17.45 46.59 1.17
CA SER A 337 18.38 47.40 1.94
C SER A 337 17.89 48.84 1.88
N ASP A 338 17.65 49.30 0.65
CA ASP A 338 17.14 50.65 0.41
C ASP A 338 15.80 50.84 1.11
N VAL A 339 14.96 49.81 1.10
CA VAL A 339 13.69 49.89 1.80
C VAL A 339 13.92 50.15 3.28
N SER A 340 14.88 49.42 3.87
CA SER A 340 15.21 49.60 5.27
C SER A 340 15.81 50.98 5.53
N ALA A 341 16.79 51.35 4.74
CA ALA A 341 17.47 52.64 4.88
C ALA A 341 16.50 53.80 4.77
N ILE A 342 15.54 53.72 3.84
CA ILE A 342 14.56 54.79 3.66
C ILE A 342 13.60 54.89 4.84
N GLU A 343 13.45 53.81 5.60
CA GLU A 343 12.49 53.78 6.68
C GLU A 343 13.04 54.27 8.02
N LYS A 344 14.36 54.43 8.10
CA LYS A 344 14.98 54.91 9.31
C LYS A 344 14.46 56.30 9.70
N ASN A 345 14.42 56.57 11.00
CA ASN A 345 13.81 57.79 11.52
C ASN A 345 14.56 59.09 11.21
N LYS A 346 15.88 59.10 11.38
CA LYS A 346 16.67 60.31 11.13
C LYS A 346 17.11 60.47 9.69
N GLU A 347 17.83 59.47 9.17
CA GLU A 347 18.32 59.53 7.79
C GLU A 347 17.37 58.92 6.76
N GLY A 348 16.13 58.66 7.18
CA GLY A 348 15.15 58.09 6.26
C GLY A 348 15.13 58.84 4.94
N LEU A 349 14.77 60.12 5.01
CA LEU A 349 14.67 60.94 3.81
C LEU A 349 16.03 61.29 3.23
N HIS A 350 17.02 61.48 4.08
CA HIS A 350 18.39 61.72 3.60
C HIS A 350 18.81 60.60 2.65
N ASN A 351 18.57 59.36 3.07
CA ASN A 351 18.89 58.18 2.28
C ASN A 351 18.00 58.07 1.04
N ALA A 352 16.70 58.27 1.24
CA ALA A 352 15.77 58.27 0.12
C ALA A 352 16.33 59.11 -1.01
N LYS A 353 16.73 60.34 -0.68
CA LYS A 353 17.32 61.27 -1.63
C LYS A 353 18.53 60.67 -2.34
N GLU A 354 19.44 60.08 -1.56
CA GLU A 354 20.65 59.49 -2.11
C GLU A 354 20.35 58.30 -3.02
N ILE A 355 19.56 57.36 -2.52
CA ILE A 355 19.18 56.18 -3.27
C ILE A 355 18.51 56.58 -4.57
N LEU A 356 17.63 57.58 -4.49
CA LEU A 356 16.87 58.03 -5.65
C LEU A 356 17.74 58.81 -6.63
N THR A 357 18.67 59.59 -6.12
CA THR A 357 19.58 60.34 -6.97
C THR A 357 20.41 59.39 -7.82
N ARG A 358 20.87 58.29 -7.20
CA ARG A 358 21.64 57.28 -7.91
C ARG A 358 20.81 56.65 -9.03
N LEU A 359 19.50 56.72 -8.91
CA LEU A 359 18.60 56.11 -9.88
C LEU A 359 18.52 56.91 -11.18
N GLY A 360 18.95 58.16 -11.13
CA GLY A 360 18.94 59.01 -12.31
C GLY A 360 17.79 60.01 -12.32
N VAL A 361 16.67 59.63 -11.73
CA VAL A 361 15.54 60.54 -11.62
C VAL A 361 16.01 61.82 -10.96
N GLU A 362 15.16 62.85 -10.95
CA GLU A 362 15.54 64.10 -10.30
C GLU A 362 14.79 64.24 -8.98
N PRO A 363 15.24 63.49 -7.96
CA PRO A 363 14.56 63.44 -6.66
C PRO A 363 14.29 64.82 -6.05
N SER A 364 13.02 65.16 -5.88
CA SER A 364 12.64 66.35 -5.15
C SER A 364 12.48 65.93 -3.70
N ASP A 365 12.41 66.89 -2.79
CA ASP A 365 12.18 66.57 -1.38
C ASP A 365 10.79 65.96 -1.20
N ASP A 366 9.86 66.32 -2.09
CA ASP A 366 8.52 65.72 -2.09
C ASP A 366 8.58 64.26 -2.49
N ASP A 367 9.36 63.99 -3.54
CA ASP A 367 9.53 62.62 -4.02
C ASP A 367 10.06 61.71 -2.92
N CYS A 368 11.07 62.18 -2.21
CA CYS A 368 11.65 61.41 -1.11
C CYS A 368 10.59 61.02 -0.09
N VAL A 369 9.65 61.93 0.15
CA VAL A 369 8.59 61.70 1.12
C VAL A 369 7.56 60.70 0.62
N SER A 370 7.26 60.74 -0.67
CA SER A 370 6.32 59.80 -1.27
C SER A 370 6.91 58.39 -1.28
N VAL A 371 8.11 58.28 -1.80
CA VAL A 371 8.82 57.02 -1.86
C VAL A 371 8.91 56.37 -0.48
N GLN A 372 9.29 57.16 0.52
CA GLN A 372 9.37 56.65 1.89
C GLN A 372 8.02 56.12 2.38
N HIS A 373 6.93 56.71 1.90
CA HIS A 373 5.62 56.25 2.33
C HIS A 373 5.26 54.94 1.64
N VAL A 374 5.65 54.81 0.38
CA VAL A 374 5.44 53.58 -0.36
C VAL A 374 6.11 52.44 0.39
N CYS A 375 7.39 52.64 0.71
CA CYS A 375 8.14 51.66 1.49
C CYS A 375 7.37 51.26 2.73
N THR A 376 6.74 52.23 3.39
CA THR A 376 5.95 51.97 4.58
C THR A 376 4.80 51.01 4.26
N ILE A 377 4.02 51.35 3.26
CA ILE A 377 2.86 50.53 2.88
C ILE A 377 3.28 49.09 2.57
N VAL A 378 4.33 48.95 1.78
CA VAL A 378 4.80 47.63 1.36
C VAL A 378 5.30 46.80 2.53
N SER A 379 6.03 47.43 3.45
CA SER A 379 6.61 46.73 4.58
C SER A 379 5.60 46.53 5.71
N PHE A 380 4.72 47.51 5.90
CA PHE A 380 3.70 47.37 6.92
C PHE A 380 2.86 46.15 6.56
N ARG A 381 2.63 45.94 5.26
CA ARG A 381 1.82 44.82 4.81
C ARG A 381 2.48 43.48 5.11
N SER A 382 3.74 43.34 4.71
CA SER A 382 4.47 42.10 4.96
C SER A 382 4.33 41.72 6.43
N ALA A 383 4.78 42.62 7.30
CA ALA A 383 4.71 42.39 8.75
C ALA A 383 3.31 42.01 9.20
N ASN A 384 2.29 42.64 8.63
CA ASN A 384 0.91 42.35 8.98
C ASN A 384 0.47 40.96 8.55
N LEU A 385 0.97 40.51 7.40
CA LEU A 385 0.64 39.18 6.88
C LEU A 385 1.19 38.11 7.80
N VAL A 386 2.46 38.22 8.14
CA VAL A 386 3.09 37.27 9.03
C VAL A 386 2.37 37.25 10.37
N ALA A 387 1.83 38.40 10.76
CA ALA A 387 1.08 38.48 12.01
C ALA A 387 -0.22 37.68 11.86
N ALA A 388 -0.76 37.69 10.65
CA ALA A 388 -1.99 36.97 10.37
C ALA A 388 -1.81 35.46 10.52
N THR A 389 -0.72 34.95 9.94
CA THR A 389 -0.47 33.51 9.92
C THR A 389 0.09 33.00 11.25
N LEU A 390 1.08 33.69 11.78
CA LEU A 390 1.64 33.32 13.08
C LEU A 390 0.54 33.31 14.12
N GLY A 391 -0.36 34.29 14.03
CA GLY A 391 -1.51 34.33 14.92
C GLY A 391 -2.27 33.01 14.83
N ALA A 392 -2.32 32.45 13.63
CA ALA A 392 -2.98 31.18 13.40
C ALA A 392 -2.33 30.09 14.25
N ILE A 393 -1.02 29.97 14.15
CA ILE A 393 -0.28 28.96 14.89
C ILE A 393 -0.61 29.03 16.38
N LEU A 394 -0.46 30.22 16.96
CA LEU A 394 -0.72 30.41 18.37
C LEU A 394 -2.12 29.94 18.73
N ASN A 395 -3.08 30.25 17.87
CA ASN A 395 -4.44 29.77 18.07
C ASN A 395 -4.52 28.25 18.12
N ARG A 396 -3.64 27.59 17.37
CA ARG A 396 -3.57 26.14 17.36
C ARG A 396 -3.02 25.65 18.70
N LEU A 397 -1.98 26.31 19.19
CA LEU A 397 -1.38 25.96 20.47
C LEU A 397 -2.37 26.11 21.61
N ARG A 398 -2.91 27.32 21.78
CA ARG A 398 -3.89 27.57 22.83
C ARG A 398 -5.00 26.52 22.80
N ASP A 399 -5.39 26.10 21.60
CA ASP A 399 -6.41 25.07 21.44
C ASP A 399 -5.89 23.71 21.87
N ASN A 400 -4.83 23.25 21.22
CA ASN A 400 -4.21 21.98 21.58
C ASN A 400 -4.22 21.75 23.09
N LYS A 401 -3.69 22.73 23.83
CA LYS A 401 -3.60 22.64 25.28
C LYS A 401 -4.97 22.62 25.95
N GLY A 402 -5.72 23.70 25.79
CA GLY A 402 -7.03 23.82 26.42
C GLY A 402 -7.03 24.92 27.47
N THR A 403 -5.87 25.52 27.69
CA THR A 403 -5.74 26.60 28.64
C THR A 403 -6.44 27.86 28.12
N PRO A 404 -7.01 28.66 29.03
CA PRO A 404 -7.78 29.85 28.67
C PRO A 404 -6.90 30.90 28.01
N ARG A 405 -5.61 30.87 28.32
CA ARG A 405 -4.67 31.85 27.81
C ARG A 405 -3.44 31.12 27.28
N LEU A 406 -2.62 31.82 26.51
CA LEU A 406 -1.42 31.20 25.97
C LEU A 406 -0.15 31.97 26.35
N ARG A 407 0.86 31.21 26.79
CA ARG A 407 2.11 31.80 27.21
C ARG A 407 3.24 31.00 26.60
N THR A 408 3.83 31.51 25.54
CA THR A 408 4.91 30.81 24.86
C THR A 408 5.94 31.75 24.27
N THR A 409 7.06 31.17 23.85
CA THR A 409 8.14 31.94 23.24
C THR A 409 8.30 31.56 21.77
N VAL A 410 8.53 32.57 20.93
CA VAL A 410 8.69 32.37 19.50
C VAL A 410 10.08 32.78 19.05
N GLY A 411 10.86 31.82 18.57
CA GLY A 411 12.18 32.10 18.03
C GLY A 411 12.05 32.78 16.69
N VAL A 412 12.98 33.70 16.39
CA VAL A 412 12.88 34.46 15.14
C VAL A 412 14.24 34.66 14.50
N ASN A 413 14.23 34.93 13.19
CA ASN A 413 15.47 35.15 12.47
C ASN A 413 15.22 35.70 11.06
N GLY A 414 16.30 35.98 10.34
CA GLY A 414 16.19 36.48 8.98
C GLY A 414 16.50 37.97 8.84
N SER A 415 17.11 38.33 7.72
CA SER A 415 17.60 39.69 7.50
C SER A 415 16.55 40.77 7.70
N LEU A 416 15.39 40.60 7.06
CA LEU A 416 14.35 41.61 7.16
C LEU A 416 14.02 41.93 8.61
N TYR A 417 13.72 40.90 9.40
CA TYR A 417 13.33 41.08 10.79
C TYR A 417 14.45 41.68 11.60
N LYS A 418 15.69 41.31 11.26
CA LYS A 418 16.86 41.75 12.01
C LYS A 418 17.37 43.13 11.61
N THR A 419 17.33 43.46 10.32
CA THR A 419 17.90 44.74 9.86
C THR A 419 16.88 45.87 9.71
N HIS A 420 15.65 45.55 9.36
CA HIS A 420 14.66 46.61 9.18
C HIS A 420 14.39 47.32 10.50
N PRO A 421 14.30 48.65 10.46
CA PRO A 421 14.12 49.47 11.66
C PRO A 421 12.66 49.74 12.08
N GLN A 422 11.69 49.15 11.41
CA GLN A 422 10.29 49.37 11.78
C GLN A 422 9.50 48.07 11.80
N TYR A 423 10.07 47.03 11.21
CA TYR A 423 9.36 45.78 10.98
C TYR A 423 9.00 45.05 12.28
N SER A 424 10.00 44.71 13.09
CA SER A 424 9.76 44.04 14.36
C SER A 424 8.64 44.75 15.11
N ARG A 425 8.97 45.94 15.60
CA ARG A 425 8.03 46.79 16.31
C ARG A 425 6.60 46.65 15.79
N ARG A 426 6.40 46.96 14.51
CA ARG A 426 5.08 46.90 13.89
C ARG A 426 4.47 45.50 13.96
N PHE A 427 5.26 44.50 13.58
CA PHE A 427 4.77 43.13 13.53
C PHE A 427 4.25 42.66 14.89
N HIS A 428 5.08 42.77 15.92
CA HIS A 428 4.68 42.37 17.26
C HIS A 428 3.32 42.99 17.60
N LYS A 429 3.25 44.32 17.55
CA LYS A 429 2.05 45.04 17.93
C LYS A 429 0.80 44.48 17.25
N THR A 430 0.88 44.31 15.93
CA THR A 430 -0.26 43.78 15.19
C THR A 430 -0.59 42.37 15.64
N LEU A 431 0.45 41.58 15.88
CA LEU A 431 0.27 40.20 16.33
C LEU A 431 -0.40 40.15 17.70
N ARG A 432 0.21 40.81 18.69
CA ARG A 432 -0.33 40.84 20.04
C ARG A 432 -1.78 41.30 20.02
N ARG A 433 -2.09 42.22 19.10
CA ARG A 433 -3.44 42.73 18.95
C ARG A 433 -4.39 41.66 18.41
N LEU A 434 -3.96 40.97 17.36
CA LEU A 434 -4.77 39.93 16.74
C LEU A 434 -5.14 38.84 17.73
N VAL A 435 -4.16 38.36 18.49
CA VAL A 435 -4.40 37.33 19.49
C VAL A 435 -4.11 37.87 20.89
N PRO A 436 -5.03 38.69 21.43
CA PRO A 436 -4.86 39.32 22.74
C PRO A 436 -4.74 38.31 23.87
N ASP A 437 -5.31 37.13 23.69
CA ASP A 437 -5.32 36.09 24.73
C ASP A 437 -3.97 35.37 24.81
N SER A 438 -2.90 36.05 24.42
CA SER A 438 -1.58 35.44 24.39
C SER A 438 -0.51 36.34 24.97
N ASP A 439 0.41 35.73 25.70
CA ASP A 439 1.54 36.44 26.27
C ASP A 439 2.79 35.90 25.60
N VAL A 440 3.03 36.35 24.38
CA VAL A 440 4.12 35.83 23.56
C VAL A 440 5.42 36.58 23.76
N ARG A 441 6.52 35.85 23.77
CA ARG A 441 7.83 36.47 23.88
C ARG A 441 8.66 36.14 22.64
N PHE A 442 9.08 37.17 21.92
CA PHE A 442 9.93 36.97 20.75
C PHE A 442 11.39 36.99 21.17
N LEU A 443 12.14 35.99 20.72
CA LEU A 443 13.55 35.90 21.04
C LEU A 443 14.35 35.80 19.75
N LEU A 444 15.26 36.74 19.53
CA LEU A 444 16.02 36.77 18.29
C LEU A 444 17.21 35.83 18.36
N SER A 445 17.20 34.80 17.53
CA SER A 445 18.34 33.91 17.43
C SER A 445 19.59 34.73 17.13
N GLU A 446 20.68 34.42 17.81
CA GLU A 446 21.92 35.15 17.63
C GLU A 446 22.98 34.31 16.93
N SER A 447 22.77 33.00 16.93
CA SER A 447 23.69 32.08 16.26
C SER A 447 23.09 31.58 14.95
N GLY A 448 21.90 32.08 14.63
CA GLY A 448 21.17 31.63 13.45
C GLY A 448 20.49 30.29 13.72
N SER A 449 21.09 29.22 13.23
CA SER A 449 20.55 27.88 13.44
C SER A 449 21.59 26.99 14.10
N GLY A 450 22.86 27.35 13.94
CA GLY A 450 23.96 26.58 14.50
C GLY A 450 23.59 25.87 15.78
N LYS A 451 23.40 26.62 16.86
CA LYS A 451 23.11 26.03 18.17
C LYS A 451 21.93 25.06 18.10
N GLY A 452 20.81 25.50 17.54
CA GLY A 452 19.64 24.65 17.39
C GLY A 452 19.94 23.41 16.57
N ALA A 453 20.56 23.62 15.41
CA ALA A 453 20.95 22.52 14.53
C ALA A 453 21.75 21.46 15.28
N ALA A 454 22.87 21.88 15.85
CA ALA A 454 23.73 20.96 16.58
C ALA A 454 22.97 20.24 17.67
N MET A 455 22.08 20.96 18.35
CA MET A 455 21.25 20.37 19.39
C MET A 455 20.39 19.24 18.83
N VAL A 456 20.16 19.30 17.53
CA VAL A 456 19.42 18.26 16.82
C VAL A 456 20.37 17.15 16.40
N THR A 457 21.48 17.55 15.78
CA THR A 457 22.49 16.60 15.38
C THR A 457 22.92 15.74 16.55
N ALA A 458 22.88 16.30 17.76
CA ALA A 458 23.29 15.56 18.94
C ALA A 458 22.36 14.38 19.21
N VAL A 459 21.07 14.68 19.31
CA VAL A 459 20.07 13.64 19.53
C VAL A 459 20.06 12.64 18.38
N ALA A 460 20.11 13.15 17.15
CA ALA A 460 20.10 12.30 15.97
C ALA A 460 21.27 11.31 15.97
N TYR A 461 22.46 11.79 16.33
CA TYR A 461 23.65 10.93 16.40
C TYR A 461 23.45 9.86 17.47
N ARG A 462 23.05 10.31 18.64
CA ARG A 462 22.73 9.42 19.75
C ARG A 462 21.86 8.26 19.26
N LEU A 463 20.76 8.61 18.59
CA LEU A 463 19.82 7.61 18.06
C LEU A 463 20.44 6.73 16.97
N ALA A 464 21.31 7.31 16.15
CA ALA A 464 21.94 6.60 15.06
C ALA A 464 22.94 5.57 15.57
N GLU A 465 23.51 5.84 16.74
CA GLU A 465 24.47 4.93 17.35
C GLU A 465 23.82 3.65 17.84
N GLN A 466 22.70 3.78 18.53
CA GLN A 466 21.91 2.63 18.92
C GLN A 466 21.58 1.83 17.69
N HIS A 467 20.96 2.50 16.72
CA HIS A 467 20.59 1.87 15.48
C HIS A 467 21.76 1.10 14.88
N ARG A 468 22.91 1.76 14.74
CA ARG A 468 24.08 1.11 14.18
C ARG A 468 24.36 -0.20 14.91
N GLN A 469 24.23 -0.18 16.23
CA GLN A 469 24.47 -1.36 17.05
C GLN A 469 23.41 -2.43 16.82
N ILE A 470 22.14 -2.01 16.78
CA ILE A 470 21.05 -2.91 16.46
C ILE A 470 21.37 -3.65 15.15
N GLU A 471 21.64 -2.88 14.10
CA GLU A 471 21.93 -3.43 12.78
C GLU A 471 23.13 -4.36 12.81
N GLU A 472 24.11 -4.00 13.63
CA GLU A 472 25.31 -4.80 13.76
C GLU A 472 24.93 -6.20 14.21
N THR A 473 24.21 -6.26 15.32
CA THR A 473 23.77 -7.52 15.90
C THR A 473 22.88 -8.31 14.93
N LEU A 474 21.90 -7.62 14.34
CA LEU A 474 20.96 -8.27 13.44
C LEU A 474 21.64 -8.76 12.17
N ALA A 475 22.69 -8.06 11.76
CA ALA A 475 23.42 -8.42 10.54
C ALA A 475 23.92 -9.86 10.57
N HIS A 476 24.22 -10.36 11.77
CA HIS A 476 24.68 -11.74 11.91
C HIS A 476 23.64 -12.76 11.48
N PHE A 477 22.39 -12.33 11.32
CA PHE A 477 21.31 -13.22 10.88
C PHE A 477 21.10 -13.16 9.38
N HIS A 478 21.78 -12.21 8.72
CA HIS A 478 21.71 -12.09 7.28
C HIS A 478 22.58 -13.15 6.61
N LEU A 479 22.03 -13.82 5.61
CA LEU A 479 22.78 -14.81 4.87
C LEU A 479 22.78 -14.43 3.40
N THR A 480 23.95 -14.49 2.78
CA THR A 480 24.07 -14.12 1.37
C THR A 480 23.78 -15.31 0.46
N LYS A 481 23.54 -15.02 -0.81
CA LYS A 481 23.32 -16.05 -1.80
C LYS A 481 24.39 -17.12 -1.62
N ASP A 482 25.65 -16.68 -1.55
CA ASP A 482 26.77 -17.61 -1.44
C ASP A 482 26.77 -18.42 -0.15
N MET A 483 26.46 -17.78 0.98
CA MET A 483 26.45 -18.50 2.24
C MET A 483 25.37 -19.57 2.19
N LEU A 484 24.26 -19.25 1.54
CA LEU A 484 23.17 -20.22 1.37
C LEU A 484 23.59 -21.37 0.45
N LEU A 485 24.35 -21.05 -0.60
CA LEU A 485 24.88 -22.08 -1.49
C LEU A 485 25.82 -23.02 -0.73
N GLU A 486 26.59 -22.47 0.20
CA GLU A 486 27.45 -23.27 1.07
C GLU A 486 26.64 -24.20 1.96
N VAL A 487 25.61 -23.65 2.58
CA VAL A 487 24.73 -24.43 3.44
C VAL A 487 24.15 -25.58 2.64
N LYS A 488 23.65 -25.28 1.45
CA LYS A 488 23.12 -26.29 0.56
C LYS A 488 24.19 -27.36 0.31
N LYS A 489 25.40 -26.92 0.00
CA LYS A 489 26.50 -27.84 -0.26
C LYS A 489 26.84 -28.71 0.94
N ARG A 490 26.83 -28.12 2.14
CA ARG A 490 27.11 -28.87 3.36
C ARG A 490 26.00 -29.87 3.64
N MET A 491 24.76 -29.50 3.31
CA MET A 491 23.62 -30.38 3.51
C MET A 491 23.78 -31.63 2.64
N ARG A 492 24.17 -31.42 1.40
CA ARG A 492 24.35 -32.52 0.45
C ARG A 492 25.49 -33.46 0.85
N ALA A 493 26.56 -32.89 1.39
CA ALA A 493 27.68 -33.70 1.84
C ALA A 493 27.25 -34.58 3.01
N GLU A 494 26.44 -34.01 3.89
CA GLU A 494 25.97 -34.73 5.07
C GLU A 494 25.03 -35.84 4.65
N MET A 495 24.27 -35.59 3.59
CA MET A 495 23.34 -36.59 3.06
C MET A 495 24.11 -37.82 2.57
N GLU A 496 25.15 -37.59 1.79
CA GLU A 496 26.03 -38.67 1.34
C GLU A 496 26.55 -39.48 2.52
N LEU A 497 27.08 -38.79 3.53
CA LEU A 497 27.63 -39.45 4.72
C LEU A 497 26.61 -40.35 5.41
N GLY A 498 25.35 -39.94 5.43
CA GLY A 498 24.30 -40.68 6.11
C GLY A 498 23.87 -41.91 5.33
N LEU A 499 23.88 -41.80 3.99
CA LEU A 499 23.48 -42.90 3.12
C LEU A 499 24.53 -44.01 3.07
N ARG A 500 25.79 -43.62 3.10
CA ARG A 500 26.91 -44.55 2.94
C ARG A 500 27.24 -45.32 4.23
N LYS A 501 27.31 -46.64 4.10
CA LYS A 501 27.54 -47.55 5.21
C LYS A 501 28.81 -47.28 6.02
N GLN A 502 29.85 -46.81 5.35
CA GLN A 502 31.14 -46.59 6.02
C GLN A 502 31.11 -45.37 6.93
N THR A 503 30.29 -44.39 6.58
CA THR A 503 30.24 -43.12 7.30
C THR A 503 28.95 -42.93 8.09
N HIS A 504 27.99 -43.84 7.89
CA HIS A 504 26.68 -43.69 8.50
C HIS A 504 26.73 -43.53 10.02
N ASN A 505 27.61 -44.28 10.67
CA ASN A 505 27.67 -44.27 12.14
C ASN A 505 28.05 -42.92 12.74
N ASN A 506 28.84 -42.14 12.00
CA ASN A 506 29.28 -40.85 12.49
C ASN A 506 28.55 -39.68 11.85
N ALA A 507 27.75 -39.97 10.84
CA ALA A 507 26.95 -38.96 10.17
C ALA A 507 25.92 -38.36 11.13
N VAL A 508 25.78 -37.05 11.11
CA VAL A 508 24.79 -36.38 11.93
C VAL A 508 23.42 -36.43 11.25
N VAL A 509 23.41 -36.37 9.92
CA VAL A 509 22.17 -36.51 9.18
C VAL A 509 21.93 -37.99 8.84
N LYS A 510 21.13 -38.65 9.67
CA LYS A 510 21.04 -40.12 9.68
C LYS A 510 20.44 -40.80 8.44
N MET A 511 19.67 -40.08 7.64
CA MET A 511 19.09 -40.68 6.45
C MET A 511 18.49 -42.06 6.76
N LEU A 512 17.52 -42.08 7.66
CA LEU A 512 16.91 -43.34 8.11
C LEU A 512 15.89 -43.90 7.11
N PRO A 513 16.00 -45.19 6.78
CA PRO A 513 15.07 -45.84 5.86
C PRO A 513 13.70 -46.03 6.51
N SER A 514 12.64 -45.72 5.77
CA SER A 514 11.28 -45.79 6.27
C SER A 514 10.60 -47.09 5.87
N PHE A 515 11.18 -47.77 4.90
CA PHE A 515 10.60 -49.00 4.37
C PHE A 515 9.28 -48.77 3.67
N VAL A 516 9.07 -47.54 3.22
CA VAL A 516 7.98 -47.22 2.32
C VAL A 516 8.63 -47.11 0.96
N ARG A 517 8.33 -48.06 0.08
CA ARG A 517 9.06 -48.18 -1.19
C ARG A 517 8.43 -47.43 -2.36
N ARG A 518 7.16 -47.08 -2.23
CA ARG A 518 6.49 -46.33 -3.29
C ARG A 518 5.31 -45.51 -2.78
N THR A 519 4.98 -44.47 -3.53
CA THR A 519 3.82 -43.64 -3.23
C THR A 519 2.57 -44.40 -3.65
N PRO A 520 1.40 -43.98 -3.13
CA PRO A 520 0.14 -44.68 -3.38
C PRO A 520 -0.05 -45.15 -4.81
N ASP A 521 -0.36 -46.44 -4.97
CA ASP A 521 -0.58 -47.04 -6.29
C ASP A 521 -2.06 -47.22 -6.60
N GLY A 522 -2.94 -46.69 -5.75
CA GLY A 522 -4.38 -46.70 -5.99
C GLY A 522 -5.08 -48.04 -5.79
N THR A 523 -4.45 -48.95 -5.05
CA THR A 523 -5.08 -50.23 -4.76
C THR A 523 -5.30 -50.37 -3.27
N GLU A 524 -4.85 -49.38 -2.52
CA GLU A 524 -5.06 -49.38 -1.08
C GLU A 524 -6.55 -49.44 -0.78
N ASN A 525 -6.93 -50.33 0.12
CA ASN A 525 -8.31 -50.53 0.46
C ASN A 525 -8.42 -51.03 1.90
N GLY A 526 -9.47 -50.62 2.60
CA GLY A 526 -9.71 -51.13 3.95
C GLY A 526 -10.00 -50.10 5.02
N ASP A 527 -10.07 -50.56 6.26
CA ASP A 527 -10.30 -49.69 7.41
C ASP A 527 -9.11 -49.72 8.35
N PHE A 528 -8.56 -48.55 8.66
CA PHE A 528 -7.35 -48.48 9.48
C PHE A 528 -7.47 -47.56 10.67
N LEU A 529 -6.75 -47.90 11.74
CA LEU A 529 -6.56 -47.01 12.88
C LEU A 529 -5.22 -46.30 12.70
N ALA A 530 -5.08 -45.13 13.30
CA ALA A 530 -3.83 -44.40 13.20
C ALA A 530 -3.58 -43.52 14.42
N LEU A 531 -2.31 -43.39 14.77
CA LEU A 531 -1.88 -42.50 15.82
C LEU A 531 -1.08 -41.37 15.20
N ASP A 532 -1.19 -40.19 15.80
CA ASP A 532 -0.42 -39.04 15.38
C ASP A 532 0.22 -38.42 16.62
N LEU A 533 1.44 -38.87 16.92
CA LEU A 533 2.15 -38.42 18.11
C LEU A 533 3.44 -37.70 17.75
N GLY A 534 3.70 -36.57 18.40
CA GLY A 534 4.94 -35.84 18.17
C GLY A 534 4.78 -34.38 17.78
N GLY A 535 3.65 -34.06 17.14
CA GLY A 535 3.34 -32.67 16.79
C GLY A 535 2.62 -32.00 17.93
N THR A 536 2.05 -30.82 17.68
CA THR A 536 1.37 -30.07 18.74
C THR A 536 0.18 -30.84 19.30
N ASN A 537 -0.51 -31.56 18.42
CA ASN A 537 -1.69 -32.30 18.87
C ASN A 537 -1.55 -33.79 18.66
N PHE A 538 -1.63 -34.53 19.75
CA PHE A 538 -1.68 -35.97 19.67
C PHE A 538 -3.12 -36.35 19.38
N ARG A 539 -3.32 -37.16 18.36
CA ARG A 539 -4.68 -37.61 18.06
C ARG A 539 -4.74 -39.05 17.58
N VAL A 540 -5.92 -39.64 17.66
CA VAL A 540 -6.17 -40.98 17.18
C VAL A 540 -7.14 -40.90 16.02
N LEU A 541 -6.95 -41.72 15.00
CA LEU A 541 -7.78 -41.60 13.82
C LEU A 541 -8.33 -42.93 13.31
N LEU A 542 -9.46 -42.85 12.62
CA LEU A 542 -10.02 -43.95 11.90
C LEU A 542 -10.03 -43.53 10.44
N VAL A 543 -9.42 -44.35 9.58
CA VAL A 543 -9.34 -44.00 8.17
C VAL A 543 -9.86 -45.11 7.27
N LYS A 544 -10.86 -44.79 6.47
CA LYS A 544 -11.46 -45.75 5.55
C LYS A 544 -11.11 -45.39 4.12
N ILE A 545 -10.38 -46.29 3.44
CA ILE A 545 -10.00 -46.06 2.06
C ILE A 545 -10.66 -47.09 1.14
N ARG A 546 -11.27 -46.60 0.07
CA ARG A 546 -11.91 -47.47 -0.90
C ARG A 546 -11.40 -47.17 -2.31
N SER A 547 -10.82 -48.18 -2.96
CA SER A 547 -10.25 -48.00 -4.28
C SER A 547 -11.25 -48.26 -5.41
N GLY A 548 -10.74 -48.44 -6.62
CA GLY A 548 -11.58 -48.76 -7.77
C GLY A 548 -12.03 -47.54 -8.56
N LYS A 549 -13.12 -47.70 -9.31
CA LYS A 549 -13.68 -46.61 -10.10
C LYS A 549 -13.90 -45.40 -9.22
N LYS A 550 -14.71 -45.59 -8.19
CA LYS A 550 -15.07 -44.53 -7.27
C LYS A 550 -14.27 -44.71 -5.98
N ARG A 551 -13.11 -44.07 -5.92
CA ARG A 551 -12.22 -44.17 -4.76
C ARG A 551 -12.54 -43.06 -3.77
N THR A 552 -12.62 -43.42 -2.50
CA THR A 552 -12.96 -42.45 -1.47
C THR A 552 -12.12 -42.59 -0.21
N VAL A 553 -11.99 -41.49 0.51
CA VAL A 553 -11.34 -41.48 1.80
C VAL A 553 -12.29 -40.90 2.83
N GLU A 554 -12.36 -41.54 3.99
CA GLU A 554 -13.23 -41.08 5.06
C GLU A 554 -12.51 -41.18 6.38
N MET A 555 -12.26 -40.04 7.02
CA MET A 555 -11.52 -40.07 8.28
C MET A 555 -12.21 -39.38 9.45
N HIS A 556 -11.85 -39.82 10.64
CA HIS A 556 -12.34 -39.26 11.87
C HIS A 556 -11.15 -39.22 12.82
N ASN A 557 -11.20 -38.29 13.77
CA ASN A 557 -10.13 -38.20 14.75
C ASN A 557 -10.57 -37.45 15.99
N LYS A 558 -9.79 -37.58 17.04
CA LYS A 558 -10.07 -36.89 18.29
C LYS A 558 -8.75 -36.51 18.93
N ILE A 559 -8.57 -35.23 19.23
CA ILE A 559 -7.37 -34.78 19.90
C ILE A 559 -7.42 -35.24 21.35
N TYR A 560 -6.30 -35.77 21.83
CA TYR A 560 -6.19 -36.15 23.22
C TYR A 560 -5.02 -35.42 23.85
N ALA A 561 -5.28 -34.70 24.93
CA ALA A 561 -4.23 -33.97 25.62
C ALA A 561 -3.23 -34.95 26.22
N ILE A 562 -1.98 -34.51 26.35
CA ILE A 562 -0.98 -35.31 27.04
C ILE A 562 -0.33 -34.48 28.15
N PRO A 563 -0.76 -34.71 29.40
CA PRO A 563 -0.34 -33.97 30.58
C PRO A 563 1.17 -33.74 30.72
N ILE A 564 1.52 -32.55 31.22
CA ILE A 564 2.90 -32.17 31.51
C ILE A 564 3.72 -33.34 32.03
N GLU A 565 3.22 -33.92 33.13
CA GLU A 565 3.82 -35.09 33.74
C GLU A 565 4.09 -36.19 32.72
N ILE A 566 3.00 -36.80 32.26
CA ILE A 566 3.06 -37.96 31.38
C ILE A 566 4.07 -37.78 30.24
N MET A 567 4.24 -36.54 29.79
CA MET A 567 5.09 -36.27 28.63
C MET A 567 6.58 -36.36 28.98
N GLN A 568 6.90 -36.09 30.23
CA GLN A 568 8.22 -36.35 30.75
C GLN A 568 8.05 -37.20 32.00
N GLY A 569 7.72 -38.46 31.75
CA GLY A 569 7.43 -39.42 32.81
C GLY A 569 8.03 -40.71 32.30
N THR A 570 7.64 -41.83 32.89
CA THR A 570 8.19 -43.11 32.46
C THR A 570 7.52 -43.56 31.16
N GLY A 571 8.23 -44.36 30.39
CA GLY A 571 7.71 -44.90 29.14
C GLY A 571 6.40 -45.63 29.31
N GLU A 572 6.30 -46.49 30.33
CA GLU A 572 5.08 -47.24 30.59
C GLU A 572 3.88 -46.31 30.71
N GLU A 573 4.05 -45.24 31.49
CA GLU A 573 3.00 -44.25 31.65
C GLU A 573 2.56 -43.66 30.32
N LEU A 574 3.53 -43.19 29.54
CA LEU A 574 3.24 -42.58 28.25
C LEU A 574 2.42 -43.49 27.34
N PHE A 575 2.85 -44.74 27.19
CA PHE A 575 2.14 -45.67 26.31
C PHE A 575 0.87 -46.22 26.94
N ASP A 576 0.82 -46.23 28.27
CA ASP A 576 -0.40 -46.59 28.97
C ASP A 576 -1.45 -45.52 28.68
N HIS A 577 -1.01 -44.28 28.65
CA HIS A 577 -1.88 -43.16 28.35
C HIS A 577 -2.34 -43.24 26.90
N ILE A 578 -1.39 -43.42 25.99
CA ILE A 578 -1.70 -43.53 24.58
C ILE A 578 -2.77 -44.59 24.36
N VAL A 579 -2.52 -45.79 24.88
CA VAL A 579 -3.45 -46.90 24.71
C VAL A 579 -4.79 -46.58 25.34
N SER A 580 -4.76 -45.94 26.50
CA SER A 580 -5.98 -45.50 27.15
C SER A 580 -6.78 -44.63 26.19
N CYS A 581 -6.08 -43.74 25.48
CA CYS A 581 -6.71 -42.88 24.49
C CYS A 581 -7.25 -43.68 23.32
N ILE A 582 -6.50 -44.70 22.90
CA ILE A 582 -6.97 -45.57 21.84
C ILE A 582 -8.29 -46.21 22.25
N SER A 583 -8.32 -46.74 23.47
CA SER A 583 -9.54 -47.35 23.99
C SER A 583 -10.72 -46.41 23.84
N ASP A 584 -10.57 -45.20 24.38
CA ASP A 584 -11.61 -44.20 24.33
C ASP A 584 -12.11 -43.96 22.90
N PHE A 585 -11.17 -43.80 21.96
CA PHE A 585 -11.50 -43.53 20.57
C PHE A 585 -12.29 -44.68 19.94
N LEU A 586 -11.94 -45.91 20.30
CA LEU A 586 -12.65 -47.08 19.78
C LEU A 586 -14.11 -47.08 20.23
N ASP A 587 -14.34 -46.67 21.47
CA ASP A 587 -15.69 -46.49 21.98
C ASP A 587 -16.38 -45.42 21.15
N TYR A 588 -15.74 -44.26 21.09
CA TYR A 588 -16.21 -43.10 20.34
C TYR A 588 -16.68 -43.47 18.93
N MET A 589 -15.86 -44.24 18.23
CA MET A 589 -16.19 -44.60 16.86
C MET A 589 -17.21 -45.74 16.80
N GLY A 590 -17.44 -46.39 17.94
CA GLY A 590 -18.35 -47.53 18.00
C GLY A 590 -17.78 -48.74 17.28
N ILE A 591 -16.48 -48.95 17.43
CA ILE A 591 -15.79 -50.02 16.71
C ILE A 591 -14.99 -50.90 17.64
N LYS A 592 -15.29 -50.84 18.94
CA LYS A 592 -14.64 -51.71 19.90
C LYS A 592 -14.97 -53.16 19.59
N GLY A 593 -13.95 -54.02 19.58
CA GLY A 593 -14.14 -55.43 19.29
C GLY A 593 -13.14 -55.98 18.29
N PRO A 594 -13.40 -55.74 16.99
CA PRO A 594 -12.55 -56.22 15.91
C PRO A 594 -11.09 -55.88 16.11
N ARG A 595 -10.21 -56.74 15.60
CA ARG A 595 -8.78 -56.48 15.63
C ARG A 595 -8.41 -55.70 14.37
N MET A 596 -8.09 -54.41 14.54
CA MET A 596 -7.79 -53.54 13.40
C MET A 596 -6.29 -53.29 13.22
N PRO A 597 -5.87 -53.06 11.98
CA PRO A 597 -4.48 -52.70 11.68
C PRO A 597 -4.23 -51.25 12.06
N LEU A 598 -3.01 -50.93 12.47
CA LEU A 598 -2.72 -49.59 12.96
C LEU A 598 -1.43 -48.99 12.42
N GLY A 599 -1.55 -47.79 11.85
CA GLY A 599 -0.40 -47.02 11.42
C GLY A 599 -0.04 -46.06 12.54
N PHE A 600 1.21 -46.12 12.96
CA PHE A 600 1.66 -45.33 14.10
C PHE A 600 2.59 -44.21 13.65
N THR A 601 2.06 -43.00 13.54
CA THR A 601 2.89 -41.86 13.19
C THR A 601 3.59 -41.36 14.44
N PHE A 602 4.88 -41.65 14.51
CA PHE A 602 5.69 -41.30 15.66
C PHE A 602 6.77 -40.39 15.12
N SER A 603 6.80 -39.14 15.57
CA SER A 603 7.62 -38.12 14.91
C SER A 603 8.93 -37.83 15.63
N PHE A 604 9.78 -38.83 15.69
CA PHE A 604 11.09 -38.73 16.32
C PHE A 604 11.95 -39.71 15.56
N PRO A 605 13.26 -39.52 15.58
CA PRO A 605 14.12 -40.40 14.80
C PRO A 605 14.08 -41.84 15.28
N CYS A 606 13.80 -42.78 14.36
CA CYS A 606 13.76 -44.20 14.69
C CYS A 606 14.61 -45.04 13.75
N GLN A 607 15.35 -45.99 14.33
CA GLN A 607 16.13 -46.93 13.53
C GLN A 607 15.23 -48.10 13.16
N GLN A 608 15.03 -48.33 11.87
CA GLN A 608 14.07 -49.35 11.42
C GLN A 608 14.71 -50.51 10.67
N THR A 609 14.26 -51.72 10.99
CA THR A 609 14.73 -52.92 10.32
C THR A 609 13.66 -53.40 9.36
N SER A 610 12.43 -52.95 9.61
CA SER A 610 11.28 -53.29 8.79
C SER A 610 10.21 -52.25 9.07
N LEU A 611 9.18 -52.22 8.23
CA LEU A 611 8.12 -51.23 8.39
C LEU A 611 7.52 -51.22 9.79
N ASP A 612 7.41 -52.39 10.41
CA ASP A 612 6.70 -52.47 11.69
C ASP A 612 7.60 -52.49 12.92
N ALA A 613 8.88 -52.19 12.75
CA ALA A 613 9.79 -52.08 13.88
C ALA A 613 10.55 -50.75 13.80
N GLY A 614 10.58 -50.03 14.91
CA GLY A 614 11.29 -48.75 14.94
C GLY A 614 11.87 -48.51 16.32
N ILE A 615 13.19 -48.35 16.39
CA ILE A 615 13.84 -48.14 17.67
C ILE A 615 14.19 -46.68 17.88
N LEU A 616 13.59 -46.08 18.90
CA LEU A 616 13.79 -44.67 19.19
C LEU A 616 15.27 -44.38 19.37
N ILE A 617 15.80 -43.48 18.55
CA ILE A 617 17.22 -43.13 18.60
C ILE A 617 17.51 -42.10 19.69
N THR A 618 16.63 -41.11 19.81
CA THR A 618 16.78 -40.03 20.77
C THR A 618 15.49 -39.21 20.81
N TRP A 619 15.14 -38.67 21.97
CA TRP A 619 14.00 -37.77 22.02
C TRP A 619 14.37 -36.44 21.36
N THR A 620 13.38 -35.77 20.79
CA THR A 620 13.60 -34.44 20.24
C THR A 620 12.43 -33.55 20.65
N LYS A 621 12.54 -32.27 20.37
CA LYS A 621 11.48 -31.33 20.70
C LYS A 621 11.23 -31.31 22.20
N GLY A 622 9.98 -31.44 22.61
CA GLY A 622 9.63 -31.32 24.02
C GLY A 622 9.51 -32.62 24.79
N PHE A 623 9.78 -33.73 24.14
CA PHE A 623 9.59 -35.04 24.75
C PHE A 623 10.84 -35.63 25.38
N LYS A 624 10.72 -36.04 26.64
CA LYS A 624 11.74 -36.85 27.28
C LYS A 624 11.05 -37.82 28.20
N ALA A 625 10.71 -39.00 27.70
CA ALA A 625 10.11 -40.01 28.56
C ALA A 625 11.19 -41.03 28.91
N THR A 626 11.23 -41.42 30.18
CA THR A 626 12.25 -42.36 30.63
C THR A 626 12.00 -43.75 30.07
N ASP A 627 13.08 -44.49 29.85
CA ASP A 627 13.00 -45.87 29.36
C ASP A 627 12.29 -45.98 28.02
N CYS A 628 12.63 -45.09 27.08
CA CYS A 628 12.09 -45.15 25.74
C CYS A 628 13.19 -45.23 24.71
N VAL A 629 14.17 -44.36 24.86
CA VAL A 629 15.32 -44.37 23.97
C VAL A 629 15.98 -45.74 23.98
N GLY A 630 16.10 -46.36 22.81
CA GLY A 630 16.73 -47.67 22.71
C GLY A 630 15.74 -48.79 22.47
N HIS A 631 14.50 -48.57 22.91
CA HIS A 631 13.45 -49.57 22.72
C HIS A 631 12.76 -49.41 21.37
N ASP A 632 12.13 -50.50 20.92
CA ASP A 632 11.28 -50.47 19.74
C ASP A 632 9.92 -49.92 20.15
N VAL A 633 9.54 -48.77 19.62
CA VAL A 633 8.29 -48.12 20.04
C VAL A 633 7.05 -48.96 19.74
N VAL A 634 7.15 -49.83 18.74
CA VAL A 634 6.04 -50.71 18.41
C VAL A 634 5.88 -51.78 19.48
N THR A 635 7.01 -52.15 20.08
CA THR A 635 6.99 -53.08 21.19
C THR A 635 6.38 -52.39 22.41
N LEU A 636 6.87 -51.22 22.73
CA LEU A 636 6.35 -50.45 23.87
C LEU A 636 4.83 -50.32 23.76
N LEU A 637 4.35 -50.17 22.53
CA LEU A 637 2.92 -50.02 22.29
C LEU A 637 2.17 -51.32 22.54
N ARG A 638 2.64 -52.40 21.92
CA ARG A 638 2.04 -53.72 22.11
C ARG A 638 1.97 -54.10 23.59
N ASP A 639 3.02 -53.76 24.34
CA ASP A 639 3.07 -54.02 25.77
C ASP A 639 1.88 -53.35 26.47
N ALA A 640 1.76 -52.04 26.27
CA ALA A 640 0.69 -51.27 26.89
C ALA A 640 -0.67 -51.82 26.49
N ILE A 641 -0.73 -52.45 25.32
CA ILE A 641 -1.98 -53.03 24.84
C ILE A 641 -2.30 -54.32 25.61
N LYS A 642 -1.30 -55.17 25.77
CA LYS A 642 -1.45 -56.39 26.55
C LYS A 642 -1.75 -56.05 28.00
N ARG A 643 -1.08 -55.02 28.51
CA ARG A 643 -1.27 -54.59 29.89
C ARG A 643 -2.72 -54.22 30.19
N ARG A 644 -3.32 -53.40 29.33
CA ARG A 644 -4.70 -53.01 29.54
C ARG A 644 -5.61 -54.21 29.30
N GLU A 645 -5.36 -54.89 28.19
CA GLU A 645 -5.99 -56.17 27.94
C GLU A 645 -7.44 -56.06 27.50
N GLU A 646 -7.90 -54.85 27.26
CA GLU A 646 -9.26 -54.64 26.81
C GLU A 646 -9.48 -55.23 25.43
N PHE A 647 -8.57 -54.92 24.52
CA PHE A 647 -8.78 -55.18 23.11
C PHE A 647 -7.45 -55.52 22.45
N ASP A 648 -7.52 -55.98 21.21
CA ASP A 648 -6.31 -56.33 20.48
C ASP A 648 -6.13 -55.43 19.28
N LEU A 649 -4.88 -55.13 18.95
CA LEU A 649 -4.56 -54.41 17.73
C LEU A 649 -3.43 -55.07 16.98
N ASP A 650 -3.44 -54.89 15.67
CA ASP A 650 -2.35 -55.37 14.82
C ASP A 650 -1.54 -54.17 14.31
N VAL A 651 -0.54 -53.76 15.08
CA VAL A 651 0.30 -52.64 14.68
C VAL A 651 1.14 -53.00 13.48
N VAL A 652 0.77 -52.46 12.32
CA VAL A 652 1.43 -52.79 11.07
C VAL A 652 2.61 -51.89 10.71
N ALA A 653 2.58 -50.63 11.16
CA ALA A 653 3.61 -49.70 10.73
C ALA A 653 3.92 -48.59 11.71
N VAL A 654 5.15 -48.09 11.62
CA VAL A 654 5.56 -46.90 12.35
C VAL A 654 6.14 -45.93 11.33
N VAL A 655 5.62 -44.71 11.32
CA VAL A 655 5.97 -43.75 10.30
C VAL A 655 6.31 -42.39 10.89
N ASN A 656 7.32 -41.73 10.30
CA ASN A 656 7.64 -40.36 10.64
C ASN A 656 6.64 -39.43 9.97
N ASP A 657 6.37 -38.28 10.58
CA ASP A 657 5.36 -37.37 10.03
C ASP A 657 5.75 -36.81 8.65
N THR A 658 7.04 -36.72 8.37
CA THR A 658 7.51 -36.29 7.06
C THR A 658 6.95 -37.24 6.00
N VAL A 659 7.22 -38.52 6.20
CA VAL A 659 6.79 -39.57 5.28
C VAL A 659 5.27 -39.64 5.21
N GLY A 660 4.62 -39.61 6.37
CA GLY A 660 3.16 -39.62 6.42
C GLY A 660 2.61 -38.50 5.56
N THR A 661 3.23 -37.32 5.68
CA THR A 661 2.82 -36.15 4.94
C THR A 661 3.02 -36.32 3.44
N MET A 662 4.18 -36.86 3.04
CA MET A 662 4.47 -37.06 1.63
C MET A 662 3.44 -38.01 1.01
N MET A 663 3.13 -39.09 1.72
CA MET A 663 2.16 -40.07 1.25
C MET A 663 0.76 -39.47 1.20
N THR A 664 0.42 -38.64 2.18
CA THR A 664 -0.88 -37.97 2.20
C THR A 664 -1.07 -37.17 0.91
N CYS A 665 -0.03 -36.44 0.51
CA CYS A 665 -0.10 -35.62 -0.68
C CYS A 665 0.08 -36.44 -1.97
N ALA A 666 0.90 -37.49 -1.89
CA ALA A 666 1.12 -38.34 -3.05
C ALA A 666 -0.18 -38.98 -3.53
N TYR A 667 -1.09 -39.18 -2.59
CA TYR A 667 -2.38 -39.78 -2.90
C TYR A 667 -3.03 -39.15 -4.14
N GLU A 668 -3.03 -37.82 -4.19
CA GLU A 668 -3.68 -37.09 -5.29
C GLU A 668 -2.65 -36.51 -6.25
N GLU A 669 -1.41 -36.42 -5.79
CA GLU A 669 -0.36 -35.79 -6.58
C GLU A 669 0.79 -36.76 -6.82
N PRO A 670 0.78 -37.46 -7.95
CA PRO A 670 1.79 -38.46 -8.25
C PRO A 670 3.20 -37.87 -8.46
N THR A 671 3.29 -36.55 -8.60
CA THR A 671 4.59 -35.91 -8.73
C THR A 671 5.26 -35.66 -7.38
N CYS A 672 4.52 -35.91 -6.30
CA CYS A 672 5.04 -35.67 -4.96
C CYS A 672 5.94 -36.80 -4.50
N GLU A 673 7.16 -36.45 -4.12
CA GLU A 673 8.14 -37.43 -3.69
C GLU A 673 9.01 -36.88 -2.57
N VAL A 674 8.55 -35.79 -1.98
CA VAL A 674 9.25 -35.14 -0.88
C VAL A 674 8.26 -34.76 0.22
N GLY A 675 8.66 -34.94 1.47
CA GLY A 675 7.84 -34.54 2.61
C GLY A 675 8.56 -33.55 3.51
N LEU A 676 7.95 -32.40 3.74
CA LEU A 676 8.52 -31.35 4.56
C LEU A 676 7.64 -31.00 5.77
N ILE A 677 8.24 -31.01 6.97
CA ILE A 677 7.55 -30.56 8.17
C ILE A 677 8.21 -29.31 8.75
N VAL A 678 7.45 -28.23 8.89
CA VAL A 678 7.95 -27.04 9.57
C VAL A 678 6.93 -26.59 10.61
N GLY A 679 6.97 -27.26 11.76
CA GLY A 679 6.04 -26.96 12.85
C GLY A 679 6.81 -26.85 14.15
N THR A 680 6.44 -27.67 15.13
CA THR A 680 7.18 -27.71 16.38
C THR A 680 8.66 -27.95 16.06
N GLY A 681 8.93 -28.97 15.25
CA GLY A 681 10.27 -29.24 14.77
C GLY A 681 10.31 -29.10 13.25
N SER A 682 11.45 -29.40 12.65
CA SER A 682 11.57 -29.36 11.20
C SER A 682 12.36 -30.54 10.68
N ASN A 683 11.88 -31.12 9.58
CA ASN A 683 12.48 -32.32 9.04
C ASN A 683 11.96 -32.59 7.63
N ALA A 684 12.69 -33.37 6.85
CA ALA A 684 12.28 -33.70 5.48
C ALA A 684 12.50 -35.16 5.13
N CYS A 685 11.77 -35.63 4.13
CA CYS A 685 11.95 -36.98 3.59
C CYS A 685 11.80 -36.94 2.09
N TYR A 686 12.39 -37.92 1.40
CA TYR A 686 12.27 -37.97 -0.05
C TYR A 686 12.51 -39.37 -0.56
N MET A 687 12.10 -39.62 -1.79
CA MET A 687 12.32 -40.91 -2.44
C MET A 687 13.75 -41.04 -2.95
N GLU A 688 14.49 -42.00 -2.39
CA GLU A 688 15.88 -42.24 -2.78
C GLU A 688 16.01 -43.55 -3.55
N GLU A 689 17.05 -43.67 -4.36
CA GLU A 689 17.33 -44.90 -5.09
C GLU A 689 17.97 -45.92 -4.15
N MET A 690 17.46 -47.14 -4.18
CA MET A 690 17.96 -48.19 -3.30
C MET A 690 19.46 -48.44 -3.42
N LYS A 691 20.02 -48.24 -4.61
CA LYS A 691 21.43 -48.44 -4.81
C LYS A 691 22.23 -47.45 -3.95
N ASN A 692 21.59 -46.37 -3.55
CA ASN A 692 22.23 -45.34 -2.73
C ASN A 692 22.04 -45.58 -1.24
N VAL A 693 20.95 -46.25 -0.88
CA VAL A 693 20.70 -46.57 0.52
C VAL A 693 21.53 -47.77 0.93
N GLU A 694 22.83 -47.55 1.12
CA GLU A 694 23.76 -48.62 1.45
C GLU A 694 23.43 -49.33 2.77
N MET A 695 22.50 -48.77 3.55
CA MET A 695 22.16 -49.36 4.85
C MET A 695 21.06 -50.42 4.74
N VAL A 696 20.41 -50.50 3.59
CA VAL A 696 19.41 -51.52 3.34
C VAL A 696 19.79 -52.35 2.12
N GLU A 697 19.92 -53.66 2.31
CA GLU A 697 20.33 -54.56 1.24
C GLU A 697 19.40 -54.48 0.04
N GLY A 698 19.99 -54.51 -1.16
CA GLY A 698 19.22 -54.43 -2.39
C GLY A 698 19.40 -53.10 -3.05
N ASP A 699 19.52 -53.09 -4.38
CA ASP A 699 19.70 -51.86 -5.13
C ASP A 699 18.65 -51.70 -6.21
N GLN A 700 17.50 -52.35 -6.00
CA GLN A 700 16.39 -52.24 -6.93
C GLN A 700 15.28 -51.36 -6.35
N GLY A 701 14.73 -50.48 -7.19
CA GLY A 701 13.62 -49.63 -6.80
C GLY A 701 14.02 -48.45 -5.92
N GLN A 702 13.08 -48.00 -5.10
CA GLN A 702 13.29 -46.83 -4.27
C GLN A 702 12.86 -47.08 -2.84
N MET A 703 13.21 -46.13 -1.98
CA MET A 703 12.72 -46.12 -0.61
C MET A 703 12.69 -44.69 -0.08
N CYS A 704 11.66 -44.38 0.68
CA CYS A 704 11.56 -43.06 1.27
C CYS A 704 12.56 -42.97 2.41
N ILE A 705 13.32 -41.89 2.43
CA ILE A 705 14.33 -41.70 3.44
C ILE A 705 13.94 -40.58 4.39
N ASN A 706 13.75 -40.91 5.66
CA ASN A 706 13.55 -39.92 6.70
C ASN A 706 14.89 -39.32 7.04
N MET A 707 15.17 -38.13 6.50
CA MET A 707 16.47 -37.51 6.66
C MET A 707 16.81 -37.21 8.11
N GLU A 708 15.83 -36.78 8.89
CA GLU A 708 16.10 -36.31 10.24
C GLU A 708 17.11 -35.15 10.19
N TRP A 709 16.81 -34.16 9.36
CA TRP A 709 17.78 -33.10 9.09
C TRP A 709 17.96 -32.04 10.18
N GLY A 710 17.15 -32.13 11.23
CA GLY A 710 17.24 -31.19 12.34
C GLY A 710 18.59 -31.27 13.03
N ALA A 711 19.20 -32.45 12.94
CA ALA A 711 20.49 -32.70 13.58
C ALA A 711 21.66 -32.18 12.76
N PHE A 712 21.34 -31.66 11.58
CA PHE A 712 22.33 -30.98 10.75
C PHE A 712 22.97 -29.90 11.62
N GLY A 713 24.30 -29.83 11.62
CA GLY A 713 25.03 -28.84 12.40
C GLY A 713 25.48 -29.37 13.75
N ASP A 714 25.04 -30.58 14.10
CA ASP A 714 25.39 -31.16 15.40
C ASP A 714 26.87 -31.57 15.47
N ASN A 715 27.48 -31.75 14.31
CA ASN A 715 28.91 -32.05 14.23
C ASN A 715 29.70 -30.75 14.12
N GLY A 716 28.99 -29.62 14.23
CA GLY A 716 29.63 -28.32 14.20
C GLY A 716 29.63 -27.63 12.85
N CYS A 717 29.18 -28.32 11.80
CA CYS A 717 29.29 -27.78 10.44
C CYS A 717 28.53 -26.47 10.20
N LEU A 718 27.89 -25.95 11.23
CA LEU A 718 27.15 -24.70 11.09
C LEU A 718 27.54 -23.65 12.12
N ASP A 719 28.51 -23.98 12.98
CA ASP A 719 28.96 -23.04 14.01
C ASP A 719 29.29 -21.75 13.31
N ASP A 720 29.61 -21.91 12.04
CA ASP A 720 29.91 -20.87 11.10
C ASP A 720 28.88 -19.74 11.08
N ILE A 721 27.60 -20.10 11.20
CA ILE A 721 26.53 -19.12 11.07
C ILE A 721 25.64 -19.03 12.29
N ARG A 722 25.88 -19.87 13.28
CA ARG A 722 25.12 -19.82 14.51
C ARG A 722 25.58 -18.62 15.34
N THR A 723 24.64 -17.96 16.00
CA THR A 723 24.94 -16.74 16.71
C THR A 723 24.96 -16.97 18.22
N HIS A 724 25.30 -15.91 18.94
CA HIS A 724 25.28 -15.89 20.38
C HIS A 724 23.90 -16.32 20.89
N TYR A 725 22.86 -15.84 20.22
CA TYR A 725 21.49 -16.16 20.64
C TYR A 725 21.08 -17.59 20.30
N ASP A 726 21.64 -18.13 19.22
CA ASP A 726 21.35 -19.51 18.85
C ASP A 726 21.95 -20.45 19.89
N ARG A 727 23.16 -20.12 20.35
CA ARG A 727 23.83 -20.94 21.35
C ARG A 727 23.12 -20.90 22.70
N LEU A 728 22.60 -19.73 23.06
CA LEU A 728 21.83 -19.62 24.29
C LEU A 728 20.60 -20.50 24.26
N VAL A 729 19.85 -20.46 23.16
CA VAL A 729 18.67 -21.31 23.02
C VAL A 729 19.03 -22.79 23.08
N ASP A 730 20.07 -23.19 22.36
CA ASP A 730 20.54 -24.56 22.39
C ASP A 730 20.99 -24.95 23.78
N GLU A 731 21.74 -24.07 24.42
CA GLU A 731 22.36 -24.38 25.71
C GLU A 731 21.33 -24.57 26.81
N TYR A 732 20.19 -23.89 26.71
CA TYR A 732 19.15 -23.98 27.73
C TYR A 732 18.03 -24.93 27.34
N SER A 733 18.16 -25.62 26.20
CA SER A 733 17.12 -26.53 25.75
C SER A 733 17.21 -27.88 26.45
N LEU A 734 16.20 -28.72 26.23
CA LEU A 734 16.17 -30.05 26.78
C LEU A 734 17.25 -30.94 26.18
N ASN A 735 17.72 -30.57 24.99
CA ASN A 735 18.71 -31.38 24.30
C ASN A 735 19.89 -30.55 23.78
N ALA A 736 20.63 -29.95 24.70
CA ALA A 736 21.76 -29.12 24.33
C ALA A 736 22.76 -29.84 23.43
N GLY A 737 23.10 -29.20 22.31
CA GLY A 737 24.09 -29.76 21.40
C GLY A 737 23.46 -30.47 20.22
N LYS A 738 22.19 -30.82 20.35
CA LYS A 738 21.52 -31.60 19.30
C LYS A 738 20.43 -30.82 18.59
N GLN A 739 20.10 -31.25 17.38
CA GLN A 739 19.07 -30.61 16.56
C GLN A 739 19.32 -29.12 16.29
N ARG A 740 20.58 -28.75 16.08
CA ARG A 740 20.93 -27.33 15.91
C ARG A 740 20.28 -26.66 14.70
N TYR A 741 20.23 -27.37 13.58
CA TYR A 741 19.60 -26.85 12.37
C TYR A 741 18.13 -26.54 12.63
N GLU A 742 17.44 -27.52 13.22
CA GLU A 742 16.02 -27.39 13.56
C GLU A 742 15.78 -26.22 14.49
N LYS A 743 16.74 -25.99 15.39
CA LYS A 743 16.62 -24.96 16.40
C LYS A 743 16.75 -23.56 15.81
N MET A 744 17.13 -23.48 14.53
CA MET A 744 17.21 -22.20 13.84
C MET A 744 16.03 -22.01 12.91
N ILE A 745 15.15 -23.00 12.88
CA ILE A 745 14.04 -23.01 11.91
C ILE A 745 12.64 -23.12 12.51
N SER A 746 12.45 -24.03 13.47
CA SER A 746 11.09 -24.42 13.85
C SER A 746 10.43 -23.56 14.93
N GLY A 747 9.11 -23.68 15.01
CA GLY A 747 8.29 -22.82 15.87
C GLY A 747 8.52 -22.97 17.35
N MET A 748 8.98 -24.15 17.77
CA MET A 748 9.26 -24.37 19.17
C MET A 748 10.43 -23.49 19.63
N TYR A 749 11.26 -23.06 18.68
CA TYR A 749 12.51 -22.38 19.02
C TYR A 749 12.63 -20.93 18.53
N LEU A 750 12.05 -20.61 17.38
CA LEU A 750 12.21 -19.27 16.83
C LEU A 750 11.93 -18.19 17.87
N GLY A 751 10.83 -18.35 18.59
CA GLY A 751 10.43 -17.40 19.63
C GLY A 751 11.52 -17.18 20.67
N GLU A 752 12.18 -18.27 21.08
CA GLU A 752 13.23 -18.19 22.09
C GLU A 752 14.42 -17.39 21.59
N ILE A 753 14.71 -17.49 20.30
CA ILE A 753 15.80 -16.70 19.73
C ILE A 753 15.41 -15.23 19.83
N VAL A 754 14.21 -14.92 19.36
CA VAL A 754 13.71 -13.57 19.42
C VAL A 754 13.77 -13.07 20.86
N ARG A 755 13.26 -13.89 21.78
CA ARG A 755 13.25 -13.51 23.18
C ARG A 755 14.65 -13.12 23.68
N ASN A 756 15.63 -13.97 23.41
CA ASN A 756 17.01 -13.69 23.83
C ASN A 756 17.55 -12.40 23.24
N ILE A 757 17.28 -12.17 21.96
CA ILE A 757 17.73 -10.95 21.33
C ILE A 757 17.16 -9.75 22.10
N LEU A 758 15.86 -9.80 22.36
CA LEU A 758 15.18 -8.73 23.09
C LEU A 758 15.75 -8.52 24.50
N ILE A 759 16.12 -9.60 25.17
CA ILE A 759 16.74 -9.45 26.48
C ILE A 759 18.05 -8.67 26.34
N ASP A 760 18.89 -9.11 25.41
CA ASP A 760 20.15 -8.43 25.14
C ASP A 760 19.94 -6.95 24.82
N PHE A 761 18.98 -6.68 23.94
CA PHE A 761 18.70 -5.30 23.53
C PHE A 761 18.21 -4.44 24.70
N THR A 762 17.49 -5.06 25.63
CA THR A 762 16.96 -4.35 26.78
C THR A 762 18.07 -3.98 27.76
N LYS A 763 18.96 -4.93 28.02
CA LYS A 763 20.14 -4.65 28.85
C LYS A 763 20.97 -3.54 28.21
N LYS A 764 20.97 -3.48 26.89
CA LYS A 764 21.74 -2.47 26.17
C LYS A 764 21.05 -1.11 26.26
N GLY A 765 19.80 -1.11 26.71
CA GLY A 765 19.03 0.12 26.82
C GLY A 765 18.32 0.53 25.54
N PHE A 766 18.25 -0.41 24.59
CA PHE A 766 17.60 -0.13 23.30
C PHE A 766 16.09 -0.30 23.39
N LEU A 767 15.65 -1.10 24.35
CA LEU A 767 14.26 -1.52 24.44
C LEU A 767 13.69 -1.39 25.82
N PHE A 768 12.39 -1.11 25.90
CA PHE A 768 11.67 -1.19 27.16
C PHE A 768 12.32 -0.36 28.25
N ARG A 769 12.84 0.80 27.87
CA ARG A 769 13.42 1.69 28.85
C ARG A 769 14.50 0.97 29.63
N GLY A 770 14.95 -0.16 29.08
CA GLY A 770 16.04 -0.92 29.67
C GLY A 770 15.61 -1.81 30.83
N GLN A 771 14.31 -2.01 31.00
CA GLN A 771 13.83 -2.83 32.11
C GLN A 771 13.41 -4.23 31.69
N ILE A 772 14.15 -5.23 32.16
CA ILE A 772 13.85 -6.61 31.80
C ILE A 772 12.65 -7.14 32.57
N SER A 773 11.50 -7.17 31.89
CA SER A 773 10.25 -7.61 32.49
C SER A 773 10.31 -9.07 32.95
N GLU A 774 9.55 -9.38 33.99
CA GLU A 774 9.47 -10.74 34.50
C GLU A 774 8.88 -11.63 33.41
N THR A 775 8.05 -11.02 32.57
CA THR A 775 7.44 -11.71 31.45
C THR A 775 8.49 -12.06 30.41
N LEU A 776 9.34 -11.09 30.10
CA LEU A 776 10.39 -11.26 29.10
C LEU A 776 11.34 -12.39 29.48
N LYS A 777 11.30 -12.79 30.75
CA LYS A 777 12.16 -13.85 31.24
C LYS A 777 11.44 -15.19 31.22
N THR A 778 10.16 -15.15 30.86
CA THR A 778 9.39 -16.37 30.73
C THR A 778 9.71 -17.00 29.37
N ARG A 779 10.21 -18.23 29.38
CA ARG A 779 10.51 -18.92 28.14
C ARG A 779 9.23 -19.38 27.47
N GLY A 780 9.23 -19.38 26.14
CA GLY A 780 8.06 -19.81 25.36
C GLY A 780 7.05 -18.70 25.14
N ILE A 781 7.39 -17.50 25.57
CA ILE A 781 6.48 -16.37 25.50
C ILE A 781 6.07 -16.04 24.06
N PHE A 782 7.04 -16.12 23.14
CA PHE A 782 6.77 -15.81 21.74
C PHE A 782 6.42 -17.04 20.91
N GLU A 783 5.22 -17.58 21.14
CA GLU A 783 4.74 -18.74 20.38
C GLU A 783 4.65 -18.47 18.89
N THR A 784 4.52 -19.55 18.12
CA THR A 784 4.33 -19.46 16.68
C THR A 784 3.21 -18.50 16.33
N LYS A 785 2.12 -18.61 17.08
CA LYS A 785 0.94 -17.78 16.90
C LYS A 785 1.27 -16.30 17.03
N PHE A 786 1.99 -15.94 18.10
CA PHE A 786 2.34 -14.54 18.32
C PHE A 786 3.20 -14.00 17.20
N LEU A 787 4.26 -14.75 16.86
CA LEU A 787 5.19 -14.34 15.80
C LEU A 787 4.47 -14.13 14.48
N SER A 788 3.52 -15.01 14.19
CA SER A 788 2.76 -14.92 12.95
C SER A 788 1.93 -13.63 12.91
N GLN A 789 1.28 -13.31 14.04
CA GLN A 789 0.48 -12.10 14.14
C GLN A 789 1.34 -10.85 14.04
N ILE A 790 2.45 -10.84 14.77
CA ILE A 790 3.31 -9.67 14.83
C ILE A 790 3.88 -9.28 13.45
N GLU A 791 4.02 -10.25 12.57
CA GLU A 791 4.68 -10.01 11.29
C GLU A 791 3.70 -9.79 10.14
N SER A 792 2.42 -9.91 10.44
CA SER A 792 1.37 -9.68 9.45
C SER A 792 1.61 -8.36 8.71
N ASP A 793 1.25 -8.30 7.44
CA ASP A 793 1.48 -7.11 6.63
C ASP A 793 0.49 -5.98 6.91
N ARG A 794 0.91 -4.76 6.59
CA ARG A 794 0.08 -3.58 6.77
C ARG A 794 -0.61 -3.57 8.14
N LEU A 795 0.04 -4.20 9.11
CA LEU A 795 -0.50 -4.26 10.47
C LEU A 795 -0.05 -3.03 11.26
N ALA A 796 -0.99 -2.11 11.50
CA ALA A 796 -0.68 -0.87 12.19
C ALA A 796 0.14 -1.10 13.46
N LEU A 797 1.10 -0.21 13.69
CA LEU A 797 1.93 -0.28 14.90
C LEU A 797 1.05 -0.38 16.12
N LEU A 798 -0.06 0.34 16.12
CA LEU A 798 -0.99 0.35 17.23
C LEU A 798 -1.43 -1.07 17.57
N GLN A 799 -1.70 -1.87 16.55
CA GLN A 799 -2.08 -3.26 16.75
C GLN A 799 -0.90 -4.06 17.30
N VAL A 800 0.27 -3.88 16.70
CA VAL A 800 1.47 -4.56 17.16
C VAL A 800 1.68 -4.29 18.65
N ARG A 801 1.79 -3.02 19.00
CA ARG A 801 1.96 -2.63 20.40
C ARG A 801 0.86 -3.23 21.26
N ALA A 802 -0.34 -3.33 20.70
CA ALA A 802 -1.45 -3.94 21.41
C ALA A 802 -1.14 -5.40 21.72
N ILE A 803 -0.63 -6.13 20.73
CA ILE A 803 -0.28 -7.53 20.93
C ILE A 803 0.79 -7.71 22.01
N LEU A 804 1.81 -6.85 21.96
CA LEU A 804 2.90 -6.92 22.93
C LEU A 804 2.41 -6.68 24.35
N GLN A 805 1.54 -5.70 24.52
CA GLN A 805 0.94 -5.45 25.81
C GLN A 805 0.06 -6.62 26.24
N GLN A 806 -0.50 -7.32 25.25
CA GLN A 806 -1.27 -8.53 25.52
C GLN A 806 -0.41 -9.64 26.13
N LEU A 807 0.83 -9.75 25.68
CA LEU A 807 1.76 -10.75 26.21
C LEU A 807 2.23 -10.38 27.61
N GLY A 808 2.08 -9.10 27.94
CA GLY A 808 2.56 -8.58 29.21
C GLY A 808 3.71 -7.63 29.02
N LEU A 809 4.09 -7.41 27.76
CA LEU A 809 5.19 -6.52 27.45
C LEU A 809 4.73 -5.07 27.33
N ASN A 810 5.16 -4.25 28.28
CA ASN A 810 4.83 -2.83 28.30
C ASN A 810 5.72 -2.10 27.31
N SER A 811 5.21 -1.82 26.12
CA SER A 811 6.05 -1.26 25.06
C SER A 811 5.46 -0.06 24.33
N THR A 812 6.35 0.77 23.80
CA THR A 812 5.96 1.95 23.04
C THR A 812 6.01 1.67 21.55
N CYS A 813 5.66 2.66 20.74
CA CYS A 813 5.69 2.50 19.29
C CYS A 813 7.06 2.11 18.81
N ASP A 814 8.08 2.80 19.32
CA ASP A 814 9.46 2.54 18.91
C ASP A 814 9.85 1.11 19.31
N ASP A 815 9.50 0.71 20.52
CA ASP A 815 9.75 -0.65 20.96
C ASP A 815 9.10 -1.62 19.98
N SER A 816 7.81 -1.44 19.74
CA SER A 816 7.06 -2.28 18.85
C SER A 816 7.73 -2.43 17.49
N ILE A 817 8.22 -1.33 16.95
CA ILE A 817 8.91 -1.35 15.67
C ILE A 817 10.12 -2.28 15.74
N LEU A 818 10.92 -2.08 16.78
CA LEU A 818 12.15 -2.84 16.94
C LEU A 818 11.86 -4.33 17.09
N VAL A 819 10.85 -4.65 17.89
CA VAL A 819 10.48 -6.05 18.09
C VAL A 819 10.09 -6.68 16.75
N LYS A 820 9.24 -5.98 16.01
CA LYS A 820 8.75 -6.49 14.73
C LYS A 820 9.91 -6.76 13.80
N THR A 821 10.81 -5.79 13.70
CA THR A 821 12.01 -5.95 12.91
C THR A 821 12.73 -7.25 13.31
N VAL A 822 12.89 -7.44 14.61
CA VAL A 822 13.63 -8.59 15.12
C VAL A 822 12.99 -9.93 14.74
N CYS A 823 11.67 -10.02 14.90
CA CYS A 823 10.92 -11.22 14.53
C CYS A 823 11.07 -11.53 13.04
N GLY A 824 11.03 -10.50 12.22
CA GLY A 824 11.17 -10.68 10.77
C GLY A 824 12.56 -11.17 10.38
N VAL A 825 13.58 -10.69 11.09
CA VAL A 825 14.95 -11.10 10.79
C VAL A 825 15.16 -12.56 11.13
N VAL A 826 14.55 -13.00 12.23
CA VAL A 826 14.69 -14.37 12.70
C VAL A 826 13.92 -15.35 11.82
N SER A 827 12.71 -14.95 11.43
CA SER A 827 11.87 -15.83 10.63
C SER A 827 12.33 -15.86 9.19
N ARG A 828 12.84 -14.73 8.70
CA ARG A 828 13.42 -14.68 7.37
C ARG A 828 14.57 -15.68 7.28
N ARG A 829 15.46 -15.65 8.26
CA ARG A 829 16.61 -16.56 8.24
C ARG A 829 16.15 -18.01 8.33
N ALA A 830 15.08 -18.26 9.08
CA ALA A 830 14.57 -19.61 9.20
C ALA A 830 14.12 -20.13 7.83
N ALA A 831 13.36 -19.32 7.12
CA ALA A 831 12.87 -19.70 5.80
C ALA A 831 14.02 -19.91 4.81
N GLN A 832 15.06 -19.09 4.90
CA GLN A 832 16.19 -19.23 3.99
C GLN A 832 16.99 -20.50 4.25
N LEU A 833 17.19 -20.83 5.53
CA LEU A 833 17.95 -22.02 5.88
C LEU A 833 17.16 -23.27 5.49
N CYS A 834 15.86 -23.22 5.72
CA CYS A 834 14.99 -24.30 5.32
C CYS A 834 15.06 -24.46 3.79
N GLY A 835 15.05 -23.34 3.09
CA GLY A 835 15.17 -23.33 1.64
C GLY A 835 16.47 -23.94 1.13
N ALA A 836 17.56 -23.72 1.85
CA ALA A 836 18.85 -24.25 1.43
C ALA A 836 18.89 -25.77 1.55
N GLY A 837 18.23 -26.30 2.57
CA GLY A 837 18.18 -27.74 2.77
C GLY A 837 17.35 -28.40 1.69
N MET A 838 16.13 -27.88 1.51
CA MET A 838 15.23 -28.37 0.49
C MET A 838 15.87 -28.26 -0.89
N ALA A 839 16.62 -27.18 -1.12
CA ALA A 839 17.31 -26.98 -2.39
C ALA A 839 18.32 -28.10 -2.64
N ALA A 840 18.98 -28.55 -1.59
CA ALA A 840 19.94 -29.63 -1.72
C ALA A 840 19.23 -30.93 -2.05
N VAL A 841 18.09 -31.14 -1.39
CA VAL A 841 17.29 -32.34 -1.56
C VAL A 841 16.76 -32.50 -2.98
N VAL A 842 16.05 -31.50 -3.47
CA VAL A 842 15.47 -31.58 -4.81
C VAL A 842 16.55 -31.72 -5.86
N ASP A 843 17.71 -31.13 -5.60
CA ASP A 843 18.80 -31.15 -6.55
C ASP A 843 19.38 -32.55 -6.66
N LYS A 844 19.45 -33.24 -5.52
CA LYS A 844 19.95 -34.61 -5.52
C LYS A 844 18.98 -35.52 -6.27
N ILE A 845 17.68 -35.24 -6.15
CA ILE A 845 16.67 -36.01 -6.87
C ILE A 845 16.85 -35.83 -8.36
N ARG A 846 17.03 -34.57 -8.77
CA ARG A 846 17.25 -34.25 -10.18
C ARG A 846 18.42 -35.04 -10.73
N GLU A 847 19.54 -35.05 -10.01
CA GLU A 847 20.72 -35.78 -10.42
C GLU A 847 20.44 -37.28 -10.48
N ASN A 848 19.68 -37.77 -9.51
CA ASN A 848 19.33 -39.19 -9.44
C ASN A 848 18.62 -39.68 -10.70
N ARG A 849 17.74 -38.83 -11.24
CA ARG A 849 17.00 -39.18 -12.46
C ARG A 849 17.79 -38.78 -13.70
N GLY A 850 18.97 -38.19 -13.50
CA GLY A 850 19.78 -37.70 -14.60
C GLY A 850 19.03 -36.72 -15.49
N LEU A 851 18.42 -35.70 -14.88
CA LEU A 851 17.67 -34.69 -15.62
C LEU A 851 18.41 -33.36 -15.67
N ASP A 852 18.08 -32.53 -16.66
CA ASP A 852 18.60 -31.17 -16.76
C ASP A 852 17.67 -30.24 -15.99
N ARG A 853 16.39 -30.57 -16.03
CA ARG A 853 15.36 -29.84 -15.33
C ARG A 853 14.51 -30.87 -14.60
N LEU A 854 13.98 -30.49 -13.45
CA LEU A 854 13.13 -31.40 -12.69
C LEU A 854 11.92 -30.66 -12.13
N ASN A 855 10.74 -31.24 -12.36
CA ASN A 855 9.52 -30.78 -11.72
C ASN A 855 9.16 -31.76 -10.63
N VAL A 856 9.16 -31.29 -9.39
CA VAL A 856 8.84 -32.13 -8.27
C VAL A 856 7.96 -31.35 -7.32
N THR A 857 7.08 -32.05 -6.61
CA THR A 857 6.23 -31.37 -5.65
C THR A 857 6.51 -31.85 -4.24
N VAL A 858 6.51 -30.92 -3.30
CA VAL A 858 6.75 -31.22 -1.90
C VAL A 858 5.44 -31.19 -1.13
N GLY A 859 5.21 -32.20 -0.31
CA GLY A 859 4.08 -32.20 0.60
C GLY A 859 4.52 -31.56 1.91
N VAL A 860 3.83 -30.49 2.30
CA VAL A 860 4.22 -29.72 3.48
C VAL A 860 3.15 -29.72 4.57
N ASP A 861 3.62 -29.64 5.81
CA ASP A 861 2.74 -29.50 6.98
C ASP A 861 3.51 -28.84 8.12
N GLY A 862 2.78 -28.37 9.12
CA GLY A 862 3.40 -27.70 10.26
C GLY A 862 2.71 -26.37 10.58
N THR A 863 2.59 -26.07 11.87
CA THR A 863 1.90 -24.85 12.30
C THR A 863 2.64 -23.56 11.89
N LEU A 864 3.95 -23.53 12.06
CA LEU A 864 4.72 -22.36 11.61
C LEU A 864 4.52 -22.11 10.11
N TYR A 865 4.53 -23.18 9.32
CA TYR A 865 4.35 -23.06 7.87
C TYR A 865 2.97 -22.56 7.49
N LYS A 866 1.94 -23.10 8.15
CA LYS A 866 0.56 -22.69 7.89
C LYS A 866 0.25 -21.27 8.35
N LEU A 867 0.76 -20.89 9.52
CA LEU A 867 0.40 -19.61 10.13
C LEU A 867 1.24 -18.41 9.69
N HIS A 868 2.53 -18.63 9.47
CA HIS A 868 3.42 -17.51 9.21
C HIS A 868 3.17 -16.84 7.87
N PRO A 869 3.12 -15.50 7.86
CA PRO A 869 2.82 -14.72 6.67
C PRO A 869 3.97 -14.57 5.68
N HIS A 870 5.19 -14.93 6.06
CA HIS A 870 6.30 -14.80 5.13
C HIS A 870 7.12 -16.07 4.95
N PHE A 871 7.05 -16.98 5.91
CA PHE A 871 7.92 -18.15 5.90
C PHE A 871 7.89 -18.89 4.57
N SER A 872 6.71 -19.39 4.19
CA SER A 872 6.59 -20.18 2.98
C SER A 872 7.03 -19.39 1.74
N ARG A 873 6.61 -18.13 1.66
CA ARG A 873 7.00 -17.29 0.53
C ARG A 873 8.52 -17.25 0.35
N ILE A 874 9.21 -16.84 1.42
CA ILE A 874 10.67 -16.70 1.39
C ILE A 874 11.37 -18.05 1.22
N MET A 875 10.74 -19.09 1.74
CA MET A 875 11.28 -20.43 1.61
C MET A 875 11.24 -20.85 0.14
N HIS A 876 10.08 -20.74 -0.49
CA HIS A 876 9.94 -21.09 -1.90
C HIS A 876 10.92 -20.32 -2.78
N GLN A 877 10.95 -19.00 -2.58
CA GLN A 877 11.89 -18.12 -3.29
C GLN A 877 13.30 -18.65 -3.24
N THR A 878 13.75 -18.98 -2.03
CA THR A 878 15.10 -19.47 -1.81
C THR A 878 15.36 -20.75 -2.58
N VAL A 879 14.41 -21.69 -2.54
CA VAL A 879 14.58 -22.95 -3.26
C VAL A 879 14.69 -22.69 -4.76
N LYS A 880 13.88 -21.78 -5.27
CA LYS A 880 13.92 -21.47 -6.68
C LYS A 880 15.29 -20.92 -7.09
N GLU A 881 15.83 -20.04 -6.26
CA GLU A 881 17.11 -19.41 -6.55
C GLU A 881 18.32 -20.30 -6.35
N LEU A 882 18.23 -21.23 -5.41
CA LEU A 882 19.38 -22.10 -5.11
C LEU A 882 19.41 -23.36 -5.97
N SER A 883 18.24 -23.82 -6.41
CA SER A 883 18.16 -24.94 -7.33
C SER A 883 17.39 -24.52 -8.57
N PRO A 884 17.98 -23.63 -9.38
CA PRO A 884 17.33 -23.08 -10.58
C PRO A 884 17.04 -24.14 -11.64
N LYS A 885 17.64 -25.32 -11.50
CA LYS A 885 17.37 -26.39 -12.45
C LYS A 885 16.18 -27.24 -12.02
N CYS A 886 15.55 -26.85 -10.92
CA CYS A 886 14.35 -27.53 -10.42
C CYS A 886 13.18 -26.58 -10.32
N ASN A 887 12.00 -27.05 -10.70
CA ASN A 887 10.77 -26.30 -10.50
C ASN A 887 9.95 -27.00 -9.42
N VAL A 888 10.05 -26.49 -8.19
CA VAL A 888 9.44 -27.17 -7.05
C VAL A 888 8.06 -26.63 -6.72
N SER A 889 7.10 -27.53 -6.54
CA SER A 889 5.75 -27.15 -6.16
C SER A 889 5.49 -27.58 -4.72
N PHE A 890 5.11 -26.64 -3.88
CA PHE A 890 4.81 -26.96 -2.49
C PHE A 890 3.32 -27.09 -2.32
N LEU A 891 2.90 -28.25 -1.82
CA LEU A 891 1.48 -28.52 -1.64
C LEU A 891 1.15 -28.64 -0.17
N LEU A 892 0.20 -27.84 0.29
CA LEU A 892 -0.20 -27.83 1.68
C LEU A 892 -1.10 -29.01 2.01
N SER A 893 -0.74 -29.75 3.05
CA SER A 893 -1.55 -30.85 3.53
C SER A 893 -2.62 -30.35 4.49
N GLU A 894 -3.88 -30.60 4.17
CA GLU A 894 -4.98 -30.08 4.98
C GLU A 894 -5.60 -31.14 5.90
N ASP A 895 -5.33 -32.41 5.64
CA ASP A 895 -5.92 -33.50 6.42
C ASP A 895 -5.05 -33.98 7.57
N GLY A 896 -3.76 -33.62 7.55
CA GLY A 896 -2.82 -34.15 8.52
C GLY A 896 -2.14 -35.36 7.94
N SER A 897 -1.44 -36.12 8.79
CA SER A 897 -0.66 -37.27 8.35
C SER A 897 -1.47 -38.55 8.21
N GLY A 898 -2.61 -38.60 8.89
CA GLY A 898 -3.45 -39.80 8.93
C GLY A 898 -3.68 -40.48 7.59
N LYS A 899 -4.19 -39.74 6.62
CA LYS A 899 -4.40 -40.29 5.29
C LYS A 899 -3.16 -41.09 4.87
N GLY A 900 -2.03 -40.40 4.73
CA GLY A 900 -0.79 -41.03 4.30
C GLY A 900 -0.36 -42.21 5.16
N ALA A 901 -0.55 -42.10 6.46
CA ALA A 901 -0.21 -43.20 7.37
C ALA A 901 -1.08 -44.41 7.06
N ALA A 902 -2.38 -44.16 6.93
CA ALA A 902 -3.33 -45.21 6.56
C ALA A 902 -2.89 -45.87 5.26
N LEU A 903 -2.59 -45.04 4.26
CA LEU A 903 -2.15 -45.52 2.97
C LEU A 903 -0.92 -46.41 3.11
N ILE A 904 -0.05 -46.06 4.05
CA ILE A 904 1.16 -46.84 4.30
C ILE A 904 0.83 -48.10 5.08
N THR A 905 -0.18 -48.03 5.94
CA THR A 905 -0.60 -49.18 6.71
C THR A 905 -1.27 -50.20 5.82
N ALA A 906 -1.88 -49.72 4.75
CA ALA A 906 -2.55 -50.59 3.79
C ALA A 906 -1.54 -51.52 3.12
N VAL A 907 -0.43 -50.94 2.70
CA VAL A 907 0.64 -51.70 2.07
C VAL A 907 1.30 -52.63 3.08
N GLY A 908 1.51 -52.11 4.29
CA GLY A 908 2.06 -52.93 5.36
C GLY A 908 1.26 -54.21 5.51
N VAL A 909 -0.06 -54.07 5.48
CA VAL A 909 -0.95 -55.21 5.64
C VAL A 909 -0.83 -56.20 4.48
N ARG A 910 -0.84 -55.68 3.25
CA ARG A 910 -0.74 -56.56 2.08
C ARG A 910 0.56 -57.35 2.08
N LEU A 911 1.63 -56.71 2.54
CA LEU A 911 2.94 -57.37 2.59
C LEU A 911 3.08 -58.24 3.83
N ARG A 912 2.30 -57.93 4.88
CA ARG A 912 2.25 -58.78 6.05
C ARG A 912 1.37 -59.98 5.76
N THR A 913 0.17 -59.70 5.24
CA THR A 913 -0.73 -60.75 4.81
C THR A 913 -0.19 -61.30 3.50
N GLU A 914 1.14 -61.29 3.38
CA GLU A 914 1.81 -61.77 2.20
C GLU A 914 2.74 -62.92 2.58
N ASP B 16 -39.05 -32.59 43.72
CA ASP B 16 -38.22 -31.59 42.99
C ASP B 16 -36.75 -31.98 42.98
N ASP B 17 -36.43 -33.02 43.75
CA ASP B 17 -35.05 -33.40 44.01
C ASP B 17 -34.20 -33.64 42.75
N GLN B 18 -34.79 -34.31 41.76
CA GLN B 18 -34.07 -34.68 40.55
C GLN B 18 -33.49 -33.46 39.83
N VAL B 19 -34.36 -32.48 39.59
CA VAL B 19 -33.97 -31.28 38.85
C VAL B 19 -33.05 -30.39 39.68
N LYS B 20 -33.26 -30.43 41.00
CA LYS B 20 -32.43 -29.67 41.92
C LYS B 20 -30.96 -30.03 41.73
N LYS B 21 -30.67 -31.32 41.72
CA LYS B 21 -29.29 -31.79 41.64
C LYS B 21 -28.68 -31.57 40.26
N ILE B 22 -29.45 -31.83 39.21
CA ILE B 22 -28.95 -31.62 37.85
C ILE B 22 -28.59 -30.16 37.61
N ASP B 23 -29.42 -29.25 38.12
CA ASP B 23 -29.14 -27.81 38.03
C ASP B 23 -27.81 -27.49 38.70
N LYS B 24 -27.52 -28.17 39.81
CA LYS B 24 -26.29 -27.94 40.54
C LYS B 24 -25.10 -28.60 39.85
N TYR B 25 -25.38 -29.64 39.06
CA TYR B 25 -24.32 -30.38 38.37
C TYR B 25 -23.88 -29.66 37.10
N LEU B 26 -24.82 -29.02 36.40
CA LEU B 26 -24.53 -28.29 35.18
C LEU B 26 -24.66 -26.79 35.41
N TYR B 27 -24.24 -26.36 36.60
CA TYR B 27 -24.33 -24.96 37.01
C TYR B 27 -23.71 -23.99 36.01
N ALA B 28 -22.57 -24.38 35.43
CA ALA B 28 -21.84 -23.51 34.52
C ALA B 28 -22.54 -23.30 33.17
N MET B 29 -23.61 -24.04 32.92
CA MET B 29 -24.34 -23.91 31.67
C MET B 29 -25.65 -23.13 31.83
N ARG B 30 -25.89 -22.62 33.02
CA ARG B 30 -27.05 -21.78 33.26
C ARG B 30 -26.57 -20.34 33.42
N LEU B 31 -27.03 -19.47 32.54
CA LEU B 31 -26.46 -18.13 32.44
C LEU B 31 -27.35 -17.03 33.00
N SER B 32 -26.86 -16.34 34.03
CA SER B 32 -27.57 -15.22 34.62
C SER B 32 -27.57 -14.06 33.65
N ASP B 33 -28.63 -13.26 33.68
CA ASP B 33 -28.70 -12.07 32.84
C ASP B 33 -27.46 -11.21 33.04
N GLU B 34 -26.89 -11.28 34.24
CA GLU B 34 -25.67 -10.55 34.55
C GLU B 34 -24.55 -11.01 33.62
N THR B 35 -24.46 -12.32 33.41
CA THR B 35 -23.48 -12.92 32.53
C THR B 35 -23.81 -12.59 31.08
N LEU B 36 -25.06 -12.82 30.69
CA LEU B 36 -25.50 -12.52 29.33
C LEU B 36 -25.19 -11.08 28.94
N ILE B 37 -25.52 -10.12 29.82
CA ILE B 37 -25.20 -8.72 29.57
C ILE B 37 -23.69 -8.57 29.43
N ASP B 38 -22.95 -9.43 30.12
CA ASP B 38 -21.50 -9.46 30.03
C ASP B 38 -21.08 -9.85 28.63
N ILE B 39 -21.48 -11.05 28.22
CA ILE B 39 -21.21 -11.55 26.88
C ILE B 39 -21.62 -10.55 25.81
N MET B 40 -22.81 -9.95 25.97
CA MET B 40 -23.33 -8.99 25.02
C MET B 40 -22.40 -7.80 24.83
N THR B 41 -21.88 -7.28 25.93
CA THR B 41 -20.94 -6.17 25.87
C THR B 41 -19.68 -6.62 25.12
N ARG B 42 -19.28 -7.87 25.35
CA ARG B 42 -18.12 -8.42 24.68
C ARG B 42 -18.31 -8.44 23.17
N PHE B 43 -19.41 -9.06 22.72
CA PHE B 43 -19.67 -9.13 21.30
C PHE B 43 -19.67 -7.72 20.73
N ARG B 44 -20.20 -6.79 21.52
CA ARG B 44 -20.26 -5.39 21.11
C ARG B 44 -18.86 -4.91 20.76
N LYS B 45 -17.91 -5.16 21.66
CA LYS B 45 -16.52 -4.77 21.42
C LYS B 45 -15.95 -5.52 20.22
N GLU B 46 -16.27 -6.81 20.12
CA GLU B 46 -15.81 -7.64 19.02
C GLU B 46 -16.27 -7.11 17.65
N MET B 47 -17.51 -6.62 17.59
CA MET B 47 -18.03 -6.04 16.37
C MET B 47 -17.19 -4.84 15.97
N LYS B 48 -16.93 -3.97 16.94
CA LYS B 48 -16.14 -2.77 16.75
C LYS B 48 -14.74 -3.11 16.24
N ASN B 49 -14.15 -4.16 16.80
CA ASN B 49 -12.82 -4.59 16.40
C ASN B 49 -12.79 -5.15 14.98
N GLY B 50 -13.83 -5.89 14.61
CA GLY B 50 -13.91 -6.48 13.29
C GLY B 50 -14.09 -5.43 12.21
N LEU B 51 -14.63 -4.28 12.59
CA LEU B 51 -14.94 -3.22 11.64
C LEU B 51 -13.78 -2.23 11.49
N SER B 52 -12.96 -2.12 12.53
CA SER B 52 -11.79 -1.24 12.51
C SER B 52 -10.68 -1.77 11.60
N ARG B 53 -10.06 -0.86 10.84
CA ARG B 53 -8.97 -1.24 9.95
C ARG B 53 -7.74 -1.63 10.75
N ASP B 54 -7.67 -1.18 12.00
CA ASP B 54 -6.52 -1.42 12.85
C ASP B 54 -6.57 -2.78 13.55
N PHE B 55 -7.75 -3.17 14.02
CA PHE B 55 -7.87 -4.39 14.81
C PHE B 55 -8.41 -5.58 14.04
N ASN B 56 -9.00 -5.32 12.88
CA ASN B 56 -9.61 -6.38 12.09
C ASN B 56 -8.73 -7.63 11.93
N PRO B 57 -7.45 -7.44 11.58
CA PRO B 57 -6.58 -8.59 11.33
C PRO B 57 -6.43 -9.54 12.52
N THR B 58 -6.74 -9.07 13.73
CA THR B 58 -6.62 -9.90 14.93
C THR B 58 -7.97 -10.25 15.55
N ALA B 59 -9.03 -9.62 15.03
CA ALA B 59 -10.38 -9.86 15.53
C ALA B 59 -10.89 -11.20 15.01
N THR B 60 -11.59 -11.94 15.87
CA THR B 60 -12.13 -13.24 15.47
C THR B 60 -13.49 -13.11 14.80
N VAL B 61 -14.22 -12.07 15.16
CA VAL B 61 -15.49 -11.75 14.52
C VAL B 61 -15.19 -10.85 13.33
N LYS B 62 -15.34 -11.38 12.13
CA LYS B 62 -14.76 -10.74 10.95
C LYS B 62 -15.54 -9.57 10.36
N MET B 63 -16.82 -9.46 10.68
CA MET B 63 -17.61 -8.34 10.19
C MET B 63 -17.40 -8.12 8.69
N LEU B 64 -17.64 -9.17 7.91
CA LEU B 64 -17.33 -9.16 6.49
C LEU B 64 -18.30 -8.34 5.63
N PRO B 65 -17.75 -7.45 4.80
CA PRO B 65 -18.58 -6.68 3.88
C PRO B 65 -19.28 -7.61 2.90
N THR B 66 -20.50 -7.26 2.52
CA THR B 66 -21.34 -8.17 1.75
C THR B 66 -21.64 -7.59 0.37
N PHE B 67 -21.47 -6.28 0.24
CA PHE B 67 -21.72 -5.54 -1.00
C PHE B 67 -23.19 -5.54 -1.44
N VAL B 68 -24.06 -5.77 -0.47
CA VAL B 68 -25.49 -5.61 -0.64
C VAL B 68 -25.89 -4.30 0.05
N ARG B 69 -26.29 -3.31 -0.74
CA ARG B 69 -26.54 -1.96 -0.25
C ARG B 69 -27.85 -1.83 0.54
N SER B 70 -28.87 -2.59 0.16
CA SER B 70 -30.15 -2.50 0.86
C SER B 70 -31.06 -3.69 0.55
N ILE B 71 -32.14 -3.84 1.32
CA ILE B 71 -33.11 -4.88 1.06
C ILE B 71 -33.91 -4.52 -0.18
N PRO B 72 -34.64 -5.49 -0.75
CA PRO B 72 -35.35 -5.26 -2.01
C PRO B 72 -36.23 -4.00 -1.99
N ASP B 73 -36.25 -3.30 -3.12
CA ASP B 73 -37.03 -2.07 -3.24
C ASP B 73 -38.18 -2.20 -4.24
N GLY B 74 -38.47 -3.44 -4.63
CA GLY B 74 -39.60 -3.70 -5.52
C GLY B 74 -39.31 -3.57 -7.01
N SER B 75 -38.19 -2.94 -7.35
CA SER B 75 -37.83 -2.76 -8.76
C SER B 75 -37.21 -4.00 -9.36
N GLU B 76 -36.93 -5.01 -8.52
CA GLU B 76 -36.30 -6.23 -8.99
C GLU B 76 -37.25 -7.01 -9.89
N LYS B 77 -36.73 -7.56 -10.97
CA LYS B 77 -37.54 -8.42 -11.84
C LYS B 77 -36.71 -9.18 -12.85
N GLY B 78 -37.08 -10.43 -13.09
CA GLY B 78 -36.38 -11.25 -14.06
C GLY B 78 -36.51 -12.74 -13.77
N ASP B 79 -35.75 -13.54 -14.51
CA ASP B 79 -35.73 -14.98 -14.34
C ASP B 79 -34.36 -15.34 -13.77
N PHE B 80 -34.33 -15.98 -12.62
CA PHE B 80 -33.06 -16.25 -11.95
C PHE B 80 -32.90 -17.68 -11.47
N ILE B 81 -31.65 -18.11 -11.38
CA ILE B 81 -31.30 -19.39 -10.78
C ILE B 81 -30.50 -19.14 -9.51
N ALA B 82 -30.74 -19.95 -8.50
CA ALA B 82 -30.07 -19.75 -7.22
C ALA B 82 -29.54 -21.06 -6.66
N LEU B 83 -28.25 -21.07 -6.32
CA LEU B 83 -27.64 -22.24 -5.70
C LEU B 83 -27.63 -22.02 -4.21
N ASP B 84 -27.70 -23.11 -3.44
CA ASP B 84 -27.75 -23.01 -2.00
C ASP B 84 -26.95 -24.14 -1.37
N LEU B 85 -25.71 -23.84 -0.98
CA LEU B 85 -24.80 -24.86 -0.48
C LEU B 85 -24.18 -24.44 0.85
N GLY B 86 -24.10 -25.39 1.78
CA GLY B 86 -23.53 -25.13 3.09
C GLY B 86 -24.51 -25.40 4.20
N GLY B 87 -25.80 -25.39 3.86
CA GLY B 87 -26.85 -25.69 4.83
C GLY B 87 -27.03 -27.19 4.99
N SER B 88 -28.12 -27.60 5.63
CA SER B 88 -28.36 -29.01 5.87
C SER B 88 -28.67 -29.75 4.56
N SER B 89 -28.88 -29.01 3.47
CA SER B 89 -29.15 -29.63 2.19
C SER B 89 -28.77 -28.75 0.99
N PHE B 90 -28.22 -29.38 -0.04
CA PHE B 90 -27.83 -28.69 -1.27
C PHE B 90 -29.04 -28.49 -2.19
N ARG B 91 -29.42 -27.24 -2.38
CA ARG B 91 -30.64 -26.93 -3.12
C ARG B 91 -30.36 -26.02 -4.31
N ILE B 92 -31.07 -26.27 -5.41
CA ILE B 92 -31.01 -25.39 -6.58
C ILE B 92 -32.41 -24.91 -6.90
N LEU B 93 -32.57 -23.61 -7.05
CA LEU B 93 -33.89 -23.05 -7.27
C LEU B 93 -33.98 -22.22 -8.54
N ARG B 94 -35.21 -21.86 -8.88
CA ARG B 94 -35.47 -20.93 -9.96
C ARG B 94 -36.49 -19.93 -9.46
N VAL B 95 -36.15 -18.64 -9.54
CA VAL B 95 -37.02 -17.60 -9.05
C VAL B 95 -37.43 -16.68 -10.17
N GLN B 96 -38.75 -16.48 -10.31
CA GLN B 96 -39.27 -15.56 -11.30
C GLN B 96 -39.98 -14.42 -10.57
N VAL B 97 -39.62 -13.19 -10.93
CA VAL B 97 -40.20 -12.01 -10.29
C VAL B 97 -40.67 -11.01 -11.33
N ASN B 98 -41.98 -10.87 -11.47
CA ASN B 98 -42.53 -9.96 -12.45
C ASN B 98 -43.68 -9.13 -11.88
N HIS B 99 -43.33 -7.97 -11.32
CA HIS B 99 -44.34 -7.07 -10.77
C HIS B 99 -45.18 -6.40 -11.85
N GLU B 100 -44.52 -5.96 -12.91
CA GLU B 100 -45.20 -5.30 -14.02
C GLU B 100 -46.15 -6.26 -14.74
N LYS B 101 -46.21 -7.50 -14.27
CA LYS B 101 -47.07 -8.51 -14.89
C LYS B 101 -47.83 -9.33 -13.84
N ASN B 102 -48.29 -8.66 -12.79
CA ASN B 102 -49.04 -9.32 -11.73
C ASN B 102 -48.29 -10.51 -11.13
N GLN B 103 -47.19 -10.88 -11.76
CA GLN B 103 -46.38 -12.01 -11.30
C GLN B 103 -45.51 -11.61 -10.12
N ASN B 104 -46.01 -11.85 -8.91
CA ASN B 104 -45.28 -11.51 -7.70
C ASN B 104 -43.94 -12.24 -7.61
N VAL B 105 -43.94 -13.40 -6.97
CA VAL B 105 -42.73 -14.18 -6.82
C VAL B 105 -43.03 -15.67 -6.88
N HIS B 106 -42.54 -16.32 -7.93
CA HIS B 106 -42.73 -17.75 -8.10
C HIS B 106 -41.38 -18.46 -8.07
N MET B 107 -41.33 -19.62 -7.41
CA MET B 107 -40.08 -20.37 -7.36
C MET B 107 -40.31 -21.87 -7.32
N GLU B 108 -39.41 -22.59 -8.00
CA GLU B 108 -39.37 -24.04 -7.95
C GLU B 108 -37.97 -24.46 -7.56
N SER B 109 -37.86 -25.35 -6.58
CA SER B 109 -36.56 -25.80 -6.10
C SER B 109 -36.43 -27.30 -6.15
N GLU B 110 -35.20 -27.78 -6.03
CA GLU B 110 -34.91 -29.20 -6.06
C GLU B 110 -33.69 -29.49 -5.19
N VAL B 111 -33.82 -30.50 -4.34
CA VAL B 111 -32.71 -30.90 -3.48
C VAL B 111 -31.85 -31.95 -4.17
N TYR B 112 -30.53 -31.78 -4.07
CA TYR B 112 -29.59 -32.76 -4.60
C TYR B 112 -28.82 -33.44 -3.48
N ASP B 113 -28.88 -34.76 -3.45
CA ASP B 113 -28.15 -35.52 -2.44
C ASP B 113 -26.67 -35.21 -2.54
N THR B 114 -26.05 -34.93 -1.39
CA THR B 114 -24.64 -34.57 -1.34
C THR B 114 -23.91 -35.40 -0.28
N PRO B 115 -23.42 -36.59 -0.66
CA PRO B 115 -22.77 -37.54 0.24
C PRO B 115 -21.53 -37.01 0.95
N GLU B 116 -21.15 -37.70 2.03
CA GLU B 116 -19.98 -37.36 2.81
C GLU B 116 -18.74 -37.12 1.95
N ASN B 117 -18.33 -38.16 1.22
CA ASN B 117 -17.13 -38.10 0.39
C ASN B 117 -16.98 -36.79 -0.38
N ILE B 118 -18.10 -36.29 -0.91
CA ILE B 118 -18.09 -35.08 -1.71
C ILE B 118 -17.80 -33.85 -0.84
N VAL B 119 -18.35 -33.86 0.37
CA VAL B 119 -18.20 -32.73 1.29
C VAL B 119 -16.84 -32.76 1.99
N HIS B 120 -16.21 -33.92 2.01
CA HIS B 120 -14.92 -34.06 2.70
C HIS B 120 -13.76 -34.34 1.75
N GLY B 121 -14.04 -34.43 0.45
CA GLY B 121 -13.02 -34.74 -0.52
C GLY B 121 -12.24 -33.54 -1.03
N SER B 122 -12.02 -33.50 -2.34
CA SER B 122 -11.30 -32.40 -2.96
C SER B 122 -12.28 -31.32 -3.41
N GLY B 123 -11.81 -30.09 -3.45
CA GLY B 123 -12.62 -28.99 -3.96
C GLY B 123 -13.11 -29.35 -5.34
N SER B 124 -12.24 -30.02 -6.11
CA SER B 124 -12.57 -30.43 -7.45
C SER B 124 -13.84 -31.27 -7.52
N GLN B 125 -13.90 -32.33 -6.73
CA GLN B 125 -15.12 -33.15 -6.70
C GLN B 125 -16.30 -32.29 -6.34
N LEU B 126 -16.17 -31.53 -5.24
CA LEU B 126 -17.27 -30.73 -4.72
C LEU B 126 -17.91 -29.88 -5.80
N PHE B 127 -17.10 -29.08 -6.48
CA PHE B 127 -17.62 -28.14 -7.46
C PHE B 127 -18.00 -28.80 -8.78
N ASP B 128 -17.31 -29.90 -9.12
CA ASP B 128 -17.74 -30.73 -10.24
C ASP B 128 -19.16 -31.18 -9.95
N HIS B 129 -19.35 -31.70 -8.75
CA HIS B 129 -20.66 -32.18 -8.31
C HIS B 129 -21.72 -31.08 -8.36
N VAL B 130 -21.34 -29.87 -7.94
CA VAL B 130 -22.23 -28.72 -8.00
C VAL B 130 -22.56 -28.38 -9.46
N ALA B 131 -21.51 -28.29 -10.28
CA ALA B 131 -21.66 -27.97 -11.68
C ALA B 131 -22.48 -29.02 -12.41
N GLU B 132 -22.32 -30.27 -11.99
CA GLU B 132 -23.09 -31.36 -12.56
C GLU B 132 -24.58 -31.23 -12.21
N CYS B 133 -24.87 -30.99 -10.93
CA CYS B 133 -26.25 -30.79 -10.49
C CYS B 133 -26.91 -29.60 -11.16
N LEU B 134 -26.19 -28.49 -11.24
CA LEU B 134 -26.70 -27.31 -11.91
C LEU B 134 -27.08 -27.69 -13.34
N GLY B 135 -26.33 -28.64 -13.90
CA GLY B 135 -26.57 -29.13 -15.25
C GLY B 135 -27.82 -29.98 -15.33
N ASP B 136 -27.91 -30.98 -14.46
CA ASP B 136 -29.10 -31.81 -14.38
C ASP B 136 -30.34 -30.92 -14.22
N PHE B 137 -30.21 -29.92 -13.35
CA PHE B 137 -31.29 -28.98 -13.08
C PHE B 137 -31.76 -28.25 -14.33
N MET B 138 -30.82 -27.64 -15.04
CA MET B 138 -31.13 -26.87 -16.24
C MET B 138 -31.62 -27.76 -17.38
N GLU B 139 -31.13 -29.00 -17.39
CA GLU B 139 -31.52 -29.97 -18.40
C GLU B 139 -33.03 -30.24 -18.35
N LYS B 140 -33.51 -30.67 -17.19
CA LYS B 140 -34.92 -30.98 -17.02
C LYS B 140 -35.82 -29.80 -17.34
N ARG B 141 -35.38 -28.59 -17.01
CA ARG B 141 -36.17 -27.39 -17.29
C ARG B 141 -35.94 -26.86 -18.70
N LYS B 142 -35.01 -27.49 -19.43
CA LYS B 142 -34.69 -27.06 -20.79
C LYS B 142 -34.40 -25.57 -20.86
N ILE B 143 -33.94 -25.01 -19.74
CA ILE B 143 -33.62 -23.58 -19.68
C ILE B 143 -32.15 -23.31 -19.99
N LYS B 144 -31.44 -24.37 -20.41
CA LYS B 144 -30.03 -24.26 -20.73
C LYS B 144 -29.71 -23.11 -21.69
N ASP B 145 -30.69 -22.75 -22.52
CA ASP B 145 -30.47 -21.78 -23.58
C ASP B 145 -30.74 -20.33 -23.18
N LYS B 146 -31.45 -20.15 -22.06
CA LYS B 146 -31.76 -18.81 -21.58
C LYS B 146 -30.56 -18.20 -20.87
N LYS B 147 -30.50 -16.87 -20.84
CA LYS B 147 -29.37 -16.18 -20.20
C LYS B 147 -29.62 -15.99 -18.71
N LEU B 148 -30.11 -17.04 -18.04
CA LEU B 148 -30.51 -16.93 -16.65
C LEU B 148 -29.34 -16.62 -15.72
N PRO B 149 -29.37 -15.44 -15.08
CA PRO B 149 -28.32 -15.07 -14.13
C PRO B 149 -28.32 -15.97 -12.90
N VAL B 150 -27.14 -16.29 -12.40
CA VAL B 150 -27.01 -17.19 -11.27
C VAL B 150 -26.51 -16.49 -10.01
N GLY B 151 -27.24 -16.68 -8.92
CA GLY B 151 -26.82 -16.22 -7.61
C GLY B 151 -26.39 -17.43 -6.80
N PHE B 152 -25.40 -17.26 -5.95
CA PHE B 152 -24.82 -18.39 -5.23
C PHE B 152 -24.83 -18.18 -3.73
N THR B 153 -25.68 -18.93 -3.04
CA THR B 153 -25.71 -18.93 -1.59
C THR B 153 -24.70 -19.94 -1.09
N PHE B 154 -23.64 -19.42 -0.47
CA PHE B 154 -22.53 -20.24 0.00
C PHE B 154 -22.31 -19.88 1.46
N SER B 155 -22.85 -20.68 2.37
CA SER B 155 -22.90 -20.33 3.79
C SER B 155 -21.61 -20.59 4.55
N PHE B 156 -20.54 -19.89 4.15
CA PHE B 156 -19.23 -19.98 4.78
C PHE B 156 -18.59 -18.61 4.69
N PRO B 157 -17.72 -18.26 5.66
CA PRO B 157 -17.14 -16.93 5.67
C PRO B 157 -16.23 -16.70 4.47
N CYS B 158 -16.47 -15.61 3.74
CA CYS B 158 -15.71 -15.31 2.53
C CYS B 158 -15.23 -13.87 2.49
N GLN B 159 -14.06 -13.66 1.89
CA GLN B 159 -13.57 -12.31 1.67
C GLN B 159 -14.01 -11.86 0.29
N GLN B 160 -14.72 -10.75 0.23
CA GLN B 160 -15.27 -10.24 -1.03
C GLN B 160 -14.89 -8.78 -1.24
N SER B 161 -14.40 -8.45 -2.43
CA SER B 161 -14.14 -7.07 -2.79
C SER B 161 -15.27 -6.56 -3.68
N LYS B 162 -16.03 -7.50 -4.22
CA LYS B 162 -17.21 -7.22 -5.04
C LYS B 162 -18.16 -8.41 -4.94
N ILE B 163 -19.44 -8.19 -5.22
CA ILE B 163 -20.48 -9.19 -5.00
C ILE B 163 -20.28 -10.52 -5.73
N ASP B 164 -19.54 -10.49 -6.84
CA ASP B 164 -19.35 -11.70 -7.66
C ASP B 164 -17.99 -12.34 -7.41
N GLU B 165 -17.41 -12.06 -6.26
CA GLU B 165 -16.17 -12.68 -5.84
C GLU B 165 -16.37 -13.26 -4.46
N ALA B 166 -15.80 -14.43 -4.20
CA ALA B 166 -15.96 -15.07 -2.90
C ALA B 166 -14.77 -15.97 -2.56
N ILE B 167 -13.81 -15.42 -1.85
CA ILE B 167 -12.64 -16.18 -1.43
C ILE B 167 -12.88 -16.83 -0.09
N LEU B 168 -13.03 -18.15 -0.09
CA LEU B 168 -13.27 -18.89 1.14
C LEU B 168 -12.17 -18.64 2.16
N ILE B 169 -12.57 -18.16 3.33
CA ILE B 169 -11.61 -17.93 4.39
C ILE B 169 -11.33 -19.20 5.17
N THR B 170 -12.38 -19.97 5.43
CA THR B 170 -12.24 -21.20 6.20
C THR B 170 -13.53 -22.00 6.19
N TRP B 171 -13.40 -23.32 6.16
CA TRP B 171 -14.55 -24.19 6.21
C TRP B 171 -15.13 -24.23 7.62
N THR B 172 -16.45 -24.38 7.71
CA THR B 172 -17.12 -24.55 8.99
C THR B 172 -18.17 -25.65 8.86
N LYS B 173 -18.86 -25.95 9.96
CA LYS B 173 -19.92 -26.95 9.93
C LYS B 173 -19.40 -28.31 9.45
N ARG B 174 -20.08 -28.92 8.47
CA ARG B 174 -19.73 -30.28 8.05
C ARG B 174 -18.83 -30.34 6.82
N PHE B 175 -18.36 -29.19 6.36
CA PHE B 175 -17.55 -29.12 5.15
C PHE B 175 -16.06 -29.06 5.43
N LYS B 176 -15.28 -29.72 4.57
CA LYS B 176 -13.83 -29.78 4.70
C LYS B 176 -13.24 -30.31 3.39
N ALA B 177 -13.36 -29.54 2.32
CA ALA B 177 -12.88 -29.97 1.01
C ALA B 177 -11.57 -29.28 0.68
N SER B 178 -10.57 -30.07 0.29
CA SER B 178 -9.22 -29.54 0.07
C SER B 178 -9.14 -28.63 -1.16
N GLY B 179 -8.20 -27.69 -1.12
CA GLY B 179 -7.94 -26.80 -2.23
C GLY B 179 -8.95 -25.68 -2.42
N VAL B 180 -9.71 -25.36 -1.39
CA VAL B 180 -10.71 -24.31 -1.51
C VAL B 180 -10.42 -23.08 -0.65
N GLU B 181 -9.98 -23.31 0.58
CA GLU B 181 -9.63 -22.18 1.44
C GLU B 181 -8.58 -21.31 0.74
N GLY B 182 -8.85 -20.01 0.68
CA GLY B 182 -7.93 -19.07 0.03
C GLY B 182 -8.21 -18.89 -1.45
N ALA B 183 -9.12 -19.72 -1.97
CA ALA B 183 -9.49 -19.63 -3.38
C ALA B 183 -10.84 -18.93 -3.54
N ASP B 184 -11.07 -18.42 -4.75
CA ASP B 184 -12.34 -17.80 -5.10
C ASP B 184 -13.29 -18.89 -5.61
N VAL B 185 -14.29 -19.20 -4.78
CA VAL B 185 -15.21 -20.29 -5.12
C VAL B 185 -15.95 -20.00 -6.41
N VAL B 186 -16.03 -18.73 -6.78
CA VAL B 186 -16.67 -18.35 -8.04
C VAL B 186 -15.84 -18.84 -9.22
N LYS B 187 -14.53 -18.62 -9.18
CA LYS B 187 -13.66 -19.15 -10.21
C LYS B 187 -13.72 -20.66 -10.19
N LEU B 188 -13.60 -21.25 -9.01
CA LEU B 188 -13.63 -22.70 -8.86
C LEU B 188 -14.84 -23.29 -9.54
N LEU B 189 -15.97 -22.59 -9.44
CA LEU B 189 -17.21 -23.09 -10.01
C LEU B 189 -17.21 -22.93 -11.53
N ASN B 190 -16.90 -21.73 -12.02
CA ASN B 190 -16.79 -21.52 -13.46
C ASN B 190 -15.84 -22.54 -14.06
N LYS B 191 -14.74 -22.79 -13.36
CA LYS B 191 -13.75 -23.77 -13.78
C LYS B 191 -14.38 -25.15 -13.95
N ALA B 192 -15.20 -25.55 -12.98
CA ALA B 192 -15.86 -26.84 -13.03
C ALA B 192 -16.93 -26.87 -14.12
N ILE B 193 -17.51 -25.71 -14.39
CA ILE B 193 -18.54 -25.58 -15.42
C ILE B 193 -17.95 -25.69 -16.81
N LYS B 194 -16.86 -24.96 -17.04
CA LYS B 194 -16.20 -24.98 -18.34
C LYS B 194 -15.63 -26.36 -18.66
N LYS B 195 -15.32 -27.12 -17.62
CA LYS B 195 -14.74 -28.44 -17.80
C LYS B 195 -15.80 -29.49 -18.16
N ARG B 196 -17.06 -29.08 -18.18
CA ARG B 196 -18.14 -30.00 -18.54
C ARG B 196 -18.57 -29.85 -19.99
N GLY B 197 -18.66 -28.61 -20.45
CA GLY B 197 -19.04 -28.33 -21.83
C GLY B 197 -20.53 -28.44 -22.09
N ASP B 198 -21.32 -28.67 -21.05
CA ASP B 198 -22.76 -28.84 -21.20
C ASP B 198 -23.54 -27.54 -21.37
N TYR B 199 -23.04 -26.45 -20.81
CA TYR B 199 -23.80 -25.20 -20.80
C TYR B 199 -22.96 -24.00 -20.38
N ASP B 200 -23.61 -22.84 -20.34
CA ASP B 200 -22.99 -21.62 -19.85
C ASP B 200 -23.67 -21.24 -18.54
N ALA B 201 -22.93 -20.61 -17.65
CA ALA B 201 -23.48 -20.17 -16.38
C ALA B 201 -22.94 -18.79 -16.03
N ASN B 202 -23.84 -17.84 -15.87
CA ASN B 202 -23.44 -16.49 -15.47
C ASN B 202 -23.61 -16.32 -13.97
N ILE B 203 -22.64 -16.82 -13.19
CA ILE B 203 -22.64 -16.58 -11.75
C ILE B 203 -22.41 -15.10 -11.51
N VAL B 204 -23.43 -14.40 -11.01
CA VAL B 204 -23.33 -12.95 -10.92
C VAL B 204 -23.23 -12.42 -9.49
N ALA B 205 -23.50 -13.28 -8.51
CA ALA B 205 -23.44 -12.87 -7.11
C ALA B 205 -23.25 -14.05 -6.18
N VAL B 206 -22.56 -13.81 -5.07
CA VAL B 206 -22.40 -14.80 -4.02
C VAL B 206 -22.81 -14.18 -2.70
N VAL B 207 -23.68 -14.86 -1.96
CA VAL B 207 -24.14 -14.34 -0.69
C VAL B 207 -24.12 -15.39 0.39
N ASN B 208 -24.08 -14.93 1.63
CA ASN B 208 -24.17 -15.79 2.79
C ASN B 208 -25.64 -16.12 3.02
N ASP B 209 -25.93 -17.16 3.80
CA ASP B 209 -27.32 -17.51 4.04
C ASP B 209 -28.03 -16.52 4.97
N THR B 210 -27.28 -15.88 5.86
CA THR B 210 -27.85 -14.84 6.70
C THR B 210 -28.26 -13.65 5.84
N VAL B 211 -27.48 -13.38 4.80
CA VAL B 211 -27.80 -12.30 3.87
C VAL B 211 -29.02 -12.68 3.06
N GLY B 212 -29.03 -13.93 2.58
CA GLY B 212 -30.15 -14.43 1.80
C GLY B 212 -31.43 -14.32 2.61
N THR B 213 -31.35 -14.75 3.87
CA THR B 213 -32.50 -14.71 4.77
C THR B 213 -32.98 -13.28 4.98
N MET B 214 -32.05 -12.36 5.20
CA MET B 214 -32.41 -10.96 5.42
C MET B 214 -33.15 -10.40 4.21
N MET B 215 -32.64 -10.70 3.02
CA MET B 215 -33.26 -10.18 1.80
C MET B 215 -34.61 -10.82 1.53
N THR B 216 -34.76 -12.09 1.92
CA THR B 216 -36.05 -12.77 1.74
C THR B 216 -37.14 -12.14 2.60
N CYS B 217 -36.82 -11.92 3.87
CA CYS B 217 -37.76 -11.26 4.77
C CYS B 217 -37.96 -9.79 4.37
N GLY B 218 -36.87 -9.14 3.98
CA GLY B 218 -36.95 -7.75 3.56
C GLY B 218 -37.93 -7.56 2.43
N TYR B 219 -38.07 -8.56 1.59
CA TYR B 219 -39.02 -8.49 0.48
C TYR B 219 -40.41 -8.19 1.02
N ASP B 220 -40.78 -8.90 2.08
CA ASP B 220 -42.12 -8.78 2.67
C ASP B 220 -42.21 -7.72 3.77
N ASP B 221 -41.10 -7.42 4.44
CA ASP B 221 -41.12 -6.48 5.56
C ASP B 221 -40.02 -5.42 5.46
N GLN B 222 -40.40 -4.24 5.01
CA GLN B 222 -39.46 -3.15 4.79
C GLN B 222 -38.65 -2.75 6.02
N HIS B 223 -38.97 -3.34 7.16
CA HIS B 223 -38.26 -3.00 8.40
C HIS B 223 -37.18 -3.99 8.75
N CYS B 224 -36.95 -4.95 7.86
CA CYS B 224 -35.95 -5.99 8.11
C CYS B 224 -34.53 -5.45 7.99
N GLU B 225 -33.76 -5.57 9.07
CA GLU B 225 -32.40 -5.06 9.10
C GLU B 225 -31.42 -6.10 9.59
N VAL B 226 -31.91 -7.32 9.77
CA VAL B 226 -31.09 -8.41 10.27
C VAL B 226 -31.52 -9.74 9.68
N GLY B 227 -30.54 -10.56 9.33
CA GLY B 227 -30.79 -11.92 8.90
C GLY B 227 -30.11 -12.83 9.89
N LEU B 228 -30.85 -13.80 10.44
CA LEU B 228 -30.32 -14.66 11.49
C LEU B 228 -30.49 -16.13 11.15
N ILE B 229 -29.40 -16.89 11.31
CA ILE B 229 -29.47 -18.33 11.11
C ILE B 229 -29.15 -19.09 12.39
N ILE B 230 -30.04 -19.99 12.75
CA ILE B 230 -29.81 -20.88 13.88
C ILE B 230 -30.19 -22.29 13.46
N GLY B 231 -29.34 -22.89 12.62
CA GLY B 231 -29.57 -24.25 12.12
C GLY B 231 -28.34 -25.11 12.35
N THR B 232 -27.82 -25.73 11.29
CA THR B 232 -26.59 -26.51 11.40
C THR B 232 -25.50 -25.66 12.06
N GLY B 233 -25.31 -24.47 11.53
CA GLY B 233 -24.43 -23.49 12.13
C GLY B 233 -25.25 -22.29 12.57
N THR B 234 -24.60 -21.30 13.18
CA THR B 234 -25.29 -20.10 13.61
C THR B 234 -24.54 -18.85 13.19
N ASN B 235 -25.27 -17.84 12.76
CA ASN B 235 -24.66 -16.61 12.27
C ASN B 235 -25.72 -15.53 12.09
N ALA B 236 -25.27 -14.28 12.00
CA ALA B 236 -26.19 -13.16 11.80
C ALA B 236 -25.55 -12.04 10.98
N CYS B 237 -26.34 -11.42 10.11
CA CYS B 237 -25.89 -10.25 9.36
C CYS B 237 -26.82 -9.08 9.65
N TYR B 238 -26.37 -7.87 9.34
CA TYR B 238 -27.18 -6.70 9.63
C TYR B 238 -26.73 -5.50 8.80
N MET B 239 -27.62 -4.51 8.68
CA MET B 239 -27.32 -3.29 7.93
C MET B 239 -26.47 -2.34 8.75
N GLU B 240 -25.23 -2.12 8.31
CA GLU B 240 -24.31 -1.23 9.00
C GLU B 240 -24.08 0.03 8.17
N GLU B 241 -23.79 1.14 8.83
CA GLU B 241 -23.53 2.40 8.14
C GLU B 241 -22.14 2.39 7.51
N LEU B 242 -22.08 2.73 6.23
CA LEU B 242 -20.83 2.67 5.49
C LEU B 242 -19.69 3.44 6.15
N ARG B 243 -20.03 4.46 6.93
CA ARG B 243 -19.00 5.25 7.62
C ARG B 243 -18.29 4.45 8.72
N HIS B 244 -18.97 3.43 9.25
CA HIS B 244 -18.39 2.59 10.29
C HIS B 244 -17.58 1.44 9.72
N ILE B 245 -17.76 1.17 8.42
CA ILE B 245 -17.08 0.07 7.76
C ILE B 245 -15.75 0.53 7.16
N ASP B 246 -14.69 0.45 7.97
CA ASP B 246 -13.37 0.92 7.54
C ASP B 246 -12.86 0.23 6.28
N LEU B 247 -13.08 -1.07 6.16
CA LEU B 247 -12.53 -1.85 5.07
C LEU B 247 -13.15 -1.54 3.70
N VAL B 248 -14.15 -0.67 3.68
CA VAL B 248 -14.76 -0.28 2.41
C VAL B 248 -14.78 1.24 2.28
N GLU B 249 -13.95 1.77 1.39
CA GLU B 249 -13.92 3.22 1.16
C GLU B 249 -15.32 3.71 0.81
N GLY B 250 -15.79 4.71 1.56
CA GLY B 250 -17.12 5.24 1.35
C GLY B 250 -17.79 5.55 2.67
N ASP B 251 -18.60 6.60 2.68
CA ASP B 251 -19.30 7.03 3.89
C ASP B 251 -20.76 7.24 3.57
N GLU B 252 -21.15 6.89 2.35
CA GLU B 252 -22.50 7.11 1.86
C GLU B 252 -23.36 5.86 2.02
N GLY B 253 -24.45 5.98 2.78
CA GLY B 253 -25.43 4.90 2.91
C GLY B 253 -25.04 3.78 3.86
N ARG B 254 -25.55 2.60 3.59
CA ARG B 254 -25.29 1.43 4.42
C ARG B 254 -24.90 0.23 3.56
N MET B 255 -24.41 -0.80 4.22
CA MET B 255 -24.11 -2.08 3.57
C MET B 255 -24.34 -3.21 4.57
N CYS B 256 -24.79 -4.35 4.07
CA CYS B 256 -25.01 -5.50 4.92
C CYS B 256 -23.68 -6.09 5.37
N ILE B 257 -23.57 -6.37 6.66
CA ILE B 257 -22.35 -6.91 7.21
C ILE B 257 -22.59 -8.32 7.74
N ASN B 258 -21.77 -9.26 7.29
CA ASN B 258 -21.85 -10.63 7.76
C ASN B 258 -20.92 -10.80 8.96
N THR B 259 -21.50 -10.87 10.15
CA THR B 259 -20.71 -10.86 11.38
C THR B 259 -19.84 -12.11 11.51
N GLU B 260 -20.32 -13.23 11.00
CA GLU B 260 -19.65 -14.51 11.22
C GLU B 260 -19.38 -14.70 12.70
N TRP B 261 -20.44 -14.62 13.50
CA TRP B 261 -20.29 -14.63 14.95
C TRP B 261 -20.03 -16.02 15.54
N GLY B 262 -19.93 -17.03 14.67
CA GLY B 262 -19.59 -18.37 15.15
C GLY B 262 -18.19 -18.41 15.72
N ALA B 263 -17.31 -17.57 15.18
CA ALA B 263 -15.90 -17.55 15.56
C ALA B 263 -15.66 -16.70 16.82
N PHE B 264 -16.74 -16.18 17.38
CA PHE B 264 -16.70 -15.45 18.65
C PHE B 264 -16.06 -16.33 19.72
N GLY B 265 -14.98 -15.83 20.33
CA GLY B 265 -14.31 -16.56 21.41
C GLY B 265 -13.14 -17.43 20.99
N ASP B 266 -12.93 -17.58 19.68
CA ASP B 266 -11.84 -18.41 19.19
C ASP B 266 -10.48 -17.96 19.69
N ASP B 267 -10.40 -16.71 20.14
CA ASP B 267 -9.16 -16.15 20.67
C ASP B 267 -9.04 -16.39 22.18
N GLY B 268 -9.92 -17.22 22.71
CA GLY B 268 -9.95 -17.49 24.16
C GLY B 268 -10.84 -16.52 24.90
N SER B 269 -11.60 -15.75 24.13
CA SER B 269 -12.45 -14.69 24.67
C SER B 269 -13.55 -15.21 25.60
N LEU B 270 -14.02 -16.43 25.34
CA LEU B 270 -15.16 -16.97 26.09
C LEU B 270 -14.81 -18.18 26.94
N GLU B 271 -13.56 -18.28 27.36
CA GLU B 271 -13.11 -19.46 28.09
C GLU B 271 -13.76 -19.60 29.47
N ASP B 272 -14.17 -18.47 30.05
CA ASP B 272 -14.84 -18.50 31.35
C ASP B 272 -16.29 -18.93 31.18
N ILE B 273 -16.74 -19.01 29.93
CA ILE B 273 -18.08 -19.50 29.63
C ILE B 273 -18.02 -20.96 29.20
N ARG B 274 -17.00 -21.30 28.43
CA ARG B 274 -16.83 -22.65 27.91
C ARG B 274 -16.56 -23.67 29.01
N THR B 275 -17.24 -24.80 28.94
CA THR B 275 -17.09 -25.85 29.93
C THR B 275 -16.33 -27.05 29.37
N GLU B 276 -16.06 -28.03 30.22
CA GLU B 276 -15.31 -29.21 29.81
C GLU B 276 -15.99 -29.94 28.66
N PHE B 277 -17.31 -29.84 28.60
CA PHE B 277 -18.07 -30.52 27.56
C PHE B 277 -17.85 -29.84 26.22
N ASP B 278 -17.76 -28.52 26.25
CA ASP B 278 -17.49 -27.74 25.05
C ASP B 278 -16.09 -28.06 24.56
N ARG B 279 -15.16 -28.16 25.50
CA ARG B 279 -13.78 -28.47 25.17
C ARG B 279 -13.65 -29.87 24.59
N GLU B 280 -14.42 -30.82 25.11
CA GLU B 280 -14.34 -32.18 24.59
C GLU B 280 -14.96 -32.32 23.21
N ILE B 281 -16.12 -31.71 23.02
CA ILE B 281 -16.77 -31.77 21.71
C ILE B 281 -15.88 -31.15 20.67
N ASP B 282 -15.09 -30.17 21.10
CA ASP B 282 -14.16 -29.48 20.23
C ASP B 282 -13.09 -30.45 19.75
N ARG B 283 -12.50 -31.18 20.69
CA ARG B 283 -11.40 -32.08 20.37
C ARG B 283 -11.79 -33.20 19.40
N GLY B 284 -13.10 -33.37 19.20
CA GLY B 284 -13.60 -34.36 18.24
C GLY B 284 -14.15 -33.70 17.00
N SER B 285 -14.13 -32.37 16.96
CA SER B 285 -14.74 -31.64 15.87
C SER B 285 -13.93 -31.67 14.59
N LEU B 286 -14.59 -31.36 13.49
CA LEU B 286 -13.95 -31.30 12.19
C LEU B 286 -13.02 -30.10 12.11
N ASN B 287 -13.22 -29.14 13.03
CA ASN B 287 -12.45 -27.90 13.03
C ASN B 287 -12.02 -27.47 14.43
N PRO B 288 -11.12 -28.23 15.05
CA PRO B 288 -10.69 -28.01 16.44
C PRO B 288 -10.21 -26.59 16.69
N GLY B 289 -10.74 -25.96 17.75
CA GLY B 289 -10.28 -24.64 18.16
C GLY B 289 -10.92 -23.51 17.39
N LYS B 290 -11.88 -23.82 16.54
CA LYS B 290 -12.57 -22.79 15.76
C LYS B 290 -14.09 -22.87 15.90
N GLN B 291 -14.76 -21.75 15.64
CA GLN B 291 -16.23 -21.69 15.75
C GLN B 291 -16.72 -22.10 17.14
N LEU B 292 -15.93 -21.77 18.15
CA LEU B 292 -16.23 -22.16 19.54
C LEU B 292 -17.57 -21.64 20.07
N PHE B 293 -17.92 -20.41 19.71
CA PHE B 293 -19.22 -19.87 20.10
C PHE B 293 -20.31 -20.70 19.44
N GLU B 294 -20.17 -20.89 18.13
CA GLU B 294 -21.11 -21.67 17.35
C GLU B 294 -21.29 -23.05 17.93
N LYS B 295 -20.21 -23.62 18.47
CA LYS B 295 -20.24 -24.98 19.00
C LYS B 295 -21.02 -25.11 20.31
N MET B 296 -21.42 -23.98 20.87
CA MET B 296 -22.28 -23.98 22.05
C MET B 296 -23.74 -23.75 21.65
N VAL B 297 -23.98 -23.45 20.39
CA VAL B 297 -25.30 -22.98 19.96
C VAL B 297 -26.03 -23.86 18.93
N SER B 298 -25.40 -24.10 17.78
CA SER B 298 -26.12 -24.66 16.62
C SER B 298 -26.49 -26.15 16.72
N GLY B 299 -27.40 -26.57 15.83
CA GLY B 299 -27.96 -27.91 15.84
C GLY B 299 -26.95 -29.03 15.63
N MET B 300 -25.90 -28.74 14.88
CA MET B 300 -24.89 -29.76 14.60
C MET B 300 -24.22 -30.23 15.88
N TYR B 301 -24.26 -29.42 16.92
CA TYR B 301 -23.52 -29.71 18.14
C TYR B 301 -24.37 -29.98 19.39
N LEU B 302 -25.53 -29.34 19.50
CA LEU B 302 -26.32 -29.44 20.73
C LEU B 302 -26.56 -30.88 21.20
N GLY B 303 -26.92 -31.77 20.27
CA GLY B 303 -27.17 -33.17 20.60
C GLY B 303 -25.95 -33.88 21.15
N GLU B 304 -24.85 -33.83 20.38
CA GLU B 304 -23.61 -34.46 20.80
C GLU B 304 -23.21 -33.92 22.16
N LEU B 305 -23.43 -32.63 22.35
CA LEU B 305 -23.13 -31.97 23.61
C LEU B 305 -23.92 -32.63 24.75
N VAL B 306 -25.17 -32.97 24.47
CA VAL B 306 -25.99 -33.65 25.44
C VAL B 306 -25.46 -35.05 25.74
N ARG B 307 -25.16 -35.80 24.69
CA ARG B 307 -24.62 -37.15 24.85
C ARG B 307 -23.43 -37.17 25.80
N LEU B 308 -22.51 -36.25 25.60
CA LEU B 308 -21.27 -36.19 26.39
C LEU B 308 -21.56 -36.03 27.87
N ILE B 309 -22.66 -35.36 28.19
CA ILE B 309 -23.03 -35.15 29.58
C ILE B 309 -23.67 -36.40 30.17
N LEU B 310 -24.48 -37.07 29.35
CA LEU B 310 -25.11 -38.33 29.77
C LEU B 310 -24.04 -39.36 30.10
N VAL B 311 -22.99 -39.38 29.28
CA VAL B 311 -21.89 -40.30 29.48
C VAL B 311 -21.10 -39.96 30.76
N LYS B 312 -20.84 -38.68 30.97
CA LYS B 312 -20.16 -38.24 32.18
C LYS B 312 -20.97 -38.62 33.42
N MET B 313 -22.27 -38.35 33.36
CA MET B 313 -23.16 -38.64 34.47
C MET B 313 -23.30 -40.14 34.72
N ALA B 314 -23.49 -40.90 33.65
CA ALA B 314 -23.62 -42.35 33.76
C ALA B 314 -22.39 -42.93 34.47
N LYS B 315 -21.22 -42.49 34.04
CA LYS B 315 -19.96 -42.97 34.62
C LYS B 315 -19.91 -42.66 36.11
N GLU B 316 -20.59 -41.59 36.52
CA GLU B 316 -20.58 -41.15 37.91
C GLU B 316 -21.82 -41.62 38.67
N GLY B 317 -22.56 -42.55 38.09
CA GLY B 317 -23.71 -43.15 38.76
C GLY B 317 -25.01 -42.37 38.67
N LEU B 318 -24.92 -41.06 38.43
CA LEU B 318 -26.10 -40.19 38.42
C LEU B 318 -27.20 -40.57 37.41
N LEU B 319 -26.99 -41.65 36.67
CA LEU B 319 -27.99 -42.05 35.67
C LEU B 319 -27.97 -43.55 35.39
N PHE B 320 -29.17 -44.12 35.25
CA PHE B 320 -29.34 -45.54 34.92
C PHE B 320 -28.47 -46.47 35.76
N GLU B 321 -28.44 -46.25 37.07
CA GLU B 321 -27.64 -47.09 37.95
C GLU B 321 -26.15 -46.98 37.65
N GLY B 322 -25.82 -46.28 36.58
CA GLY B 322 -24.43 -46.11 36.18
C GLY B 322 -24.05 -47.03 35.02
N ARG B 323 -25.05 -47.67 34.43
CA ARG B 323 -24.83 -48.55 33.30
C ARG B 323 -24.39 -47.77 32.07
N ILE B 324 -23.63 -48.42 31.20
CA ILE B 324 -23.13 -47.78 29.98
C ILE B 324 -23.08 -48.74 28.80
N THR B 325 -23.65 -48.32 27.69
CA THR B 325 -23.66 -49.14 26.47
C THR B 325 -22.74 -48.56 25.40
N PRO B 326 -22.29 -49.41 24.47
CA PRO B 326 -21.49 -48.95 23.34
C PRO B 326 -22.23 -47.87 22.54
N GLU B 327 -23.55 -48.01 22.46
CA GLU B 327 -24.38 -47.03 21.76
C GLU B 327 -24.26 -45.64 22.40
N LEU B 328 -24.39 -45.59 23.72
CA LEU B 328 -24.32 -44.33 24.44
C LEU B 328 -22.95 -43.68 24.27
N LEU B 329 -21.93 -44.50 24.05
CA LEU B 329 -20.56 -44.02 23.97
C LEU B 329 -20.16 -43.66 22.54
N THR B 330 -21.07 -43.86 21.60
CA THR B 330 -20.77 -43.60 20.19
C THR B 330 -21.06 -42.16 19.79
N ARG B 331 -20.19 -41.63 18.93
CA ARG B 331 -20.36 -40.28 18.40
C ARG B 331 -21.60 -40.24 17.51
N GLY B 332 -22.46 -39.25 17.77
CA GLY B 332 -23.62 -39.02 16.93
C GLY B 332 -24.87 -39.83 17.21
N LYS B 333 -24.84 -40.68 18.24
CA LYS B 333 -26.00 -41.50 18.59
C LYS B 333 -27.10 -40.70 19.27
N PHE B 334 -26.77 -39.49 19.73
CA PHE B 334 -27.76 -38.60 20.29
C PHE B 334 -27.83 -37.30 19.49
N ASN B 335 -28.73 -37.24 18.52
CA ASN B 335 -28.86 -36.09 17.66
C ASN B 335 -29.68 -34.97 18.29
N THR B 336 -29.39 -33.74 17.87
CA THR B 336 -30.15 -32.58 18.30
C THR B 336 -31.63 -32.78 18.01
N SER B 337 -31.91 -33.66 17.06
CA SER B 337 -33.27 -34.02 16.71
C SER B 337 -33.95 -34.64 17.93
N ASP B 338 -33.25 -35.55 18.59
CA ASP B 338 -33.74 -36.19 19.79
C ASP B 338 -33.91 -35.15 20.90
N VAL B 339 -32.99 -34.20 20.96
CA VAL B 339 -33.09 -33.13 21.93
C VAL B 339 -34.44 -32.43 21.81
N SER B 340 -34.85 -32.12 20.58
CA SER B 340 -36.13 -31.47 20.35
C SER B 340 -37.28 -32.32 20.86
N ALA B 341 -37.35 -33.55 20.37
CA ALA B 341 -38.42 -34.47 20.76
C ALA B 341 -38.58 -34.54 22.26
N ILE B 342 -37.45 -34.69 22.96
CA ILE B 342 -37.46 -34.87 24.41
C ILE B 342 -37.84 -33.59 25.15
N GLU B 343 -38.03 -32.50 24.43
CA GLU B 343 -38.43 -31.25 25.05
C GLU B 343 -39.87 -30.88 24.70
N LYS B 344 -40.57 -31.80 24.05
CA LYS B 344 -41.98 -31.58 23.72
C LYS B 344 -42.85 -31.65 24.96
N ASN B 345 -43.82 -30.74 25.06
CA ASN B 345 -44.72 -30.70 26.21
C ASN B 345 -45.37 -32.04 26.48
N LYS B 346 -46.16 -32.52 25.54
CA LYS B 346 -46.94 -33.73 25.74
C LYS B 346 -46.07 -34.99 25.81
N GLU B 347 -45.22 -35.18 24.81
CA GLU B 347 -44.48 -36.43 24.67
C GLU B 347 -43.02 -36.40 25.13
N GLY B 348 -42.56 -35.27 25.65
CA GLY B 348 -41.16 -35.14 26.05
C GLY B 348 -40.63 -36.39 26.73
N LEU B 349 -41.17 -36.69 27.91
CA LEU B 349 -40.71 -37.81 28.71
C LEU B 349 -40.98 -39.15 28.04
N HIS B 350 -42.10 -39.23 27.34
CA HIS B 350 -42.44 -40.42 26.61
C HIS B 350 -41.41 -40.66 25.49
N ASN B 351 -41.07 -39.60 24.78
CA ASN B 351 -40.05 -39.69 23.73
C ASN B 351 -38.69 -40.03 24.31
N ALA B 352 -38.35 -39.41 25.42
CA ALA B 352 -37.09 -39.71 26.10
C ALA B 352 -37.00 -41.19 26.45
N LYS B 353 -38.15 -41.79 26.76
CA LYS B 353 -38.20 -43.21 27.09
C LYS B 353 -37.78 -44.05 25.88
N GLU B 354 -38.41 -43.78 24.73
CA GLU B 354 -38.09 -44.50 23.50
C GLU B 354 -36.63 -44.30 23.07
N ILE B 355 -36.17 -43.06 23.12
CA ILE B 355 -34.82 -42.72 22.70
C ILE B 355 -33.77 -43.45 23.53
N LEU B 356 -33.89 -43.34 24.85
CA LEU B 356 -32.93 -43.94 25.77
C LEU B 356 -33.00 -45.47 25.77
N THR B 357 -34.18 -46.01 25.47
CA THR B 357 -34.36 -47.45 25.42
C THR B 357 -33.68 -48.04 24.20
N ARG B 358 -33.57 -47.24 23.15
CA ARG B 358 -32.88 -47.65 21.94
C ARG B 358 -31.38 -47.60 22.15
N LEU B 359 -30.94 -46.73 23.07
CA LEU B 359 -29.52 -46.56 23.34
C LEU B 359 -28.93 -47.70 24.16
N GLY B 360 -29.78 -48.61 24.62
CA GLY B 360 -29.29 -49.80 25.33
C GLY B 360 -29.39 -49.75 26.84
N VAL B 361 -29.39 -48.55 27.42
CA VAL B 361 -29.52 -48.41 28.86
C VAL B 361 -30.90 -48.89 29.30
N GLU B 362 -31.09 -49.01 30.61
CA GLU B 362 -32.37 -49.40 31.16
C GLU B 362 -33.07 -48.17 31.75
N PRO B 363 -33.63 -47.32 30.87
CA PRO B 363 -34.20 -46.05 31.29
C PRO B 363 -35.28 -46.16 32.35
N SER B 364 -35.11 -45.43 33.45
CA SER B 364 -36.13 -45.35 34.50
C SER B 364 -36.83 -44.00 34.39
N ASP B 365 -38.07 -43.95 34.87
CA ASP B 365 -38.86 -42.72 34.77
C ASP B 365 -38.08 -41.50 35.25
N ASP B 366 -37.22 -41.70 36.25
CA ASP B 366 -36.38 -40.63 36.74
C ASP B 366 -35.34 -40.27 35.69
N ASP B 367 -34.67 -41.29 35.16
CA ASP B 367 -33.70 -41.09 34.10
C ASP B 367 -34.29 -40.18 33.04
N CYS B 368 -35.46 -40.55 32.53
CA CYS B 368 -36.14 -39.76 31.50
C CYS B 368 -36.29 -38.29 31.91
N VAL B 369 -36.67 -38.06 33.16
CA VAL B 369 -36.81 -36.70 33.66
C VAL B 369 -35.45 -36.02 33.74
N SER B 370 -34.45 -36.74 34.26
CA SER B 370 -33.09 -36.23 34.36
C SER B 370 -32.58 -35.80 33.00
N VAL B 371 -32.65 -36.71 32.04
CA VAL B 371 -32.22 -36.45 30.67
C VAL B 371 -32.92 -35.21 30.11
N GLN B 372 -34.25 -35.20 30.17
CA GLN B 372 -35.02 -34.10 29.63
C GLN B 372 -34.55 -32.75 30.17
N HIS B 373 -34.25 -32.71 31.46
CA HIS B 373 -33.82 -31.46 32.08
C HIS B 373 -32.43 -31.07 31.60
N VAL B 374 -31.63 -32.06 31.22
CA VAL B 374 -30.32 -31.80 30.63
C VAL B 374 -30.53 -31.06 29.32
N CYS B 375 -31.27 -31.69 28.41
CA CYS B 375 -31.60 -31.07 27.13
C CYS B 375 -32.06 -29.65 27.35
N THR B 376 -32.88 -29.46 28.38
CA THR B 376 -33.41 -28.15 28.71
C THR B 376 -32.29 -27.13 28.95
N ILE B 377 -31.35 -27.48 29.82
CA ILE B 377 -30.25 -26.58 30.13
C ILE B 377 -29.41 -26.27 28.90
N VAL B 378 -29.14 -27.30 28.10
CA VAL B 378 -28.30 -27.14 26.92
C VAL B 378 -28.93 -26.20 25.89
N SER B 379 -30.15 -26.54 25.48
CA SER B 379 -30.85 -25.76 24.47
C SER B 379 -31.17 -24.36 24.98
N PHE B 380 -31.38 -24.24 26.28
CA PHE B 380 -31.68 -22.93 26.85
C PHE B 380 -30.46 -22.04 26.79
N ARG B 381 -29.29 -22.62 27.08
CA ARG B 381 -28.05 -21.85 27.02
C ARG B 381 -27.82 -21.38 25.59
N SER B 382 -28.03 -22.28 24.64
CA SER B 382 -27.90 -21.94 23.23
C SER B 382 -28.72 -20.69 22.96
N ALA B 383 -30.02 -20.77 23.20
CA ALA B 383 -30.93 -19.66 22.96
C ALA B 383 -30.45 -18.40 23.67
N ASN B 384 -30.12 -18.54 24.95
CA ASN B 384 -29.62 -17.39 25.71
C ASN B 384 -28.41 -16.75 25.05
N LEU B 385 -27.43 -17.57 24.68
CA LEU B 385 -26.23 -17.06 24.04
C LEU B 385 -26.58 -16.23 22.81
N VAL B 386 -27.43 -16.79 21.95
CA VAL B 386 -27.85 -16.07 20.75
C VAL B 386 -28.57 -14.77 21.10
N ALA B 387 -29.28 -14.77 22.21
CA ALA B 387 -29.98 -13.56 22.65
C ALA B 387 -28.96 -12.46 22.95
N ALA B 388 -27.87 -12.84 23.62
CA ALA B 388 -26.83 -11.89 23.97
C ALA B 388 -26.22 -11.23 22.73
N THR B 389 -25.84 -12.06 21.75
CA THR B 389 -25.18 -11.53 20.55
C THR B 389 -26.12 -10.75 19.66
N LEU B 390 -27.34 -11.23 19.50
CA LEU B 390 -28.34 -10.48 18.74
C LEU B 390 -28.62 -9.15 19.43
N GLY B 391 -28.66 -9.19 20.76
CA GLY B 391 -28.87 -7.97 21.54
C GLY B 391 -27.83 -6.92 21.23
N ALA B 392 -26.56 -7.35 21.17
CA ALA B 392 -25.48 -6.44 20.85
C ALA B 392 -25.75 -5.80 19.50
N ILE B 393 -26.22 -6.60 18.56
CA ILE B 393 -26.52 -6.10 17.22
C ILE B 393 -27.66 -5.08 17.27
N LEU B 394 -28.74 -5.42 17.95
CA LEU B 394 -29.88 -4.51 18.07
C LEU B 394 -29.46 -3.19 18.69
N ASN B 395 -28.72 -3.27 19.79
CA ASN B 395 -28.19 -2.08 20.43
C ASN B 395 -27.30 -1.32 19.47
N ARG B 396 -26.57 -2.06 18.65
CA ARG B 396 -25.72 -1.47 17.63
C ARG B 396 -26.56 -0.67 16.65
N LEU B 397 -27.58 -1.30 16.09
CA LEU B 397 -28.47 -0.67 15.12
C LEU B 397 -29.06 0.63 15.67
N ARG B 398 -29.44 0.61 16.94
CA ARG B 398 -30.06 1.76 17.58
C ARG B 398 -29.11 2.96 17.68
N ASP B 399 -27.93 2.74 18.23
CA ASP B 399 -26.94 3.80 18.36
C ASP B 399 -26.64 4.43 17.00
N ASN B 400 -26.66 3.62 15.95
CA ASN B 400 -26.44 4.13 14.60
C ASN B 400 -27.51 5.11 14.16
N LYS B 401 -28.70 4.98 14.74
CA LYS B 401 -29.80 5.90 14.46
C LYS B 401 -29.76 7.08 15.42
N GLY B 402 -29.29 6.84 16.63
CA GLY B 402 -29.19 7.88 17.65
C GLY B 402 -30.56 8.23 18.22
N THR B 403 -31.42 7.23 18.32
CA THR B 403 -32.77 7.42 18.85
C THR B 403 -32.98 6.57 20.10
N PRO B 404 -33.87 7.01 21.00
CA PRO B 404 -34.08 6.31 22.26
C PRO B 404 -34.66 4.90 22.08
N ARG B 405 -35.53 4.72 21.08
CA ARG B 405 -36.16 3.43 20.86
C ARG B 405 -35.75 2.83 19.51
N LEU B 406 -35.96 1.54 19.35
CA LEU B 406 -35.65 0.87 18.09
C LEU B 406 -36.77 -0.06 17.65
N ARG B 407 -37.16 0.05 16.40
CA ARG B 407 -38.14 -0.86 15.83
C ARG B 407 -37.55 -1.53 14.60
N THR B 408 -37.38 -2.84 14.66
CA THR B 408 -36.77 -3.54 13.53
C THR B 408 -37.29 -4.97 13.42
N THR B 409 -37.12 -5.53 12.23
CA THR B 409 -37.53 -6.90 11.97
C THR B 409 -36.31 -7.80 11.70
N VAL B 410 -36.32 -8.97 12.33
CA VAL B 410 -35.23 -9.93 12.21
C VAL B 410 -35.65 -11.15 11.40
N GLY B 411 -35.11 -11.28 10.20
CA GLY B 411 -35.35 -12.46 9.38
C GLY B 411 -34.63 -13.65 9.99
N VAL B 412 -35.28 -14.81 9.98
CA VAL B 412 -34.69 -15.99 10.61
C VAL B 412 -34.92 -17.27 9.82
N ASN B 413 -34.01 -18.22 10.00
CA ASN B 413 -34.16 -19.57 9.45
C ASN B 413 -33.20 -20.51 10.15
N GLY B 414 -33.32 -21.80 9.84
CA GLY B 414 -32.50 -22.81 10.50
C GLY B 414 -33.34 -23.89 11.14
N SER B 415 -32.90 -25.14 10.99
CA SER B 415 -33.63 -26.30 11.48
C SER B 415 -33.95 -26.22 12.96
N LEU B 416 -32.99 -25.77 13.76
CA LEU B 416 -33.16 -25.73 15.20
C LEU B 416 -34.29 -24.79 15.59
N TYR B 417 -34.26 -23.59 15.04
CA TYR B 417 -35.26 -22.56 15.36
C TYR B 417 -36.64 -22.92 14.84
N LYS B 418 -36.68 -23.66 13.73
CA LYS B 418 -37.94 -24.03 13.12
C LYS B 418 -38.63 -25.22 13.79
N THR B 419 -37.85 -26.16 14.31
CA THR B 419 -38.41 -27.42 14.78
C THR B 419 -38.39 -27.63 16.29
N HIS B 420 -37.65 -26.82 17.02
CA HIS B 420 -37.60 -26.97 18.47
C HIS B 420 -38.88 -26.45 19.13
N PRO B 421 -39.44 -27.23 20.07
CA PRO B 421 -40.71 -26.89 20.73
C PRO B 421 -40.61 -25.76 21.77
N GLN B 422 -39.41 -25.37 22.17
CA GLN B 422 -39.25 -24.34 23.20
C GLN B 422 -38.30 -23.21 22.82
N TYR B 423 -37.39 -23.48 21.90
CA TYR B 423 -36.28 -22.58 21.58
C TYR B 423 -36.72 -21.17 21.19
N SER B 424 -37.54 -21.07 20.15
CA SER B 424 -38.04 -19.78 19.68
C SER B 424 -38.53 -18.95 20.85
N ARG B 425 -39.45 -19.54 21.61
CA ARG B 425 -40.08 -18.88 22.75
C ARG B 425 -39.05 -18.40 23.76
N ARG B 426 -38.16 -19.29 24.17
CA ARG B 426 -37.12 -18.93 25.13
C ARG B 426 -36.17 -17.89 24.56
N PHE B 427 -35.75 -18.11 23.31
CA PHE B 427 -34.88 -17.15 22.63
C PHE B 427 -35.51 -15.76 22.63
N HIS B 428 -36.73 -15.68 22.11
CA HIS B 428 -37.47 -14.43 22.07
C HIS B 428 -37.60 -13.80 23.45
N LYS B 429 -37.96 -14.62 24.42
CA LYS B 429 -38.13 -14.15 25.79
C LYS B 429 -36.89 -13.41 26.29
N THR B 430 -35.78 -14.14 26.36
CA THR B 430 -34.52 -13.59 26.84
C THR B 430 -34.09 -12.36 26.06
N LEU B 431 -34.21 -12.44 24.74
CA LEU B 431 -33.78 -11.33 23.89
C LEU B 431 -34.49 -10.05 24.30
N ARG B 432 -35.82 -10.06 24.21
CA ARG B 432 -36.61 -8.88 24.49
C ARG B 432 -36.30 -8.32 25.88
N ARG B 433 -36.03 -9.22 26.84
CA ARG B 433 -35.65 -8.78 28.17
C ARG B 433 -34.31 -8.06 28.18
N LEU B 434 -33.43 -8.43 27.26
CA LEU B 434 -32.08 -7.86 27.23
C LEU B 434 -32.00 -6.50 26.54
N VAL B 435 -32.85 -6.28 25.55
CA VAL B 435 -32.89 -5.00 24.86
C VAL B 435 -34.23 -4.31 25.07
N PRO B 436 -34.34 -3.53 26.15
CA PRO B 436 -35.56 -2.87 26.59
C PRO B 436 -36.24 -1.95 25.56
N ASP B 437 -35.57 -0.86 25.19
CA ASP B 437 -36.20 0.16 24.36
C ASP B 437 -36.26 -0.25 22.89
N SER B 438 -36.92 -1.37 22.60
CA SER B 438 -36.98 -1.86 21.22
C SER B 438 -38.11 -2.84 20.98
N ASP B 439 -38.80 -2.66 19.87
CA ASP B 439 -39.84 -3.57 19.42
C ASP B 439 -39.24 -4.43 18.32
N VAL B 440 -39.30 -5.75 18.48
CA VAL B 440 -38.65 -6.67 17.55
C VAL B 440 -39.59 -7.71 16.96
N ARG B 441 -39.67 -7.75 15.64
CA ARG B 441 -40.45 -8.78 14.98
C ARG B 441 -39.55 -9.87 14.43
N PHE B 442 -39.90 -11.13 14.71
CA PHE B 442 -39.15 -12.26 14.20
C PHE B 442 -39.89 -12.95 13.07
N LEU B 443 -39.56 -12.60 11.84
CA LEU B 443 -40.19 -13.20 10.69
C LEU B 443 -39.41 -14.42 10.21
N LEU B 444 -40.01 -15.59 10.37
CA LEU B 444 -39.39 -16.82 9.91
C LEU B 444 -39.54 -16.96 8.41
N SER B 445 -38.41 -17.02 7.71
CA SER B 445 -38.41 -17.24 6.28
C SER B 445 -38.97 -18.63 5.99
N GLU B 446 -40.05 -18.70 5.20
CA GLU B 446 -40.69 -19.97 4.89
C GLU B 446 -40.14 -20.53 3.59
N SER B 447 -39.64 -19.64 2.73
CA SER B 447 -39.12 -20.04 1.44
C SER B 447 -37.62 -20.31 1.46
N GLY B 448 -37.00 -20.04 2.61
CA GLY B 448 -35.55 -20.16 2.72
C GLY B 448 -34.90 -18.89 2.25
N SER B 449 -33.61 -18.95 1.92
CA SER B 449 -32.89 -17.76 1.50
C SER B 449 -32.89 -17.58 -0.01
N GLY B 450 -33.42 -18.57 -0.72
CA GLY B 450 -33.46 -18.55 -2.18
C GLY B 450 -34.07 -17.29 -2.80
N LYS B 451 -35.19 -16.84 -2.25
CA LYS B 451 -35.86 -15.65 -2.77
C LYS B 451 -35.00 -14.40 -2.59
N GLY B 452 -34.39 -14.27 -1.42
CA GLY B 452 -33.50 -13.16 -1.14
C GLY B 452 -32.30 -13.19 -2.07
N ALA B 453 -31.74 -14.38 -2.24
CA ALA B 453 -30.60 -14.58 -3.14
C ALA B 453 -30.93 -14.06 -4.53
N ALA B 454 -32.11 -14.40 -5.02
CA ALA B 454 -32.54 -13.95 -6.34
C ALA B 454 -32.66 -12.43 -6.39
N MET B 455 -33.12 -11.83 -5.31
CA MET B 455 -33.27 -10.38 -5.25
C MET B 455 -31.92 -9.69 -5.36
N VAL B 456 -30.90 -10.30 -4.76
CA VAL B 456 -29.54 -9.81 -4.86
C VAL B 456 -29.04 -9.98 -6.28
N THR B 457 -29.28 -11.17 -6.83
CA THR B 457 -28.86 -11.50 -8.18
C THR B 457 -29.35 -10.45 -9.18
N ALA B 458 -30.61 -10.03 -9.04
CA ALA B 458 -31.21 -9.07 -9.95
C ALA B 458 -30.47 -7.73 -9.98
N VAL B 459 -30.10 -7.23 -8.80
CA VAL B 459 -29.35 -5.98 -8.70
C VAL B 459 -27.92 -6.19 -9.19
N ALA B 460 -27.32 -7.32 -8.84
CA ALA B 460 -25.98 -7.63 -9.27
C ALA B 460 -25.89 -7.64 -10.80
N TYR B 461 -26.79 -8.40 -11.43
CA TYR B 461 -26.85 -8.47 -12.88
C TYR B 461 -27.00 -7.09 -13.49
N ARG B 462 -28.02 -6.36 -13.04
CA ARG B 462 -28.24 -4.99 -13.47
C ARG B 462 -26.92 -4.22 -13.44
N LEU B 463 -26.16 -4.40 -12.36
CA LEU B 463 -24.86 -3.75 -12.25
C LEU B 463 -23.80 -4.36 -13.17
N ALA B 464 -23.73 -5.68 -13.20
CA ALA B 464 -22.81 -6.37 -14.10
C ALA B 464 -22.98 -5.88 -15.53
N GLU B 465 -24.22 -5.65 -15.93
CA GLU B 465 -24.52 -5.12 -17.26
C GLU B 465 -23.89 -3.76 -17.48
N GLN B 466 -23.96 -2.90 -16.47
CA GLN B 466 -23.33 -1.58 -16.56
C GLN B 466 -21.81 -1.73 -16.75
N HIS B 467 -21.20 -2.57 -15.93
CA HIS B 467 -19.76 -2.80 -16.03
C HIS B 467 -19.41 -3.32 -17.41
N ARG B 468 -20.17 -4.31 -17.88
CA ARG B 468 -19.91 -4.89 -19.18
C ARG B 468 -19.81 -3.80 -20.24
N GLN B 469 -20.81 -2.90 -20.24
CA GLN B 469 -20.88 -1.86 -21.24
C GLN B 469 -19.75 -0.84 -21.10
N ILE B 470 -19.38 -0.55 -19.87
CA ILE B 470 -18.30 0.38 -19.58
C ILE B 470 -16.96 -0.21 -20.01
N GLU B 471 -16.74 -1.47 -19.66
CA GLU B 471 -15.51 -2.17 -20.02
C GLU B 471 -15.38 -2.31 -21.54
N GLU B 472 -16.50 -2.55 -22.19
CA GLU B 472 -16.57 -2.68 -23.63
C GLU B 472 -16.16 -1.37 -24.30
N THR B 473 -16.75 -0.26 -23.86
CA THR B 473 -16.37 1.04 -24.35
C THR B 473 -14.87 1.28 -24.15
N LEU B 474 -14.42 1.15 -22.91
CA LEU B 474 -13.02 1.44 -22.57
C LEU B 474 -12.01 0.54 -23.27
N ALA B 475 -12.42 -0.67 -23.64
CA ALA B 475 -11.51 -1.59 -24.31
C ALA B 475 -10.97 -1.02 -25.63
N HIS B 476 -11.76 -0.15 -26.27
CA HIS B 476 -11.31 0.50 -27.50
C HIS B 476 -10.07 1.36 -27.29
N PHE B 477 -9.78 1.69 -26.04
CA PHE B 477 -8.61 2.50 -25.71
C PHE B 477 -7.44 1.61 -25.33
N HIS B 478 -7.68 0.31 -25.27
CA HIS B 478 -6.64 -0.64 -24.97
C HIS B 478 -5.84 -0.95 -26.23
N LEU B 479 -4.52 -0.93 -26.13
CA LEU B 479 -3.66 -1.25 -27.25
C LEU B 479 -2.73 -2.39 -26.89
N THR B 480 -2.74 -3.45 -27.70
CA THR B 480 -1.85 -4.58 -27.47
C THR B 480 -0.45 -4.28 -27.96
N LYS B 481 0.51 -5.04 -27.45
CA LYS B 481 1.89 -4.88 -27.89
C LYS B 481 1.93 -4.92 -29.41
N ASP B 482 1.16 -5.83 -30.00
CA ASP B 482 1.09 -5.95 -31.46
C ASP B 482 0.59 -4.66 -32.11
N MET B 483 -0.52 -4.12 -31.60
CA MET B 483 -1.05 -2.87 -32.13
C MET B 483 0.02 -1.79 -32.09
N LEU B 484 0.73 -1.71 -30.97
CA LEU B 484 1.76 -0.70 -30.76
C LEU B 484 2.92 -0.87 -31.73
N LEU B 485 3.24 -2.12 -32.06
CA LEU B 485 4.27 -2.37 -33.04
C LEU B 485 3.82 -1.81 -34.39
N GLU B 486 2.55 -2.02 -34.71
CA GLU B 486 1.99 -1.48 -35.94
C GLU B 486 2.11 0.03 -35.98
N VAL B 487 1.62 0.68 -34.93
CA VAL B 487 1.71 2.13 -34.84
C VAL B 487 3.15 2.57 -35.10
N LYS B 488 4.09 1.85 -34.51
CA LYS B 488 5.51 2.11 -34.71
C LYS B 488 5.87 2.00 -36.19
N LYS B 489 5.51 0.86 -36.78
CA LYS B 489 5.72 0.60 -38.19
C LYS B 489 5.12 1.68 -39.07
N ARG B 490 3.85 2.00 -38.85
CA ARG B 490 3.18 3.04 -39.63
C ARG B 490 3.91 4.37 -39.47
N MET B 491 4.37 4.64 -38.26
CA MET B 491 5.10 5.88 -37.98
C MET B 491 6.40 5.91 -38.78
N ARG B 492 7.07 4.77 -38.86
CA ARG B 492 8.31 4.67 -39.61
C ARG B 492 8.06 5.01 -41.08
N ALA B 493 7.00 4.43 -41.64
CA ALA B 493 6.64 4.70 -43.02
C ALA B 493 6.44 6.20 -43.24
N GLU B 494 5.65 6.83 -42.38
CA GLU B 494 5.35 8.24 -42.52
C GLU B 494 6.64 9.06 -42.53
N MET B 495 7.59 8.69 -41.68
CA MET B 495 8.87 9.38 -41.63
C MET B 495 9.56 9.32 -43.00
N GLU B 496 9.52 8.14 -43.62
CA GLU B 496 10.10 7.97 -44.94
C GLU B 496 9.47 8.95 -45.92
N LEU B 497 8.15 8.82 -46.09
CA LEU B 497 7.40 9.68 -47.00
C LEU B 497 7.74 11.16 -46.83
N GLY B 498 7.92 11.58 -45.58
CA GLY B 498 8.21 12.99 -45.30
C GLY B 498 9.59 13.41 -45.74
N LEU B 499 10.52 12.45 -45.80
CA LEU B 499 11.91 12.74 -46.15
C LEU B 499 12.19 12.68 -47.65
N ARG B 500 11.62 11.69 -48.34
CA ARG B 500 11.80 11.55 -49.78
C ARG B 500 10.93 12.55 -50.54
N LYS B 501 11.55 13.36 -51.38
CA LYS B 501 10.83 14.43 -52.08
C LYS B 501 9.81 13.90 -53.06
N GLN B 502 9.92 12.63 -53.40
CA GLN B 502 8.94 11.98 -54.27
C GLN B 502 7.54 12.03 -53.65
N THR B 503 7.46 11.90 -52.33
CA THR B 503 6.16 11.81 -51.66
C THR B 503 5.93 12.91 -50.61
N HIS B 504 6.94 13.75 -50.39
CA HIS B 504 6.88 14.79 -49.37
C HIS B 504 5.58 15.59 -49.40
N ASN B 505 5.27 16.16 -50.55
CA ASN B 505 4.09 17.02 -50.69
C ASN B 505 2.81 16.40 -50.15
N ASN B 506 2.67 15.09 -50.33
CA ASN B 506 1.49 14.36 -49.89
C ASN B 506 1.59 13.82 -48.46
N ALA B 507 2.81 13.76 -47.93
CA ALA B 507 3.05 13.20 -46.61
C ALA B 507 2.43 14.07 -45.52
N VAL B 508 1.88 13.41 -44.49
CA VAL B 508 1.28 14.11 -43.35
C VAL B 508 2.33 14.49 -42.30
N VAL B 509 3.21 13.55 -41.99
CA VAL B 509 4.34 13.85 -41.11
C VAL B 509 5.42 14.50 -41.96
N LYS B 510 5.58 15.81 -41.78
CA LYS B 510 6.36 16.63 -42.72
C LYS B 510 7.87 16.47 -42.65
N MET B 511 8.42 16.21 -41.47
CA MET B 511 9.85 16.02 -41.33
C MET B 511 10.61 17.25 -41.81
N LEU B 512 10.20 18.42 -41.31
CA LEU B 512 10.78 19.67 -41.75
C LEU B 512 12.23 19.79 -41.28
N PRO B 513 13.07 20.45 -42.09
CA PRO B 513 14.47 20.72 -41.76
C PRO B 513 14.59 21.97 -40.91
N SER B 514 15.34 21.88 -39.81
CA SER B 514 15.51 23.00 -38.88
C SER B 514 16.73 23.82 -39.24
N PHE B 515 17.55 23.26 -40.11
CA PHE B 515 18.82 23.88 -40.52
C PHE B 515 19.78 24.05 -39.35
N VAL B 516 19.60 23.18 -38.36
CA VAL B 516 20.52 23.02 -37.26
C VAL B 516 21.29 21.74 -37.56
N ARG B 517 22.59 21.86 -37.81
CA ARG B 517 23.37 20.73 -38.31
C ARG B 517 24.16 19.95 -37.26
N ARG B 518 24.53 20.61 -36.17
CA ARG B 518 25.25 19.92 -35.11
C ARG B 518 24.89 20.40 -33.71
N THR B 519 24.91 19.47 -32.76
CA THR B 519 24.67 19.79 -31.36
C THR B 519 25.82 20.66 -30.87
N PRO B 520 25.61 21.38 -29.75
CA PRO B 520 26.63 22.32 -29.29
C PRO B 520 28.01 21.66 -29.27
N ASP B 521 29.00 22.35 -29.85
CA ASP B 521 30.36 21.82 -29.91
C ASP B 521 31.17 22.26 -28.69
N GLY B 522 30.57 23.09 -27.86
CA GLY B 522 31.20 23.53 -26.62
C GLY B 522 31.86 24.89 -26.70
N THR B 523 31.75 25.54 -27.85
CA THR B 523 32.42 26.84 -28.06
C THR B 523 31.45 28.02 -28.03
N GLU B 524 30.16 27.74 -28.12
CA GLU B 524 29.14 28.79 -28.09
C GLU B 524 29.48 29.83 -27.02
N ASN B 525 29.50 31.09 -27.42
CA ASN B 525 29.87 32.19 -26.51
C ASN B 525 29.13 33.48 -26.86
N GLY B 526 28.76 34.24 -25.83
CA GLY B 526 28.13 35.54 -26.06
C GLY B 526 26.84 35.76 -25.29
N ASP B 527 26.14 36.85 -25.64
CA ASP B 527 24.87 37.18 -25.02
C ASP B 527 23.75 37.09 -26.06
N PHE B 528 22.60 36.55 -25.65
CA PHE B 528 21.51 36.34 -26.61
C PHE B 528 20.14 36.67 -26.05
N LEU B 529 19.25 37.08 -26.95
CA LEU B 529 17.84 37.28 -26.62
C LEU B 529 17.08 36.07 -27.15
N ALA B 530 16.03 35.70 -26.44
CA ALA B 530 15.22 34.57 -26.88
C ALA B 530 13.74 34.81 -26.67
N LEU B 531 12.94 34.24 -27.56
CA LEU B 531 11.49 34.28 -27.45
C LEU B 531 10.96 32.87 -27.30
N ASP B 532 9.99 32.70 -26.40
CA ASP B 532 9.37 31.40 -26.18
C ASP B 532 7.87 31.52 -26.42
N LEU B 533 7.44 31.21 -27.64
CA LEU B 533 6.04 31.35 -28.02
C LEU B 533 5.47 30.05 -28.56
N GLY B 534 4.35 29.62 -28.01
CA GLY B 534 3.70 28.40 -28.48
C GLY B 534 3.25 27.46 -27.37
N GLY B 535 3.94 27.51 -26.24
CA GLY B 535 3.57 26.70 -25.08
C GLY B 535 2.57 27.43 -24.21
N THR B 536 2.37 26.96 -22.98
CA THR B 536 1.39 27.56 -22.08
C THR B 536 1.76 28.99 -21.68
N ASN B 537 3.06 29.29 -21.68
CA ASN B 537 3.52 30.64 -21.34
C ASN B 537 4.40 31.25 -22.42
N PHE B 538 4.07 32.48 -22.80
CA PHE B 538 4.93 33.26 -23.67
C PHE B 538 5.91 34.03 -22.80
N ARG B 539 7.20 33.84 -23.05
CA ARG B 539 8.18 34.59 -22.29
C ARG B 539 9.34 35.09 -23.14
N VAL B 540 10.02 36.12 -22.64
CA VAL B 540 11.19 36.67 -23.30
C VAL B 540 12.41 36.40 -22.43
N LEU B 541 13.48 35.90 -23.02
CA LEU B 541 14.63 35.50 -22.22
C LEU B 541 15.94 36.14 -22.64
N LEU B 542 16.77 36.41 -21.63
CA LEU B 542 18.12 36.90 -21.83
C LEU B 542 19.06 35.77 -21.41
N VAL B 543 19.98 35.41 -22.30
CA VAL B 543 20.86 34.28 -22.04
C VAL B 543 22.32 34.61 -22.31
N LYS B 544 23.17 34.35 -21.32
CA LYS B 544 24.59 34.60 -21.44
C LYS B 544 25.36 33.29 -21.41
N ILE B 545 26.14 33.03 -22.44
CA ILE B 545 26.90 31.79 -22.54
C ILE B 545 28.39 32.05 -22.62
N ARG B 546 29.10 31.66 -21.56
CA ARG B 546 30.53 31.81 -21.51
C ARG B 546 31.19 30.47 -21.78
N SER B 547 32.04 30.42 -22.80
CA SER B 547 32.75 29.20 -23.14
C SER B 547 34.17 29.28 -22.64
N GLY B 548 35.01 28.37 -23.12
CA GLY B 548 36.41 28.35 -22.72
C GLY B 548 36.62 27.59 -21.43
N LYS B 549 37.80 27.76 -20.84
CA LYS B 549 38.19 26.96 -19.68
C LYS B 549 37.09 26.86 -18.64
N LYS B 550 36.43 27.98 -18.36
CA LYS B 550 35.30 27.97 -17.44
C LYS B 550 34.01 28.27 -18.21
N ARG B 551 33.07 27.32 -18.17
CA ARG B 551 31.85 27.45 -18.95
C ARG B 551 30.59 27.60 -18.09
N THR B 552 29.85 28.68 -18.34
CA THR B 552 28.66 28.99 -17.58
C THR B 552 27.51 29.47 -18.46
N VAL B 553 26.32 29.50 -17.89
CA VAL B 553 25.13 29.97 -18.58
C VAL B 553 24.20 30.67 -17.59
N GLU B 554 24.08 31.99 -17.72
CA GLU B 554 23.19 32.75 -16.85
C GLU B 554 22.00 33.23 -17.65
N MET B 555 20.79 32.86 -17.22
CA MET B 555 19.60 33.31 -17.94
C MET B 555 18.47 33.84 -17.06
N HIS B 556 17.78 34.84 -17.62
CA HIS B 556 16.63 35.45 -16.97
C HIS B 556 15.48 35.41 -17.96
N ASN B 557 14.27 35.70 -17.48
CA ASN B 557 13.12 35.69 -18.35
C ASN B 557 11.89 36.22 -17.63
N LYS B 558 10.91 36.68 -18.41
CA LYS B 558 9.67 37.17 -17.85
C LYS B 558 8.51 36.59 -18.64
N ILE B 559 7.45 36.23 -17.94
CA ILE B 559 6.25 35.72 -18.59
C ILE B 559 5.36 36.88 -19.01
N TYR B 560 4.79 36.77 -20.21
CA TYR B 560 3.87 37.79 -20.70
C TYR B 560 2.56 37.17 -21.16
N ALA B 561 1.46 37.63 -20.59
CA ALA B 561 0.14 37.14 -20.93
C ALA B 561 -0.29 37.63 -22.30
N ILE B 562 -0.71 36.70 -23.14
CA ILE B 562 -1.25 37.02 -24.45
C ILE B 562 -2.77 36.90 -24.41
N PRO B 563 -3.46 38.03 -24.26
CA PRO B 563 -4.92 38.06 -24.12
C PRO B 563 -5.63 37.31 -25.25
N ILE B 564 -6.67 36.58 -24.89
CA ILE B 564 -7.44 35.76 -25.83
C ILE B 564 -7.61 36.45 -27.18
N GLU B 565 -8.22 37.63 -27.16
CA GLU B 565 -8.43 38.40 -28.38
C GLU B 565 -7.17 38.40 -29.24
N ILE B 566 -6.08 38.95 -28.71
CA ILE B 566 -4.82 39.06 -29.44
C ILE B 566 -4.35 37.72 -29.99
N MET B 567 -4.57 36.65 -29.23
CA MET B 567 -4.12 35.32 -29.63
C MET B 567 -4.81 34.87 -30.92
N GLN B 568 -6.02 35.36 -31.13
CA GLN B 568 -6.78 35.07 -32.33
C GLN B 568 -7.26 36.36 -32.99
N GLY B 569 -6.42 37.40 -32.93
CA GLY B 569 -6.70 38.66 -33.62
C GLY B 569 -6.04 38.63 -34.98
N THR B 570 -5.22 39.65 -35.26
CA THR B 570 -4.52 39.72 -36.54
C THR B 570 -3.02 39.58 -36.33
N GLY B 571 -2.35 39.00 -37.31
CA GLY B 571 -0.90 38.87 -37.27
C GLY B 571 -0.24 40.16 -36.81
N GLU B 572 -0.77 41.29 -37.26
CA GLU B 572 -0.19 42.59 -36.92
C GLU B 572 -0.28 42.89 -35.43
N GLU B 573 -1.43 42.60 -34.83
CA GLU B 573 -1.61 42.82 -33.41
C GLU B 573 -0.75 41.86 -32.61
N LEU B 574 -0.73 40.60 -33.02
CA LEU B 574 0.05 39.58 -32.34
C LEU B 574 1.51 39.99 -32.23
N PHE B 575 2.13 40.21 -33.39
CA PHE B 575 3.55 40.53 -33.42
C PHE B 575 3.88 41.91 -32.89
N ASP B 576 2.89 42.79 -32.86
CA ASP B 576 3.07 44.10 -32.24
C ASP B 576 3.10 43.93 -30.73
N HIS B 577 2.26 43.02 -30.24
CA HIS B 577 2.22 42.66 -28.84
C HIS B 577 3.55 42.01 -28.45
N ILE B 578 3.98 41.03 -29.24
CA ILE B 578 5.26 40.38 -29.05
C ILE B 578 6.38 41.42 -28.90
N VAL B 579 6.47 42.33 -29.87
CA VAL B 579 7.53 43.33 -29.87
C VAL B 579 7.36 44.32 -28.72
N SER B 580 6.12 44.55 -28.34
CA SER B 580 5.83 45.40 -27.19
C SER B 580 6.50 44.82 -25.93
N CYS B 581 6.38 43.51 -25.76
CA CYS B 581 6.95 42.83 -24.61
C CYS B 581 8.46 42.76 -24.70
N ILE B 582 8.97 42.55 -25.91
CA ILE B 582 10.41 42.53 -26.11
C ILE B 582 11.00 43.84 -25.63
N SER B 583 10.28 44.92 -25.88
CA SER B 583 10.71 46.25 -25.45
C SER B 583 10.71 46.34 -23.94
N ASP B 584 9.66 45.85 -23.31
CA ASP B 584 9.55 45.91 -21.85
C ASP B 584 10.65 45.09 -21.18
N PHE B 585 10.92 43.90 -21.73
CA PHE B 585 11.96 43.03 -21.19
C PHE B 585 13.33 43.70 -21.26
N LEU B 586 13.62 44.33 -22.40
CA LEU B 586 14.86 45.07 -22.58
C LEU B 586 15.02 46.13 -21.49
N ASP B 587 13.91 46.74 -21.10
CA ASP B 587 13.92 47.68 -19.98
C ASP B 587 14.22 46.94 -18.68
N TYR B 588 13.44 45.89 -18.44
CA TYR B 588 13.59 45.04 -17.26
C TYR B 588 15.04 44.62 -17.08
N MET B 589 15.67 44.18 -18.17
CA MET B 589 17.06 43.73 -18.11
C MET B 589 18.05 44.90 -18.15
N GLY B 590 17.57 46.07 -18.54
CA GLY B 590 18.42 47.27 -18.61
C GLY B 590 19.42 47.19 -19.74
N ILE B 591 19.04 46.52 -20.83
CA ILE B 591 19.92 46.37 -21.97
C ILE B 591 19.38 47.02 -23.23
N LYS B 592 18.43 47.94 -23.07
CA LYS B 592 17.89 48.67 -24.22
C LYS B 592 19.00 49.51 -24.86
N GLY B 593 19.25 49.29 -26.16
CA GLY B 593 20.25 50.06 -26.89
C GLY B 593 20.92 49.28 -27.99
N PRO B 594 21.74 48.30 -27.61
CA PRO B 594 22.48 47.44 -28.54
C PRO B 594 21.58 46.52 -29.37
N ARG B 595 22.08 46.13 -30.54
CA ARG B 595 21.34 45.32 -31.48
C ARG B 595 21.60 43.84 -31.23
N MET B 596 21.07 43.32 -30.12
CA MET B 596 21.32 41.94 -29.72
C MET B 596 20.76 40.93 -30.72
N PRO B 597 21.46 39.79 -30.89
CA PRO B 597 20.99 38.69 -31.71
C PRO B 597 19.87 37.96 -30.98
N LEU B 598 18.83 37.59 -31.69
CA LEU B 598 17.68 36.96 -31.04
C LEU B 598 17.35 35.57 -31.58
N GLY B 599 16.99 34.68 -30.66
CA GLY B 599 16.55 33.33 -31.00
C GLY B 599 15.06 33.24 -30.80
N PHE B 600 14.35 32.85 -31.85
CA PHE B 600 12.90 32.82 -31.84
C PHE B 600 12.42 31.38 -31.76
N THR B 601 11.89 30.99 -30.60
CA THR B 601 11.28 29.67 -30.47
C THR B 601 9.82 29.79 -30.86
N PHE B 602 9.50 29.22 -32.01
CA PHE B 602 8.15 29.29 -32.55
C PHE B 602 7.61 27.87 -32.65
N SER B 603 6.62 27.57 -31.81
CA SER B 603 6.17 26.19 -31.61
C SER B 603 5.18 25.67 -32.63
N PHE B 604 5.28 26.14 -33.86
CA PHE B 604 4.35 25.73 -34.90
C PHE B 604 5.12 25.33 -36.13
N PRO B 605 4.53 24.48 -36.97
CA PRO B 605 5.26 23.95 -38.11
C PRO B 605 5.65 25.06 -39.08
N CYS B 606 6.94 25.18 -39.37
CA CYS B 606 7.43 26.20 -40.29
C CYS B 606 8.26 25.62 -41.43
N GLN B 607 8.01 26.11 -42.63
CA GLN B 607 8.83 25.76 -43.79
C GLN B 607 10.05 26.65 -43.79
N GLN B 608 11.22 26.04 -43.67
CA GLN B 608 12.45 26.81 -43.56
C GLN B 608 13.36 26.57 -44.76
N THR B 609 14.01 27.65 -45.21
CA THR B 609 14.97 27.57 -46.29
C THR B 609 16.34 27.96 -45.74
N SER B 610 16.34 28.28 -44.45
CA SER B 610 17.54 28.69 -43.75
C SER B 610 17.20 28.90 -42.27
N LEU B 611 18.22 28.84 -41.43
CA LEU B 611 18.04 29.00 -39.99
C LEU B 611 17.18 30.21 -39.62
N ASP B 612 17.28 31.28 -40.40
CA ASP B 612 16.59 32.52 -40.06
C ASP B 612 15.39 32.82 -40.95
N ALA B 613 14.86 31.78 -41.59
CA ALA B 613 13.66 31.93 -42.42
C ALA B 613 12.65 30.83 -42.11
N GLY B 614 11.43 31.23 -41.78
CA GLY B 614 10.39 30.25 -41.42
C GLY B 614 8.99 30.66 -41.82
N ILE B 615 8.40 29.90 -42.73
CA ILE B 615 7.05 30.15 -43.19
C ILE B 615 6.04 29.36 -42.38
N LEU B 616 5.17 30.04 -41.65
CA LEU B 616 4.11 29.36 -40.91
C LEU B 616 3.25 28.53 -41.85
N ILE B 617 3.36 27.20 -41.74
CA ILE B 617 2.60 26.29 -42.59
C ILE B 617 1.12 26.25 -42.21
N THR B 618 0.85 26.22 -40.92
CA THR B 618 -0.51 26.17 -40.40
C THR B 618 -0.48 26.40 -38.91
N TRP B 619 -1.59 26.90 -38.36
CA TRP B 619 -1.71 27.04 -36.93
C TRP B 619 -2.04 25.69 -36.30
N THR B 620 -1.60 25.49 -35.07
CA THR B 620 -1.93 24.30 -34.30
C THR B 620 -2.29 24.72 -32.88
N LYS B 621 -2.87 23.82 -32.11
CA LYS B 621 -3.24 24.16 -30.74
C LYS B 621 -4.26 25.29 -30.69
N GLY B 622 -4.05 26.26 -29.81
CA GLY B 622 -5.07 27.29 -29.57
C GLY B 622 -4.91 28.57 -30.38
N PHE B 623 -3.90 28.62 -31.23
CA PHE B 623 -3.60 29.82 -32.00
C PHE B 623 -4.34 29.90 -33.31
N LYS B 624 -4.88 31.07 -33.61
CA LYS B 624 -5.39 31.33 -34.94
C LYS B 624 -5.39 32.81 -35.30
N ALA B 625 -4.24 33.45 -35.18
CA ALA B 625 -4.13 34.84 -35.64
C ALA B 625 -4.20 34.85 -37.17
N THR B 626 -4.86 35.86 -37.72
CA THR B 626 -5.07 35.92 -39.16
C THR B 626 -3.87 36.47 -39.92
N ASP B 627 -3.79 36.14 -41.20
CA ASP B 627 -2.74 36.64 -42.07
C ASP B 627 -1.36 36.34 -41.50
N CYS B 628 -1.24 35.21 -40.83
CA CYS B 628 0.06 34.75 -40.34
C CYS B 628 0.50 33.58 -41.20
N VAL B 629 -0.38 32.60 -41.35
CA VAL B 629 -0.11 31.44 -42.19
C VAL B 629 0.43 31.88 -43.54
N GLY B 630 1.39 31.13 -44.07
CA GLY B 630 1.96 31.44 -45.38
C GLY B 630 3.00 32.55 -45.34
N HIS B 631 3.07 33.25 -44.22
CA HIS B 631 4.07 34.30 -44.04
C HIS B 631 5.31 33.75 -43.35
N ASP B 632 6.44 34.41 -43.58
CA ASP B 632 7.67 34.13 -42.86
C ASP B 632 7.62 34.85 -41.52
N VAL B 633 7.54 34.09 -40.43
CA VAL B 633 7.35 34.65 -39.10
C VAL B 633 8.48 35.60 -38.70
N VAL B 634 9.65 35.42 -39.29
CA VAL B 634 10.77 36.33 -39.03
C VAL B 634 10.46 37.68 -39.67
N THR B 635 9.92 37.65 -40.88
CA THR B 635 9.50 38.86 -41.56
C THR B 635 8.46 39.59 -40.71
N LEU B 636 7.46 38.84 -40.23
CA LEU B 636 6.42 39.41 -39.38
C LEU B 636 6.98 40.08 -38.14
N LEU B 637 8.04 39.50 -37.58
CA LEU B 637 8.66 40.06 -36.39
C LEU B 637 9.45 41.32 -36.74
N ARG B 638 10.42 41.17 -37.65
CA ARG B 638 11.23 42.29 -38.10
C ARG B 638 10.35 43.48 -38.47
N ASP B 639 9.17 43.19 -39.02
CA ASP B 639 8.24 44.24 -39.41
C ASP B 639 7.67 44.93 -38.17
N ALA B 640 7.14 44.14 -37.25
CA ALA B 640 6.59 44.66 -36.00
C ALA B 640 7.62 45.51 -35.28
N ILE B 641 8.88 45.12 -35.39
CA ILE B 641 9.97 45.87 -34.80
C ILE B 641 10.14 47.22 -35.50
N LYS B 642 10.14 47.20 -36.83
CA LYS B 642 10.23 48.44 -37.60
C LYS B 642 9.07 49.36 -37.25
N ARG B 643 7.88 48.79 -37.14
CA ARG B 643 6.68 49.56 -36.85
C ARG B 643 6.76 50.31 -35.52
N ARG B 644 7.79 50.04 -34.72
CA ARG B 644 7.94 50.77 -33.46
C ARG B 644 9.16 51.68 -33.49
N GLU B 645 10.26 51.18 -34.05
CA GLU B 645 11.45 51.99 -34.24
C GLU B 645 12.07 52.40 -32.92
N GLU B 646 11.48 51.91 -31.83
CA GLU B 646 12.01 52.18 -30.52
C GLU B 646 13.44 51.67 -30.45
N PHE B 647 13.64 50.51 -31.07
CA PHE B 647 14.92 49.83 -31.02
C PHE B 647 14.99 48.92 -32.24
N ASP B 648 16.15 48.31 -32.44
CA ASP B 648 16.28 47.30 -33.48
C ASP B 648 16.97 46.07 -32.91
N LEU B 649 16.78 44.93 -33.56
CA LEU B 649 17.42 43.70 -33.14
C LEU B 649 17.85 42.86 -34.33
N ASP B 650 18.55 41.77 -34.05
CA ASP B 650 19.04 40.93 -35.13
C ASP B 650 18.52 39.49 -35.02
N VAL B 651 17.31 39.26 -35.49
CA VAL B 651 16.72 37.93 -35.45
C VAL B 651 17.58 36.94 -36.23
N VAL B 652 18.29 36.08 -35.52
CA VAL B 652 19.22 35.15 -36.15
C VAL B 652 18.59 33.80 -36.47
N ALA B 653 17.56 33.41 -35.73
CA ALA B 653 17.00 32.07 -35.91
C ALA B 653 15.55 31.93 -35.46
N VAL B 654 14.85 31.04 -36.15
CA VAL B 654 13.51 30.62 -35.77
C VAL B 654 13.61 29.12 -35.48
N VAL B 655 13.31 28.76 -34.25
CA VAL B 655 13.48 27.38 -33.81
C VAL B 655 12.16 26.81 -33.28
N ASN B 656 11.95 25.52 -33.53
CA ASN B 656 10.83 24.81 -32.92
C ASN B 656 11.22 24.36 -31.52
N ASP B 657 10.24 24.26 -30.63
CA ASP B 657 10.54 23.93 -29.23
C ASP B 657 11.16 22.54 -29.07
N THR B 658 10.90 21.63 -30.00
CA THR B 658 11.55 20.32 -29.95
C THR B 658 13.04 20.47 -30.21
N VAL B 659 13.38 21.20 -31.26
CA VAL B 659 14.78 21.45 -31.59
C VAL B 659 15.47 22.21 -30.45
N GLY B 660 14.81 23.23 -29.93
CA GLY B 660 15.37 23.99 -28.82
C GLY B 660 15.61 23.10 -27.61
N THR B 661 14.62 22.28 -27.29
CA THR B 661 14.72 21.39 -26.13
C THR B 661 15.83 20.36 -26.33
N MET B 662 16.01 19.87 -27.55
CA MET B 662 17.06 18.89 -27.80
C MET B 662 18.43 19.50 -27.60
N MET B 663 18.59 20.74 -28.05
CA MET B 663 19.86 21.46 -27.90
C MET B 663 20.10 21.82 -26.45
N THR B 664 19.07 22.28 -25.75
CA THR B 664 19.21 22.63 -24.34
C THR B 664 19.76 21.44 -23.56
N CYS B 665 19.34 20.23 -23.94
CA CYS B 665 19.74 19.03 -23.24
C CYS B 665 21.04 18.42 -23.80
N ALA B 666 21.35 18.72 -25.05
CA ALA B 666 22.57 18.21 -25.68
C ALA B 666 23.78 19.03 -25.26
N TYR B 667 23.52 20.20 -24.70
CA TYR B 667 24.57 21.06 -24.17
C TYR B 667 25.37 20.34 -23.11
N GLU B 668 24.68 19.50 -22.35
CA GLU B 668 25.29 18.73 -21.27
C GLU B 668 25.61 17.32 -21.75
N GLU B 669 24.65 16.71 -22.45
CA GLU B 669 24.78 15.32 -22.87
C GLU B 669 25.04 15.18 -24.37
N PRO B 670 26.23 14.71 -24.74
CA PRO B 670 26.66 14.56 -26.13
C PRO B 670 25.97 13.43 -26.89
N THR B 671 25.13 12.66 -26.23
CA THR B 671 24.37 11.61 -26.92
C THR B 671 22.91 12.01 -27.08
N CYS B 672 22.60 13.24 -26.68
CA CYS B 672 21.25 13.76 -26.81
C CYS B 672 21.00 14.17 -28.25
N GLU B 673 20.50 13.24 -29.05
CA GLU B 673 20.27 13.50 -30.47
C GLU B 673 18.77 13.48 -30.81
N VAL B 674 17.93 13.60 -29.79
CA VAL B 674 16.49 13.58 -29.98
C VAL B 674 15.79 14.55 -29.05
N GLY B 675 14.70 15.15 -29.54
CA GLY B 675 13.90 16.06 -28.73
C GLY B 675 12.44 15.63 -28.69
N LEU B 676 11.78 15.89 -27.57
CA LEU B 676 10.40 15.49 -27.39
C LEU B 676 9.63 16.49 -26.55
N ILE B 677 8.43 16.84 -27.00
CA ILE B 677 7.56 17.69 -26.22
C ILE B 677 6.21 17.01 -25.99
N VAL B 678 5.84 16.88 -24.73
CA VAL B 678 4.51 16.43 -24.38
C VAL B 678 3.93 17.44 -23.40
N GLY B 679 3.39 18.52 -23.95
CA GLY B 679 2.77 19.58 -23.17
C GLY B 679 1.43 19.94 -23.77
N THR B 680 1.18 21.22 -23.99
CA THR B 680 -0.04 21.64 -24.65
C THR B 680 -0.20 20.85 -25.95
N GLY B 681 0.89 20.73 -26.69
CA GLY B 681 0.91 19.90 -27.89
C GLY B 681 1.99 18.85 -27.74
N SER B 682 2.07 17.92 -28.69
CA SER B 682 3.13 16.92 -28.67
C SER B 682 3.86 16.92 -30.02
N ASN B 683 5.18 16.80 -29.99
CA ASN B 683 6.00 16.79 -31.19
C ASN B 683 7.40 16.28 -30.88
N ALA B 684 8.17 15.96 -31.91
CA ALA B 684 9.53 15.45 -31.71
C ALA B 684 10.48 15.82 -32.84
N CYS B 685 11.77 15.87 -32.52
CA CYS B 685 12.81 16.13 -33.52
C CYS B 685 13.98 15.18 -33.28
N TYR B 686 14.83 15.01 -34.29
CA TYR B 686 16.01 14.17 -34.13
C TYR B 686 17.09 14.50 -35.17
N MET B 687 18.32 14.12 -34.87
CA MET B 687 19.44 14.35 -35.77
C MET B 687 19.43 13.36 -36.94
N GLU B 688 19.02 13.83 -38.11
CA GLU B 688 18.97 12.97 -39.28
C GLU B 688 20.19 13.18 -40.17
N GLU B 689 20.47 12.21 -41.02
CA GLU B 689 21.60 12.27 -41.93
C GLU B 689 21.21 12.92 -43.26
N MET B 690 21.97 13.92 -43.66
CA MET B 690 21.66 14.72 -44.86
C MET B 690 21.32 13.90 -46.11
N LYS B 691 21.87 12.68 -46.21
CA LYS B 691 21.59 11.85 -47.37
C LYS B 691 20.09 11.56 -47.44
N ASN B 692 19.51 11.23 -46.29
CA ASN B 692 18.09 10.91 -46.18
C ASN B 692 17.19 12.14 -46.20
N VAL B 693 17.78 13.32 -46.03
CA VAL B 693 17.03 14.57 -46.07
C VAL B 693 16.89 15.06 -47.51
N GLU B 694 16.25 14.26 -48.36
CA GLU B 694 16.13 14.56 -49.79
C GLU B 694 15.67 15.98 -50.09
N MET B 695 15.04 16.64 -49.12
CA MET B 695 14.45 17.97 -49.37
C MET B 695 15.47 19.11 -49.27
N VAL B 696 16.68 18.80 -48.83
CA VAL B 696 17.73 19.80 -48.81
C VAL B 696 18.98 19.30 -49.53
N GLU B 697 19.43 20.07 -50.51
CA GLU B 697 20.60 19.69 -51.31
C GLU B 697 21.78 19.25 -50.46
N GLY B 698 22.37 18.10 -50.82
CA GLY B 698 23.56 17.61 -50.14
C GLY B 698 23.33 16.33 -49.37
N ASP B 699 24.42 15.61 -49.11
CA ASP B 699 24.35 14.39 -48.31
C ASP B 699 25.52 14.34 -47.34
N GLN B 700 26.05 15.52 -47.03
CA GLN B 700 27.17 15.62 -46.09
C GLN B 700 26.69 16.11 -44.75
N GLY B 701 27.13 15.44 -43.68
CA GLY B 701 26.79 15.84 -42.33
C GLY B 701 25.36 15.51 -41.96
N GLN B 702 24.86 16.16 -40.92
CA GLN B 702 23.52 15.88 -40.41
C GLN B 702 22.69 17.14 -40.27
N MET B 703 21.41 16.95 -39.98
CA MET B 703 20.51 18.06 -39.71
C MET B 703 19.38 17.66 -38.77
N CYS B 704 18.99 18.60 -37.91
CA CYS B 704 17.87 18.34 -37.02
C CYS B 704 16.56 18.46 -37.78
N ILE B 705 15.74 17.43 -37.65
CA ILE B 705 14.46 17.39 -38.32
C ILE B 705 13.32 17.56 -37.33
N ASN B 706 12.58 18.65 -37.48
CA ASN B 706 11.33 18.84 -36.75
C ASN B 706 10.26 17.99 -37.42
N MET B 707 9.88 16.88 -36.80
CA MET B 707 8.97 15.94 -37.44
C MET B 707 7.57 16.50 -37.62
N GLU B 708 7.15 17.36 -36.69
CA GLU B 708 5.75 17.77 -36.63
C GLU B 708 4.89 16.51 -36.69
N TRP B 709 5.14 15.60 -35.76
CA TRP B 709 4.47 14.30 -35.80
C TRP B 709 3.01 14.32 -35.31
N GLY B 710 2.56 15.47 -34.85
CA GLY B 710 1.19 15.60 -34.40
C GLY B 710 0.21 15.26 -35.53
N ALA B 711 0.60 15.63 -36.74
CA ALA B 711 -0.25 15.44 -37.90
C ALA B 711 -0.28 13.98 -38.35
N PHE B 712 0.50 13.14 -37.68
CA PHE B 712 0.44 11.71 -37.93
C PHE B 712 -1.03 11.32 -37.77
N GLY B 713 -1.53 10.51 -38.70
CA GLY B 713 -2.92 10.09 -38.65
C GLY B 713 -3.86 10.97 -39.46
N ASP B 714 -3.38 12.13 -39.88
CA ASP B 714 -4.20 13.07 -40.65
C ASP B 714 -4.60 12.52 -42.02
N ASN B 715 -3.94 11.45 -42.44
CA ASN B 715 -4.24 10.81 -43.71
C ASN B 715 -5.07 9.55 -43.49
N GLY B 716 -5.58 9.38 -42.28
CA GLY B 716 -6.43 8.25 -41.94
C GLY B 716 -5.71 7.02 -41.41
N CYS B 717 -4.38 7.06 -41.37
CA CYS B 717 -3.60 5.87 -40.99
C CYS B 717 -3.73 5.44 -39.53
N LEU B 718 -4.66 6.05 -38.80
CA LEU B 718 -4.91 5.67 -37.42
C LEU B 718 -6.41 5.50 -37.18
N ASP B 719 -7.19 5.67 -38.25
CA ASP B 719 -8.64 5.52 -38.17
C ASP B 719 -8.93 4.19 -37.51
N ASP B 720 -7.92 3.32 -37.60
CA ASP B 720 -7.97 1.96 -37.09
C ASP B 720 -8.13 1.92 -35.57
N ILE B 721 -7.52 2.88 -34.88
CA ILE B 721 -7.52 2.88 -33.42
C ILE B 721 -8.22 4.11 -32.83
N ARG B 722 -8.43 5.14 -33.64
CA ARG B 722 -9.15 6.31 -33.17
C ARG B 722 -10.57 5.91 -32.83
N THR B 723 -11.13 6.51 -31.78
CA THR B 723 -12.45 6.12 -31.29
C THR B 723 -13.49 7.20 -31.51
N HIS B 724 -14.74 6.85 -31.23
CA HIS B 724 -15.85 7.78 -31.34
C HIS B 724 -15.55 9.07 -30.59
N TYR B 725 -14.92 8.93 -29.44
CA TYR B 725 -14.58 10.07 -28.60
C TYR B 725 -13.46 10.91 -29.19
N ASP B 726 -12.49 10.24 -29.83
CA ASP B 726 -11.42 10.98 -30.50
C ASP B 726 -12.02 11.81 -31.63
N ARG B 727 -12.95 11.22 -32.37
CA ARG B 727 -13.58 11.93 -33.49
C ARG B 727 -14.35 13.16 -33.00
N LEU B 728 -15.06 13.03 -31.90
CA LEU B 728 -15.78 14.17 -31.35
C LEU B 728 -14.82 15.28 -30.96
N VAL B 729 -13.76 14.93 -30.27
CA VAL B 729 -12.78 15.95 -29.85
C VAL B 729 -12.17 16.64 -31.06
N ASP B 730 -11.90 15.86 -32.10
CA ASP B 730 -11.31 16.40 -33.32
C ASP B 730 -12.34 17.28 -34.02
N GLU B 731 -13.54 16.76 -34.17
CA GLU B 731 -14.59 17.47 -34.90
C GLU B 731 -14.96 18.82 -34.28
N TYR B 732 -14.75 18.96 -32.97
CA TYR B 732 -15.11 20.21 -32.31
C TYR B 732 -13.92 21.15 -32.08
N SER B 733 -12.75 20.78 -32.59
CA SER B 733 -11.54 21.56 -32.39
C SER B 733 -11.42 22.71 -33.38
N LEU B 734 -10.48 23.61 -33.13
CA LEU B 734 -10.18 24.72 -34.03
C LEU B 734 -9.58 24.25 -35.35
N ASN B 735 -8.98 23.08 -35.35
CA ASN B 735 -8.33 22.54 -36.54
C ASN B 735 -8.82 21.13 -36.86
N ALA B 736 -10.12 21.03 -37.13
CA ALA B 736 -10.76 19.73 -37.37
C ALA B 736 -10.06 18.95 -38.47
N GLY B 737 -9.69 17.71 -38.19
CA GLY B 737 -9.05 16.84 -39.17
C GLY B 737 -7.55 16.85 -39.12
N LYS B 738 -6.99 17.82 -38.39
CA LYS B 738 -5.54 17.97 -38.32
C LYS B 738 -5.01 17.60 -36.95
N GLN B 739 -3.71 17.29 -36.88
CA GLN B 739 -3.04 16.91 -35.63
C GLN B 739 -3.77 15.78 -34.89
N ARG B 740 -4.16 14.74 -35.64
CA ARG B 740 -4.90 13.61 -35.07
C ARG B 740 -4.13 12.92 -33.95
N TYR B 741 -2.89 12.56 -34.24
CA TYR B 741 -2.02 11.85 -33.32
C TYR B 741 -1.86 12.66 -32.05
N GLU B 742 -1.57 13.94 -32.21
CA GLU B 742 -1.37 14.82 -31.07
C GLU B 742 -2.61 14.89 -30.19
N LYS B 743 -3.79 14.78 -30.80
CA LYS B 743 -5.03 14.94 -30.07
C LYS B 743 -5.33 13.72 -29.20
N MET B 744 -4.52 12.68 -29.36
CA MET B 744 -4.65 11.49 -28.53
C MET B 744 -3.54 11.47 -27.50
N ILE B 745 -2.78 12.55 -27.41
CA ILE B 745 -1.60 12.56 -26.55
C ILE B 745 -1.47 13.76 -25.60
N SER B 746 -1.64 14.97 -26.11
CA SER B 746 -1.23 16.16 -25.35
C SER B 746 -2.27 16.74 -24.40
N GLY B 747 -1.80 17.61 -23.51
CA GLY B 747 -2.61 18.15 -22.42
C GLY B 747 -3.78 19.00 -22.82
N MET B 748 -3.76 19.55 -24.02
CA MET B 748 -4.85 20.39 -24.47
C MET B 748 -6.05 19.51 -24.85
N TYR B 749 -5.80 18.23 -25.12
CA TYR B 749 -6.83 17.36 -25.66
C TYR B 749 -7.29 16.22 -24.75
N LEU B 750 -6.37 15.60 -24.01
CA LEU B 750 -6.73 14.42 -23.23
C LEU B 750 -7.95 14.68 -22.35
N GLY B 751 -7.98 15.83 -21.71
CA GLY B 751 -9.10 16.19 -20.84
C GLY B 751 -10.40 16.16 -21.60
N GLU B 752 -10.35 16.52 -22.87
CA GLU B 752 -11.54 16.57 -23.70
C GLU B 752 -12.01 15.17 -24.10
N ILE B 753 -11.07 14.25 -24.25
CA ILE B 753 -11.43 12.88 -24.53
C ILE B 753 -12.21 12.36 -23.33
N VAL B 754 -11.68 12.59 -22.14
CA VAL B 754 -12.31 12.17 -20.91
C VAL B 754 -13.71 12.77 -20.75
N ARG B 755 -13.81 14.08 -20.96
CA ARG B 755 -15.07 14.76 -20.80
C ARG B 755 -16.13 14.13 -21.70
N ASN B 756 -15.73 13.80 -22.93
CA ASN B 756 -16.69 13.24 -23.88
C ASN B 756 -17.09 11.81 -23.51
N ILE B 757 -16.17 11.06 -22.93
CA ILE B 757 -16.51 9.73 -22.46
C ILE B 757 -17.50 9.86 -21.31
N LEU B 758 -17.24 10.82 -20.42
CA LEU B 758 -18.06 11.02 -19.24
C LEU B 758 -19.48 11.42 -19.62
N ILE B 759 -19.61 12.30 -20.59
CA ILE B 759 -20.92 12.71 -21.06
C ILE B 759 -21.69 11.50 -21.58
N ASP B 760 -21.04 10.68 -22.41
CA ASP B 760 -21.65 9.48 -22.93
C ASP B 760 -22.13 8.59 -21.79
N PHE B 761 -21.22 8.28 -20.86
CA PHE B 761 -21.56 7.42 -19.72
C PHE B 761 -22.72 7.99 -18.91
N THR B 762 -22.83 9.32 -18.88
CA THR B 762 -23.86 9.97 -18.09
C THR B 762 -25.24 9.81 -18.73
N LYS B 763 -25.29 9.88 -20.06
CA LYS B 763 -26.54 9.67 -20.77
C LYS B 763 -26.99 8.23 -20.61
N LYS B 764 -26.05 7.29 -20.70
CA LYS B 764 -26.36 5.87 -20.53
C LYS B 764 -26.85 5.64 -19.10
N GLY B 765 -26.59 6.61 -18.23
CA GLY B 765 -27.04 6.54 -16.84
C GLY B 765 -26.07 5.87 -15.88
N PHE B 766 -24.80 5.79 -16.26
CA PHE B 766 -23.79 5.16 -15.40
C PHE B 766 -23.17 6.14 -14.40
N LEU B 767 -23.28 7.44 -14.70
CA LEU B 767 -22.63 8.49 -13.90
C LEU B 767 -23.56 9.63 -13.54
N PHE B 768 -23.24 10.30 -12.43
CA PHE B 768 -23.96 11.50 -12.01
C PHE B 768 -25.47 11.41 -12.16
N ARG B 769 -26.06 10.31 -11.71
CA ARG B 769 -27.52 10.14 -11.78
C ARG B 769 -28.10 10.49 -13.14
N GLY B 770 -27.29 10.41 -14.19
CA GLY B 770 -27.75 10.71 -15.54
C GLY B 770 -27.94 12.20 -15.78
N GLN B 771 -27.45 13.01 -14.85
CA GLN B 771 -27.57 14.46 -14.96
C GLN B 771 -26.34 15.08 -15.61
N ILE B 772 -26.50 15.53 -16.85
CA ILE B 772 -25.41 16.19 -17.55
C ILE B 772 -25.34 17.65 -17.15
N SER B 773 -24.60 17.94 -16.09
CA SER B 773 -24.53 19.29 -15.54
C SER B 773 -23.97 20.28 -16.55
N GLU B 774 -24.09 21.57 -16.21
CA GLU B 774 -23.56 22.63 -17.04
C GLU B 774 -22.03 22.62 -17.00
N THR B 775 -21.49 22.21 -15.86
CA THR B 775 -20.05 22.07 -15.72
C THR B 775 -19.52 21.05 -16.72
N LEU B 776 -20.19 19.91 -16.81
CA LEU B 776 -19.77 18.84 -17.71
C LEU B 776 -19.79 19.27 -19.17
N LYS B 777 -20.66 20.24 -19.49
CA LYS B 777 -20.76 20.76 -20.85
C LYS B 777 -19.64 21.74 -21.18
N THR B 778 -18.91 22.17 -20.15
CA THR B 778 -17.85 23.16 -20.34
C THR B 778 -16.56 22.50 -20.78
N ARG B 779 -16.04 22.91 -21.93
CA ARG B 779 -14.77 22.36 -22.39
C ARG B 779 -13.59 22.99 -21.64
N GLY B 780 -12.57 22.18 -21.37
CA GLY B 780 -11.40 22.64 -20.64
C GLY B 780 -11.39 22.15 -19.21
N ILE B 781 -12.58 21.84 -18.71
CA ILE B 781 -12.78 21.35 -17.35
C ILE B 781 -11.68 20.44 -16.81
N PHE B 782 -11.22 19.50 -17.63
CA PHE B 782 -10.21 18.55 -17.19
C PHE B 782 -8.81 18.92 -17.68
N GLU B 783 -8.29 20.03 -17.16
CA GLU B 783 -6.94 20.45 -17.52
C GLU B 783 -5.90 19.42 -17.11
N THR B 784 -4.69 19.60 -17.63
CA THR B 784 -3.55 18.78 -17.29
C THR B 784 -3.35 18.68 -15.78
N LYS B 785 -3.39 19.85 -15.14
CA LYS B 785 -3.21 19.95 -13.70
C LYS B 785 -4.17 19.03 -12.95
N PHE B 786 -5.46 19.17 -13.25
CA PHE B 786 -6.48 18.37 -12.59
C PHE B 786 -6.30 16.89 -12.92
N LEU B 787 -6.04 16.61 -14.20
CA LEU B 787 -5.90 15.25 -14.68
C LEU B 787 -4.76 14.53 -13.96
N SER B 788 -3.76 15.28 -13.53
CA SER B 788 -2.61 14.70 -12.85
C SER B 788 -2.88 14.43 -11.38
N GLN B 789 -3.70 15.27 -10.76
CA GLN B 789 -4.09 15.05 -9.36
C GLN B 789 -4.93 13.80 -9.22
N ILE B 790 -5.96 13.69 -10.04
CA ILE B 790 -6.88 12.55 -10.01
C ILE B 790 -6.20 11.20 -10.03
N GLU B 791 -5.10 11.08 -10.77
CA GLU B 791 -4.43 9.79 -10.95
C GLU B 791 -3.29 9.59 -9.96
N SER B 792 -3.00 10.61 -9.17
CA SER B 792 -1.93 10.55 -8.19
C SER B 792 -2.00 9.25 -7.39
N ASP B 793 -0.89 8.54 -7.33
CA ASP B 793 -0.85 7.24 -6.65
C ASP B 793 -1.32 7.27 -5.20
N ARG B 794 -1.99 6.19 -4.81
CA ARG B 794 -2.48 6.01 -3.44
C ARG B 794 -3.25 7.22 -2.90
N LEU B 795 -3.95 7.92 -3.77
CA LEU B 795 -4.79 9.02 -3.34
C LEU B 795 -6.13 8.46 -2.85
N ALA B 796 -6.70 9.08 -1.83
CA ALA B 796 -7.94 8.59 -1.26
C ALA B 796 -9.16 9.00 -2.09
N LEU B 797 -10.13 8.10 -2.14
CA LEU B 797 -11.37 8.36 -2.88
C LEU B 797 -12.01 9.69 -2.50
N LEU B 798 -12.10 9.97 -1.21
CA LEU B 798 -12.71 11.22 -0.80
C LEU B 798 -11.94 12.37 -1.42
N GLN B 799 -10.62 12.20 -1.51
CA GLN B 799 -9.76 13.19 -2.15
C GLN B 799 -10.15 13.37 -3.61
N VAL B 800 -10.37 12.26 -4.31
CA VAL B 800 -10.81 12.30 -5.70
C VAL B 800 -12.20 12.94 -5.79
N ARG B 801 -13.10 12.53 -4.91
CA ARG B 801 -14.45 13.09 -4.87
C ARG B 801 -14.41 14.57 -4.54
N ALA B 802 -13.52 14.94 -3.62
CA ALA B 802 -13.37 16.34 -3.24
C ALA B 802 -13.01 17.21 -4.44
N ILE B 803 -11.98 16.81 -5.18
CA ILE B 803 -11.55 17.56 -6.35
C ILE B 803 -12.64 17.72 -7.40
N LEU B 804 -13.41 16.66 -7.63
CA LEU B 804 -14.49 16.72 -8.60
C LEU B 804 -15.60 17.64 -8.13
N GLN B 805 -15.92 17.55 -6.85
CA GLN B 805 -16.91 18.43 -6.26
C GLN B 805 -16.43 19.87 -6.47
N GLN B 806 -15.14 20.07 -6.26
CA GLN B 806 -14.48 21.35 -6.47
C GLN B 806 -14.63 21.89 -7.90
N LEU B 807 -14.95 21.01 -8.84
CA LEU B 807 -15.08 21.40 -10.24
C LEU B 807 -16.50 21.86 -10.56
N GLY B 808 -17.46 21.38 -9.78
CA GLY B 808 -18.86 21.64 -10.03
C GLY B 808 -19.59 20.34 -10.29
N LEU B 809 -18.82 19.26 -10.33
CA LEU B 809 -19.38 17.93 -10.55
C LEU B 809 -19.77 17.27 -9.24
N ASN B 810 -21.04 17.39 -8.87
CA ASN B 810 -21.54 16.71 -7.68
C ASN B 810 -21.51 15.21 -7.93
N SER B 811 -20.56 14.52 -7.31
CA SER B 811 -20.37 13.10 -7.57
C SER B 811 -20.14 12.27 -6.31
N THR B 812 -20.56 11.01 -6.41
CA THR B 812 -20.43 10.06 -5.32
C THR B 812 -19.07 9.38 -5.35
N CYS B 813 -18.89 8.39 -4.49
CA CYS B 813 -17.64 7.64 -4.47
C CYS B 813 -17.54 6.71 -5.66
N ASP B 814 -18.64 6.07 -6.03
CA ASP B 814 -18.66 5.23 -7.22
C ASP B 814 -18.37 6.08 -8.44
N ASP B 815 -19.01 7.24 -8.51
CA ASP B 815 -18.75 8.18 -9.59
C ASP B 815 -17.26 8.49 -9.66
N SER B 816 -16.64 8.69 -8.49
CA SER B 816 -15.21 9.03 -8.45
C SER B 816 -14.38 7.88 -9.00
N ILE B 817 -14.71 6.67 -8.59
CA ILE B 817 -14.03 5.48 -9.07
C ILE B 817 -14.01 5.45 -10.60
N LEU B 818 -15.18 5.64 -11.20
CA LEU B 818 -15.31 5.55 -12.64
C LEU B 818 -14.51 6.65 -13.35
N VAL B 819 -14.59 7.86 -12.84
CA VAL B 819 -13.86 8.99 -13.43
C VAL B 819 -12.34 8.78 -13.37
N LYS B 820 -11.87 8.18 -12.29
CA LYS B 820 -10.45 7.89 -12.15
C LYS B 820 -10.03 6.82 -13.15
N THR B 821 -10.84 5.78 -13.26
CA THR B 821 -10.59 4.73 -14.24
C THR B 821 -10.51 5.33 -15.64
N VAL B 822 -11.53 6.10 -16.01
CA VAL B 822 -11.55 6.74 -17.32
C VAL B 822 -10.25 7.52 -17.57
N CYS B 823 -9.97 8.50 -16.71
CA CYS B 823 -8.75 9.30 -16.84
C CYS B 823 -7.52 8.43 -17.06
N GLY B 824 -7.44 7.33 -16.31
CA GLY B 824 -6.30 6.44 -16.40
C GLY B 824 -6.20 5.73 -17.73
N VAL B 825 -7.35 5.34 -18.29
CA VAL B 825 -7.33 4.67 -19.58
C VAL B 825 -6.83 5.62 -20.67
N VAL B 826 -7.27 6.86 -20.60
CA VAL B 826 -6.89 7.85 -21.60
C VAL B 826 -5.42 8.24 -21.50
N SER B 827 -4.95 8.49 -20.29
CA SER B 827 -3.56 8.88 -20.08
C SER B 827 -2.62 7.74 -20.43
N ARG B 828 -3.00 6.52 -20.05
CA ARG B 828 -2.22 5.34 -20.40
C ARG B 828 -2.07 5.16 -21.92
N ARG B 829 -3.18 5.26 -22.65
CA ARG B 829 -3.11 5.10 -24.10
C ARG B 829 -2.18 6.16 -24.68
N ALA B 830 -2.35 7.40 -24.20
CA ALA B 830 -1.53 8.51 -24.66
C ALA B 830 -0.04 8.20 -24.49
N ALA B 831 0.33 7.70 -23.32
CA ALA B 831 1.72 7.39 -23.03
C ALA B 831 2.25 6.30 -23.96
N GLN B 832 1.41 5.30 -24.23
CA GLN B 832 1.81 4.21 -25.10
C GLN B 832 1.95 4.67 -26.54
N LEU B 833 0.96 5.44 -27.00
CA LEU B 833 0.99 5.96 -28.35
C LEU B 833 2.25 6.80 -28.53
N CYS B 834 2.53 7.65 -27.55
CA CYS B 834 3.73 8.46 -27.59
C CYS B 834 4.95 7.55 -27.62
N GLY B 835 4.92 6.51 -26.79
CA GLY B 835 6.02 5.56 -26.73
C GLY B 835 6.31 4.92 -28.06
N ALA B 836 5.26 4.55 -28.80
CA ALA B 836 5.43 3.90 -30.09
C ALA B 836 6.05 4.86 -31.10
N GLY B 837 5.69 6.13 -31.00
CA GLY B 837 6.27 7.15 -31.86
C GLY B 837 7.77 7.23 -31.66
N MET B 838 8.19 7.38 -30.41
CA MET B 838 9.60 7.44 -30.09
C MET B 838 10.33 6.15 -30.49
N ALA B 839 9.72 5.01 -30.23
CA ALA B 839 10.31 3.72 -30.61
C ALA B 839 10.62 3.70 -32.10
N ALA B 840 9.75 4.30 -32.90
CA ALA B 840 9.98 4.40 -34.32
C ALA B 840 11.21 5.27 -34.59
N VAL B 841 11.27 6.42 -33.91
CA VAL B 841 12.32 7.39 -34.15
C VAL B 841 13.71 6.88 -33.78
N VAL B 842 13.84 6.33 -32.58
CA VAL B 842 15.13 5.83 -32.13
C VAL B 842 15.60 4.66 -32.99
N ASP B 843 14.67 3.79 -33.38
CA ASP B 843 15.04 2.61 -34.14
C ASP B 843 15.45 2.97 -35.57
N LYS B 844 14.92 4.08 -36.09
CA LYS B 844 15.35 4.52 -37.41
C LYS B 844 16.80 4.96 -37.36
N ILE B 845 17.15 5.70 -36.31
CA ILE B 845 18.53 6.14 -36.16
C ILE B 845 19.45 4.94 -36.03
N ARG B 846 19.07 3.99 -35.19
CA ARG B 846 19.84 2.77 -35.02
C ARG B 846 20.17 2.19 -36.39
N GLU B 847 19.14 1.83 -37.14
CA GLU B 847 19.30 1.23 -38.45
C GLU B 847 20.13 2.10 -39.40
N ASN B 848 19.82 3.40 -39.44
CA ASN B 848 20.58 4.33 -40.27
C ASN B 848 22.08 4.16 -40.06
N ARG B 849 22.47 4.07 -38.81
CA ARG B 849 23.88 3.95 -38.45
C ARG B 849 24.30 2.49 -38.41
N GLY B 850 23.50 1.63 -39.04
CA GLY B 850 23.78 0.21 -39.11
C GLY B 850 24.29 -0.41 -37.82
N LEU B 851 23.69 -0.01 -36.70
CA LEU B 851 24.09 -0.55 -35.39
C LEU B 851 23.17 -1.70 -34.98
N ASP B 852 23.66 -2.58 -34.11
CA ASP B 852 22.83 -3.66 -33.57
C ASP B 852 22.19 -3.21 -32.26
N ARG B 853 22.80 -2.20 -31.65
CA ARG B 853 22.26 -1.60 -30.45
C ARG B 853 22.63 -0.13 -30.42
N LEU B 854 21.71 0.70 -29.94
CA LEU B 854 21.93 2.14 -29.91
C LEU B 854 21.65 2.72 -28.54
N ASN B 855 22.58 3.54 -28.08
CA ASN B 855 22.41 4.25 -26.82
C ASN B 855 22.31 5.75 -27.10
N VAL B 856 21.11 6.30 -26.92
CA VAL B 856 20.87 7.71 -27.17
C VAL B 856 19.96 8.28 -26.08
N THR B 857 20.06 9.59 -25.85
CA THR B 857 19.23 10.22 -24.85
C THR B 857 18.29 11.26 -25.49
N VAL B 858 17.11 11.41 -24.89
CA VAL B 858 16.10 12.34 -25.40
C VAL B 858 15.85 13.47 -24.43
N GLY B 859 15.94 14.71 -24.91
CA GLY B 859 15.57 15.87 -24.10
C GLY B 859 14.06 16.00 -24.08
N VAL B 860 13.48 16.18 -22.89
CA VAL B 860 12.02 16.19 -22.75
C VAL B 860 11.53 17.45 -22.08
N ASP B 861 10.36 17.92 -22.50
CA ASP B 861 9.74 19.09 -21.88
C ASP B 861 8.22 19.05 -22.09
N GLY B 862 7.49 19.83 -21.31
CA GLY B 862 6.04 19.89 -21.43
C GLY B 862 5.33 19.64 -20.12
N THR B 863 4.31 20.44 -19.83
CA THR B 863 3.59 20.34 -18.57
C THR B 863 3.00 18.96 -18.32
N LEU B 864 2.30 18.41 -19.31
CA LEU B 864 1.73 17.07 -19.13
C LEU B 864 2.80 16.07 -18.73
N TYR B 865 3.97 16.17 -19.36
CA TYR B 865 5.07 15.25 -19.09
C TYR B 865 5.63 15.45 -17.69
N LYS B 866 5.71 16.70 -17.27
CA LYS B 866 6.25 17.04 -15.96
C LYS B 866 5.27 16.70 -14.84
N LEU B 867 4.01 17.02 -15.03
CA LEU B 867 3.03 16.93 -13.94
C LEU B 867 2.34 15.57 -13.78
N HIS B 868 2.23 14.81 -14.86
CA HIS B 868 1.49 13.56 -14.78
C HIS B 868 2.22 12.46 -14.02
N PRO B 869 1.51 11.80 -13.08
CA PRO B 869 2.10 10.76 -12.23
C PRO B 869 2.42 9.44 -12.93
N HIS B 870 1.97 9.23 -14.16
CA HIS B 870 2.23 7.95 -14.84
C HIS B 870 2.74 8.04 -16.28
N PHE B 871 2.43 9.14 -16.96
CA PHE B 871 2.76 9.26 -18.38
C PHE B 871 4.19 8.85 -18.70
N SER B 872 5.15 9.56 -18.12
CA SER B 872 6.56 9.33 -18.42
C SER B 872 6.97 7.89 -18.15
N ARG B 873 6.58 7.37 -16.99
CA ARG B 873 6.94 6.01 -16.63
C ARG B 873 6.45 5.02 -17.68
N ILE B 874 5.19 5.16 -18.06
CA ILE B 874 4.59 4.25 -19.03
C ILE B 874 5.20 4.45 -20.41
N MET B 875 5.39 5.70 -20.79
CA MET B 875 6.01 6.01 -22.06
C MET B 875 7.38 5.35 -22.18
N HIS B 876 8.27 5.64 -21.22
CA HIS B 876 9.62 5.06 -21.21
C HIS B 876 9.56 3.55 -21.40
N GLN B 877 8.69 2.94 -20.61
CA GLN B 877 8.49 1.50 -20.59
C GLN B 877 8.10 0.95 -21.96
N THR B 878 7.31 1.73 -22.69
CA THR B 878 6.84 1.33 -24.02
C THR B 878 7.97 1.39 -25.03
N VAL B 879 8.76 2.46 -24.97
CA VAL B 879 9.92 2.61 -25.84
C VAL B 879 10.84 1.41 -25.65
N LYS B 880 11.16 1.13 -24.38
CA LYS B 880 11.99 0.00 -24.01
C LYS B 880 11.47 -1.32 -24.59
N GLU B 881 10.16 -1.48 -24.60
CA GLU B 881 9.54 -2.73 -25.07
C GLU B 881 9.42 -2.86 -26.60
N LEU B 882 9.13 -1.75 -27.27
CA LEU B 882 8.94 -1.79 -28.73
C LEU B 882 10.28 -1.73 -29.48
N SER B 883 11.24 -1.02 -28.90
CA SER B 883 12.57 -0.94 -29.48
C SER B 883 13.63 -1.49 -28.52
N PRO B 884 13.63 -2.82 -28.35
CA PRO B 884 14.53 -3.52 -27.42
C PRO B 884 16.00 -3.36 -27.80
N LYS B 885 16.28 -3.19 -29.10
CA LYS B 885 17.66 -3.00 -29.54
C LYS B 885 18.13 -1.57 -29.30
N CYS B 886 17.33 -0.81 -28.55
CA CYS B 886 17.68 0.56 -28.19
C CYS B 886 17.66 0.76 -26.69
N ASN B 887 18.64 1.48 -26.17
CA ASN B 887 18.63 1.92 -24.78
C ASN B 887 18.47 3.44 -24.78
N VAL B 888 17.31 3.91 -24.35
CA VAL B 888 17.00 5.33 -24.44
C VAL B 888 16.95 5.97 -23.07
N SER B 889 17.59 7.12 -22.94
CA SER B 889 17.56 7.88 -21.70
C SER B 889 16.76 9.15 -21.89
N PHE B 890 16.00 9.53 -20.87
CA PHE B 890 15.18 10.74 -20.94
C PHE B 890 15.64 11.78 -19.94
N LEU B 891 16.24 12.85 -20.45
CA LEU B 891 16.69 13.95 -19.61
C LEU B 891 15.65 15.06 -19.65
N LEU B 892 15.09 15.37 -18.49
CA LEU B 892 14.07 16.41 -18.38
C LEU B 892 14.70 17.80 -18.41
N SER B 893 14.22 18.66 -19.30
CA SER B 893 14.69 20.04 -19.37
C SER B 893 14.05 20.88 -18.27
N GLU B 894 14.86 21.35 -17.34
CA GLU B 894 14.32 22.09 -16.19
C GLU B 894 14.25 23.61 -16.40
N ASP B 895 14.88 24.12 -17.45
CA ASP B 895 14.89 25.56 -17.68
C ASP B 895 14.41 25.99 -19.08
N GLY B 896 13.45 25.26 -19.63
CA GLY B 896 12.82 25.65 -20.90
C GLY B 896 13.70 25.50 -22.12
N SER B 897 13.18 25.93 -23.26
CA SER B 897 13.89 25.81 -24.54
C SER B 897 14.92 26.91 -24.72
N GLY B 898 14.77 27.97 -23.94
CA GLY B 898 15.66 29.14 -24.03
C GLY B 898 17.12 28.80 -24.25
N LYS B 899 17.72 28.05 -23.33
CA LYS B 899 19.12 27.70 -23.46
C LYS B 899 19.43 27.21 -24.86
N GLY B 900 18.83 26.09 -25.24
CA GLY B 900 19.06 25.50 -26.56
C GLY B 900 18.85 26.45 -27.71
N ALA B 901 17.92 27.39 -27.54
CA ALA B 901 17.64 28.37 -28.58
C ALA B 901 18.83 29.31 -28.74
N ALA B 902 19.36 29.77 -27.61
CA ALA B 902 20.53 30.64 -27.61
C ALA B 902 21.74 29.91 -28.19
N LEU B 903 21.84 28.62 -27.88
CA LEU B 903 22.92 27.79 -28.40
C LEU B 903 22.86 27.73 -29.92
N ILE B 904 21.65 27.75 -30.46
CA ILE B 904 21.45 27.73 -31.89
C ILE B 904 21.74 29.10 -32.49
N THR B 905 21.33 30.14 -31.79
CA THR B 905 21.66 31.50 -32.19
C THR B 905 23.16 31.63 -32.36
N ALA B 906 23.90 31.24 -31.32
CA ALA B 906 25.34 31.29 -31.32
C ALA B 906 25.89 30.78 -32.65
N VAL B 907 25.68 29.49 -32.91
CA VAL B 907 26.15 28.86 -34.12
C VAL B 907 25.61 29.55 -35.37
N GLY B 908 24.60 30.40 -35.19
CA GLY B 908 24.03 31.16 -36.29
C GLY B 908 24.87 32.36 -36.66
N VAL B 909 25.03 33.27 -35.71
CA VAL B 909 25.86 34.45 -35.91
C VAL B 909 27.26 34.03 -36.35
N ARG B 910 27.72 32.90 -35.83
CA ARG B 910 29.06 32.41 -36.12
C ARG B 910 29.18 31.99 -37.57
N LEU B 911 28.41 30.97 -37.97
CA LEU B 911 28.44 30.47 -39.34
C LEU B 911 28.23 31.60 -40.34
N ARG B 912 27.59 32.68 -39.89
CA ARG B 912 27.32 33.83 -40.74
C ARG B 912 28.60 34.57 -41.10
N THR B 913 29.30 35.07 -40.08
CA THR B 913 30.56 35.77 -40.28
C THR B 913 31.63 34.80 -40.77
N GLU B 914 31.55 33.57 -40.31
CA GLU B 914 32.51 32.53 -40.72
C GLU B 914 32.08 31.88 -42.03
#